data_7TTR
#
_entry.id   7TTR
#
_cell.length_a   1.00
_cell.length_b   1.00
_cell.length_c   1.00
_cell.angle_alpha   90.00
_cell.angle_beta   90.00
_cell.angle_gamma   90.00
#
_symmetry.space_group_name_H-M   'P 1'
#
loop_
_entity.id
_entity.type
_entity.pdbx_description
1 polymer 'Caseinolytic peptidase B protein homolog'
2 polymer Beta-casein
3 non-polymer "ADENOSINE-5'-DIPHOSPHATE"
4 non-polymer 'MAGNESIUM ION'
5 non-polymer 'PHOSPHOTHIOPHOSPHORIC ACID-ADENYLATE ESTER'
#
loop_
_entity_poly.entity_id
_entity_poly.type
_entity_poly.pdbx_seq_one_letter_code
_entity_poly.pdbx_strand_id
1 'polypeptide(L)'
;GGSYSKSPSNKDAALLEAARANNMQEVSRLLSEGADVNAKHRLGWTALMVAAINRNNSVVQVLLAAGADPNLGDDFSSVY
KTAKEQGIHSLEDGGQDGASRHITNQWTSALEFRRWLGLPAGVLITREDDFNNRLNNRASFKGCTALHYAVLADDYRTVK
ELLDGGANPLQRNEMGHTPLDYAREGEVMKLLRTSEAKYQEKQRKREAEERRRFPLEQRLKEHIIGQESAIATVGAAIRR
KENGWYDEEHPLVFLFLGSSGIGKTELAKQTAKYMHKDAKKGFIRLDMSEFQERHEVAKFIGSPPGYVGHEEGGQLTKKL
KQCPNAVVLFDEVDKAHPDVLTIMLQLFDEGRLTDGKGKTIDCKDAIFIMTSNVASDEIAQHALQLRQEALEMSRNRIAE
NLGDVQISDKITISKNFKENVIRPILKAHFRRDEFLGRINEIVYFLPFCHSELIQLVNKELNFWAKRAKQRHNITLLWDR
EVADVLVDGYNVHYGARSIKHEVERRVVNQLAAAYEQDLLPGGCTLRITVEDSDKQLLKSPELPSPQAEKRLPKLRLEII
DKDSKTRRLDIRAPLHPEKVCNTI
;
A,B,C,D,E,F
2 'polypeptide(L)'
;(UNK)(UNK)(UNK)(UNK)(UNK)(UNK)(UNK)(UNK)(UNK)(UNK)(UNK)(UNK)(UNK)(UNK)ARELEELNVP
GEIVESLSSSEESITRINKKIEKFQSEEQQQTEDELQDKIHPFAQTQSLVYPFPGPIPNSLPQNIPPLTQTPVVVPPFLQ
PEVMGVSKVKGAMAPKHKEMPFPKYPVEPLTESQSLTLTDVENLHLPLPLLQSWMHQPHQPLPPTVMFPPQSVLSLSQSK
VLPVPQKAVPYPQRDMPIQAFLLYQEPVLGPVRGPFPIIV
;
P
#
loop_
_chem_comp.id
_chem_comp.type
_chem_comp.name
_chem_comp.formula
ADP non-polymer ADENOSINE-5'-DIPHOSPHATE 'C10 H15 N5 O10 P2'
AGS non-polymer 'PHOSPHOTHIOPHOSPHORIC ACID-ADENYLATE ESTER' 'C10 H16 N5 O12 P3 S'
MG non-polymer 'MAGNESIUM ION' 'Mg 2'
#
# COMPACT_ATOMS: atom_id res chain seq x y z
N ARG A 204 -32.23 19.02 37.02
CA ARG A 204 -33.60 18.52 36.94
C ARG A 204 -34.50 19.53 36.23
N LYS A 205 -34.32 20.82 36.51
CA LYS A 205 -35.12 21.85 35.86
C LYS A 205 -34.81 21.92 34.37
N ARG A 206 -33.54 21.76 33.99
CA ARG A 206 -33.19 21.71 32.58
C ARG A 206 -33.90 20.55 31.89
N GLU A 207 -33.89 19.38 32.53
CA GLU A 207 -34.57 18.22 31.95
C GLU A 207 -36.07 18.47 31.84
N ALA A 208 -36.67 19.07 32.88
CA ALA A 208 -38.10 19.34 32.85
C ALA A 208 -38.46 20.31 31.74
N GLU A 209 -37.67 21.37 31.57
CA GLU A 209 -37.91 22.31 30.49
C GLU A 209 -37.75 21.63 29.13
N GLU A 210 -36.73 20.78 28.99
CA GLU A 210 -36.56 20.07 27.73
C GLU A 210 -37.78 19.21 27.42
N ARG A 211 -38.31 18.52 28.43
CA ARG A 211 -39.50 17.70 28.22
C ARG A 211 -40.72 18.56 27.88
N ARG A 212 -40.90 19.66 28.61
CA ARG A 212 -42.11 20.46 28.49
C ARG A 212 -42.12 21.36 27.26
N ARG A 213 -40.96 21.57 26.62
CA ARG A 213 -40.89 22.52 25.52
C ARG A 213 -41.77 22.06 24.35
N PHE A 214 -41.81 22.85 23.29
CA PHE A 214 -42.73 22.59 22.20
C PHE A 214 -42.53 21.17 21.67
N PRO A 215 -43.59 20.45 21.33
CA PRO A 215 -43.42 19.15 20.68
C PRO A 215 -42.71 19.29 19.35
N LEU A 216 -41.97 18.24 18.99
CA LEU A 216 -41.22 18.25 17.73
C LEU A 216 -42.14 18.46 16.54
N GLU A 217 -43.29 17.79 16.53
CA GLU A 217 -44.20 17.91 15.41
C GLU A 217 -44.57 19.36 15.14
N GLN A 218 -44.61 20.20 16.18
CA GLN A 218 -44.88 21.62 15.97
C GLN A 218 -43.83 22.23 15.04
N ARG A 219 -42.55 22.04 15.36
CA ARG A 219 -41.50 22.59 14.51
C ARG A 219 -41.50 21.95 13.14
N LEU A 220 -41.76 20.66 13.07
CA LEU A 220 -41.83 20.00 11.77
C LEU A 220 -42.88 20.65 10.88
N LYS A 221 -44.09 20.82 11.42
CA LYS A 221 -45.13 21.49 10.66
C LYS A 221 -44.74 22.92 10.32
N GLU A 222 -44.04 23.59 11.23
CA GLU A 222 -43.61 24.97 10.98
C GLU A 222 -42.71 25.04 9.76
N HIS A 223 -41.75 24.13 9.66
CA HIS A 223 -40.75 24.18 8.60
C HIS A 223 -40.99 23.21 7.46
N ILE A 224 -41.81 22.18 7.66
CA ILE A 224 -42.09 21.19 6.64
C ILE A 224 -43.52 21.38 6.16
N ILE A 225 -43.72 21.27 4.84
CA ILE A 225 -45.03 21.38 4.22
C ILE A 225 -45.37 20.02 3.65
N GLY A 226 -46.55 19.51 4.00
CA GLY A 226 -46.91 18.18 3.57
C GLY A 226 -46.16 17.13 4.37
N GLN A 227 -46.15 15.92 3.83
CA GLN A 227 -45.50 14.78 4.48
C GLN A 227 -46.04 14.59 5.89
N GLU A 228 -47.35 14.78 6.05
CA GLU A 228 -47.95 14.71 7.38
C GLU A 228 -47.77 13.32 7.99
N SER A 229 -47.89 12.28 7.17
CA SER A 229 -47.71 10.92 7.68
C SER A 229 -46.31 10.74 8.24
N ALA A 230 -45.29 11.22 7.50
CA ALA A 230 -43.92 11.12 7.99
C ALA A 230 -43.73 11.92 9.27
N ILE A 231 -44.29 13.12 9.32
CA ILE A 231 -44.17 13.94 10.52
C ILE A 231 -44.77 13.20 11.72
N ALA A 232 -45.97 12.64 11.54
CA ALA A 232 -46.63 11.95 12.64
C ALA A 232 -45.81 10.74 13.08
N THR A 233 -45.32 9.96 12.12
CA THR A 233 -44.56 8.76 12.48
C THR A 233 -43.29 9.12 13.24
N VAL A 234 -42.54 10.11 12.74
CA VAL A 234 -41.30 10.48 13.39
C VAL A 234 -41.56 11.05 14.77
N GLY A 235 -42.58 11.92 14.90
CA GLY A 235 -42.91 12.46 16.20
C GLY A 235 -43.31 11.38 17.18
N ALA A 236 -44.13 10.43 16.74
CA ALA A 236 -44.53 9.34 17.62
C ALA A 236 -43.33 8.53 18.07
N ALA A 237 -42.43 8.21 17.14
CA ALA A 237 -41.26 7.41 17.50
C ALA A 237 -40.39 8.17 18.51
N ILE A 238 -40.14 9.45 18.27
CA ILE A 238 -39.28 10.22 19.16
C ILE A 238 -39.92 10.36 20.53
N ARG A 239 -41.22 10.65 20.58
CA ARG A 239 -41.89 10.78 21.86
C ARG A 239 -41.89 9.46 22.61
N ARG A 240 -42.12 8.35 21.90
CA ARG A 240 -42.08 7.05 22.56
C ARG A 240 -40.70 6.79 23.15
N LYS A 241 -39.64 7.09 22.39
CA LYS A 241 -38.30 6.92 22.93
C LYS A 241 -38.08 7.79 24.16
N GLU A 242 -38.55 9.03 24.11
CA GLU A 242 -38.35 9.94 25.23
C GLU A 242 -39.06 9.44 26.48
N ASN A 243 -40.28 8.92 26.32
CA ASN A 243 -41.08 8.45 27.44
C ASN A 243 -40.74 7.02 27.85
N GLY A 244 -39.56 6.52 27.48
CA GLY A 244 -39.25 5.13 27.71
C GLY A 244 -39.81 4.26 26.61
N TRP A 245 -40.60 3.26 26.96
CA TRP A 245 -41.36 2.49 25.98
C TRP A 245 -40.51 2.10 24.78
N TYR A 246 -39.20 1.97 24.98
CA TYR A 246 -38.29 1.63 23.89
C TYR A 246 -36.94 1.20 24.46
N ASP A 247 -36.48 0.02 24.09
CA ASP A 247 -35.20 -0.47 24.59
C ASP A 247 -34.08 0.48 24.20
N GLU A 248 -33.44 1.09 25.20
CA GLU A 248 -32.36 2.04 24.93
C GLU A 248 -31.09 1.34 24.46
N GLU A 249 -31.03 0.01 24.52
CA GLU A 249 -29.82 -0.70 24.14
C GLU A 249 -29.57 -0.69 22.65
N HIS A 250 -30.54 -0.26 21.84
CA HIS A 250 -30.40 -0.29 20.40
C HIS A 250 -30.78 1.07 19.83
N PRO A 251 -29.99 1.62 18.90
CA PRO A 251 -30.32 2.92 18.34
C PRO A 251 -31.54 2.86 17.43
N LEU A 252 -32.21 4.00 17.32
CA LEU A 252 -33.33 4.11 16.39
C LEU A 252 -32.81 4.11 14.95
N VAL A 253 -33.49 3.37 14.08
CA VAL A 253 -33.13 3.25 12.68
C VAL A 253 -34.36 3.58 11.85
N PHE A 254 -34.26 4.63 11.02
CA PHE A 254 -35.33 5.06 10.15
C PHE A 254 -34.94 4.84 8.70
N LEU A 255 -35.93 4.45 7.89
CA LEU A 255 -35.77 4.30 6.45
C LEU A 255 -36.76 5.24 5.77
N PHE A 256 -36.23 6.28 5.11
CA PHE A 256 -37.04 7.28 4.44
C PHE A 256 -37.19 6.90 2.99
N LEU A 257 -38.43 6.77 2.53
CA LEU A 257 -38.72 6.41 1.15
C LEU A 257 -39.59 7.48 0.51
N GLY A 258 -39.51 7.55 -0.81
CA GLY A 258 -40.23 8.56 -1.59
C GLY A 258 -39.30 9.28 -2.53
N SER A 259 -39.91 10.13 -3.36
CA SER A 259 -39.15 10.90 -4.33
C SER A 259 -38.17 11.81 -3.62
N SER A 260 -37.10 12.18 -4.33
CA SER A 260 -36.09 13.05 -3.76
C SER A 260 -36.54 14.51 -3.79
N GLY A 261 -35.84 15.33 -3.01
CA GLY A 261 -36.10 16.75 -3.01
C GLY A 261 -37.47 17.14 -2.49
N ILE A 262 -37.99 16.44 -1.48
CA ILE A 262 -39.29 16.76 -0.93
C ILE A 262 -39.25 16.85 0.60
N GLY A 263 -38.08 17.10 1.16
CA GLY A 263 -37.96 17.40 2.58
C GLY A 263 -37.28 16.34 3.43
N LYS A 264 -36.92 15.19 2.86
CA LYS A 264 -36.25 14.16 3.64
C LYS A 264 -35.09 14.74 4.45
N THR A 265 -34.11 15.31 3.75
CA THR A 265 -32.97 15.90 4.43
C THR A 265 -33.41 17.06 5.32
N GLU A 266 -34.39 17.84 4.85
CA GLU A 266 -34.90 18.92 5.69
C GLU A 266 -35.52 18.38 6.97
N LEU A 267 -36.29 17.30 6.87
CA LEU A 267 -36.87 16.69 8.05
C LEU A 267 -35.79 16.20 9.01
N ALA A 268 -34.75 15.56 8.46
CA ALA A 268 -33.66 15.11 9.31
C ALA A 268 -32.97 16.28 10.00
N LYS A 269 -32.75 17.37 9.27
CA LYS A 269 -32.11 18.54 9.87
C LYS A 269 -32.97 19.10 10.99
N GLN A 270 -34.28 19.18 10.77
CA GLN A 270 -35.17 19.69 11.81
C GLN A 270 -35.17 18.77 13.02
N THR A 271 -35.16 17.46 12.80
CA THR A 271 -35.08 16.54 13.92
C THR A 271 -33.79 16.73 14.71
N ALA A 272 -32.71 16.85 13.96
CA ALA A 272 -31.39 17.12 14.54
C ALA A 272 -31.43 18.48 15.25
N LYS A 273 -32.43 19.28 14.90
CA LYS A 273 -32.57 20.63 15.45
C LYS A 273 -33.35 20.54 16.75
N TYR A 274 -34.31 19.62 16.76
CA TYR A 274 -35.12 19.40 17.94
C TYR A 274 -34.15 18.97 19.03
N MET A 275 -33.44 17.89 18.79
CA MET A 275 -32.49 17.36 19.76
C MET A 275 -31.22 18.18 19.93
N HIS A 276 -30.70 18.75 18.84
CA HIS A 276 -29.45 19.50 18.94
C HIS A 276 -29.59 20.87 18.30
N LYS A 277 -30.64 21.60 18.67
CA LYS A 277 -30.83 22.94 18.13
C LYS A 277 -29.61 23.81 18.35
N ASP A 278 -28.91 23.62 19.47
CA ASP A 278 -27.76 24.44 19.82
C ASP A 278 -26.44 23.89 19.28
N ALA A 279 -26.48 22.78 18.54
CA ALA A 279 -25.24 22.16 18.04
C ALA A 279 -25.46 21.70 16.62
N LYS A 280 -24.63 22.21 15.70
CA LYS A 280 -24.69 21.73 14.31
C LYS A 280 -24.12 20.32 14.20
N LYS A 281 -23.16 19.99 15.07
CA LYS A 281 -22.54 18.66 15.02
C LYS A 281 -23.54 17.56 15.27
N GLY A 282 -24.71 17.87 15.83
CA GLY A 282 -25.72 16.86 16.06
C GLY A 282 -26.28 16.24 14.80
N PHE A 283 -25.99 16.82 13.63
CA PHE A 283 -26.45 16.30 12.35
C PHE A 283 -25.23 15.92 11.51
N ILE A 284 -25.26 14.73 10.93
CA ILE A 284 -24.17 14.23 10.11
C ILE A 284 -24.75 13.60 8.85
N ARG A 285 -24.10 13.81 7.72
CA ARG A 285 -24.52 13.28 6.44
C ARG A 285 -23.42 12.44 5.82
N LEU A 286 -23.81 11.39 5.09
CA LEU A 286 -22.93 10.55 4.30
C LEU A 286 -23.71 10.20 3.04
N ASP A 287 -23.18 10.44 1.84
CA ASP A 287 -23.86 10.01 0.63
C ASP A 287 -23.19 8.74 0.12
N MET A 288 -23.94 7.64 0.09
CA MET A 288 -23.36 6.34 -0.22
C MET A 288 -22.99 6.19 -1.70
N SER A 289 -23.24 7.19 -2.54
CA SER A 289 -22.56 7.32 -3.82
C SER A 289 -21.03 7.44 -3.68
N GLU A 290 -20.52 7.81 -2.50
CA GLU A 290 -19.09 7.77 -2.17
C GLU A 290 -18.58 6.37 -1.81
N PHE A 291 -19.48 5.40 -1.61
CA PHE A 291 -19.21 4.14 -0.92
C PHE A 291 -19.72 2.94 -1.72
N GLN A 292 -19.36 2.84 -3.00
CA GLN A 292 -19.89 1.89 -3.98
C GLN A 292 -18.95 0.73 -4.34
N GLU A 293 -17.68 0.78 -3.93
CA GLU A 293 -16.63 -0.23 -4.23
C GLU A 293 -15.89 -0.70 -2.97
N ARG A 294 -15.29 -1.90 -2.98
CA ARG A 294 -14.70 -2.54 -1.77
C ARG A 294 -13.71 -1.64 -1.03
N HIS A 295 -12.80 -0.98 -1.75
CA HIS A 295 -11.78 -0.10 -1.17
C HIS A 295 -12.36 1.13 -0.46
N GLU A 296 -13.60 1.53 -0.76
CA GLU A 296 -14.27 2.64 -0.08
C GLU A 296 -14.75 2.29 1.33
N VAL A 297 -14.74 1.01 1.74
CA VAL A 297 -14.91 0.64 3.16
C VAL A 297 -13.87 1.31 4.06
N ALA A 298 -12.63 1.45 3.60
CA ALA A 298 -11.58 2.11 4.35
C ALA A 298 -11.84 3.62 4.55
N LYS A 299 -12.57 4.25 3.62
CA LYS A 299 -13.02 5.64 3.72
C LYS A 299 -14.14 5.82 4.74
N PHE A 300 -14.93 4.77 4.98
CA PHE A 300 -16.06 4.76 5.91
C PHE A 300 -15.60 4.78 7.37
N ILE A 301 -14.71 3.88 7.78
CA ILE A 301 -14.25 3.73 9.19
C ILE A 301 -12.73 3.83 9.40
N GLY A 302 -11.98 4.24 8.38
CA GLY A 302 -10.53 4.48 8.44
C GLY A 302 -9.72 3.32 7.86
N SER A 303 -8.47 3.56 7.47
CA SER A 303 -7.61 2.45 7.02
C SER A 303 -6.95 1.73 8.20
N PRO A 304 -6.41 0.51 8.04
CA PRO A 304 -5.57 -0.13 9.05
C PRO A 304 -4.30 0.68 9.30
N PRO A 305 -3.62 0.52 10.44
CA PRO A 305 -2.36 1.24 10.68
C PRO A 305 -1.31 0.88 9.64
N GLY A 306 -0.54 1.87 9.20
CA GLY A 306 0.45 1.65 8.16
C GLY A 306 -0.07 1.70 6.75
N TYR A 307 -1.27 2.21 6.51
CA TYR A 307 -1.90 2.26 5.19
C TYR A 307 -2.35 3.68 4.87
N VAL A 308 -2.60 3.95 3.60
CA VAL A 308 -2.99 5.28 3.12
C VAL A 308 -4.23 5.74 3.87
N GLY A 309 -4.20 6.97 4.35
CA GLY A 309 -5.34 7.56 5.01
C GLY A 309 -5.61 7.07 6.41
N HIS A 310 -4.65 6.40 7.04
CA HIS A 310 -4.87 5.90 8.39
C HIS A 310 -5.12 7.05 9.36
N GLU A 311 -4.42 8.17 9.19
CA GLU A 311 -4.57 9.29 10.12
C GLU A 311 -5.98 9.87 10.08
N GLU A 312 -6.62 9.88 8.91
CA GLU A 312 -7.97 10.44 8.81
C GLU A 312 -8.94 9.67 9.69
N GLY A 313 -8.86 8.35 9.69
CA GLY A 313 -9.69 7.55 10.57
C GLY A 313 -11.12 7.37 10.12
N GLY A 314 -11.43 7.69 8.87
CA GLY A 314 -12.78 7.48 8.37
C GLY A 314 -13.74 8.60 8.73
N GLN A 315 -14.63 8.89 7.79
CA GLN A 315 -15.64 9.94 7.88
C GLN A 315 -16.59 9.71 9.05
N LEU A 316 -17.16 8.52 9.10
CA LEU A 316 -18.24 8.19 10.03
C LEU A 316 -17.75 8.26 11.47
N THR A 317 -16.68 7.53 11.78
CA THR A 317 -16.16 7.52 13.15
C THR A 317 -15.64 8.90 13.52
N LYS A 318 -14.94 9.56 12.59
CA LYS A 318 -14.39 10.88 12.89
C LYS A 318 -15.48 11.84 13.33
N LYS A 319 -16.68 11.73 12.76
CA LYS A 319 -17.75 12.64 13.14
C LYS A 319 -18.50 12.13 14.37
N LEU A 320 -18.73 10.82 14.46
CA LEU A 320 -19.48 10.28 15.59
C LEU A 320 -18.75 10.51 16.91
N LYS A 321 -17.43 10.35 16.91
CA LYS A 321 -16.68 10.52 18.15
C LYS A 321 -16.90 11.91 18.73
N GLN A 322 -17.24 12.88 17.89
CA GLN A 322 -17.52 14.22 18.38
C GLN A 322 -18.90 14.33 19.02
N CYS A 323 -19.88 13.56 18.51
CA CYS A 323 -21.24 13.65 19.00
C CYS A 323 -21.92 12.29 18.91
N PRO A 324 -21.73 11.41 19.90
CA PRO A 324 -22.31 10.07 19.81
C PRO A 324 -23.82 10.07 19.66
N ASN A 325 -24.52 11.03 20.26
CA ASN A 325 -25.98 11.09 20.21
C ASN A 325 -26.48 11.95 19.06
N ALA A 326 -25.73 12.05 17.97
CA ALA A 326 -26.11 12.88 16.84
C ALA A 326 -27.11 12.13 15.96
N VAL A 327 -27.54 12.80 14.89
CA VAL A 327 -28.42 12.21 13.89
C VAL A 327 -27.61 11.99 12.62
N VAL A 328 -27.57 10.76 12.14
CA VAL A 328 -26.75 10.38 11.00
C VAL A 328 -27.69 10.06 9.84
N LEU A 329 -27.41 10.67 8.68
CA LEU A 329 -28.23 10.51 7.48
C LEU A 329 -27.39 9.82 6.42
N PHE A 330 -27.77 8.60 6.05
CA PHE A 330 -27.13 7.86 4.98
C PHE A 330 -27.96 8.06 3.72
N ASP A 331 -27.43 8.82 2.77
CA ASP A 331 -28.18 9.14 1.56
C ASP A 331 -27.96 8.07 0.50
N GLU A 332 -29.06 7.53 -0.03
CA GLU A 332 -29.03 6.53 -1.09
C GLU A 332 -28.23 5.31 -0.67
N VAL A 333 -28.73 4.63 0.37
CA VAL A 333 -28.12 3.40 0.83
C VAL A 333 -28.15 2.34 -0.26
N ASP A 334 -28.97 2.51 -1.29
CA ASP A 334 -29.01 1.54 -2.37
C ASP A 334 -27.63 1.38 -3.00
N LYS A 335 -26.93 2.50 -3.17
CA LYS A 335 -25.60 2.60 -3.76
C LYS A 335 -24.48 2.10 -2.86
N ALA A 336 -24.73 1.90 -1.56
CA ALA A 336 -23.72 1.37 -0.64
C ALA A 336 -23.26 -0.02 -1.08
N HIS A 337 -21.96 -0.24 -1.15
CA HIS A 337 -21.36 -1.54 -1.41
C HIS A 337 -21.77 -2.54 -0.32
N PRO A 338 -21.99 -3.83 -0.63
CA PRO A 338 -22.43 -4.80 0.39
C PRO A 338 -21.60 -4.82 1.66
N ASP A 339 -20.28 -4.64 1.56
CA ASP A 339 -19.36 -4.67 2.70
C ASP A 339 -19.55 -3.45 3.62
N VAL A 340 -19.96 -2.32 3.05
CA VAL A 340 -20.41 -1.14 3.80
C VAL A 340 -21.78 -1.40 4.42
N LEU A 341 -22.71 -2.06 3.71
CA LEU A 341 -24.01 -2.43 4.24
C LEU A 341 -23.87 -3.33 5.46
N THR A 342 -22.85 -4.20 5.44
CA THR A 342 -22.47 -5.11 6.55
C THR A 342 -22.02 -4.35 7.79
N ILE A 343 -21.14 -3.36 7.65
CA ILE A 343 -20.75 -2.50 8.77
C ILE A 343 -21.94 -1.69 9.26
N MET A 344 -22.84 -1.21 8.40
CA MET A 344 -23.96 -0.42 8.91
C MET A 344 -24.93 -1.31 9.69
N LEU A 345 -25.21 -2.51 9.20
CA LEU A 345 -26.14 -3.40 9.89
C LEU A 345 -25.57 -3.81 11.23
N GLN A 346 -24.26 -4.11 11.31
CA GLN A 346 -23.55 -4.40 12.54
C GLN A 346 -23.74 -3.25 13.52
N LEU A 347 -23.51 -2.04 13.05
CA LEU A 347 -23.63 -0.87 13.89
C LEU A 347 -25.04 -0.71 14.42
N PHE A 348 -26.04 -0.88 13.55
CA PHE A 348 -27.43 -0.76 13.96
C PHE A 348 -27.77 -1.80 15.02
N ASP A 349 -27.37 -3.05 14.79
CA ASP A 349 -27.69 -4.11 15.73
C ASP A 349 -27.08 -3.83 17.10
N GLU A 350 -25.80 -3.47 17.13
CA GLU A 350 -25.09 -3.30 18.39
C GLU A 350 -25.10 -1.86 18.88
N GLY A 351 -25.11 -0.89 17.97
CA GLY A 351 -24.84 0.48 18.35
C GLY A 351 -23.39 0.72 18.69
N ARG A 352 -22.50 -0.21 18.37
CA ARG A 352 -21.08 -0.18 18.73
C ARG A 352 -20.22 -0.32 17.48
N LEU A 353 -19.22 0.54 17.34
CA LEU A 353 -18.32 0.58 16.18
C LEU A 353 -16.88 0.90 16.59
N THR A 354 -15.88 0.23 16.01
CA THR A 354 -14.47 0.61 16.20
C THR A 354 -13.97 1.40 15.01
N ASP A 355 -13.25 2.50 15.24
CA ASP A 355 -12.50 3.15 14.18
C ASP A 355 -11.25 2.36 13.80
N GLY A 356 -10.55 2.82 12.77
CA GLY A 356 -9.32 2.17 12.32
C GLY A 356 -8.17 2.33 13.29
N LYS A 357 -8.25 3.29 14.19
CA LYS A 357 -7.19 3.51 15.18
C LYS A 357 -7.43 2.75 16.47
N GLY A 358 -8.45 1.89 16.52
CA GLY A 358 -8.73 1.08 17.69
C GLY A 358 -9.68 1.71 18.69
N LYS A 359 -10.03 2.98 18.52
CA LYS A 359 -10.95 3.62 19.44
C LYS A 359 -12.37 3.15 19.15
N THR A 360 -13.09 2.76 20.19
CA THR A 360 -14.47 2.29 20.07
C THR A 360 -15.43 3.41 20.42
N ILE A 361 -16.59 3.41 19.75
CA ILE A 361 -17.60 4.43 19.92
C ILE A 361 -18.92 3.75 20.26
N ASP A 362 -19.60 4.27 21.28
CA ASP A 362 -20.92 3.78 21.67
C ASP A 362 -21.97 4.75 21.13
N CYS A 363 -22.90 4.23 20.34
CA CYS A 363 -23.93 5.03 19.70
C CYS A 363 -25.31 4.46 20.00
N LYS A 364 -25.54 4.05 21.25
CA LYS A 364 -26.83 3.45 21.60
C LYS A 364 -27.97 4.44 21.42
N ASP A 365 -27.78 5.68 21.83
CA ASP A 365 -28.82 6.69 21.79
C ASP A 365 -28.83 7.48 20.49
N ALA A 366 -27.96 7.15 19.54
CA ALA A 366 -27.94 7.85 18.27
C ALA A 366 -29.21 7.54 17.47
N ILE A 367 -29.44 8.33 16.43
CA ILE A 367 -30.57 8.13 15.53
C ILE A 367 -30.01 8.03 14.12
N PHE A 368 -30.22 6.89 13.48
CA PHE A 368 -29.76 6.65 12.12
C PHE A 368 -30.94 6.73 11.16
N ILE A 369 -30.78 7.49 10.08
CA ILE A 369 -31.82 7.69 9.10
C ILE A 369 -31.24 7.31 7.74
N MET A 370 -31.87 6.34 7.07
CA MET A 370 -31.48 5.92 5.74
C MET A 370 -32.49 6.43 4.73
N THR A 371 -32.00 6.99 3.64
CA THR A 371 -32.84 7.52 2.58
C THR A 371 -32.49 6.83 1.28
N SER A 372 -33.51 6.60 0.45
CA SER A 372 -33.30 5.97 -0.84
C SER A 372 -34.53 6.22 -1.70
N ASN A 373 -34.38 5.98 -3.00
CA ASN A 373 -35.46 6.11 -3.96
C ASN A 373 -35.74 4.78 -4.64
N VAL A 374 -35.50 3.67 -3.94
CA VAL A 374 -35.67 2.35 -4.54
C VAL A 374 -37.13 2.13 -4.94
N ALA A 375 -38.07 2.55 -4.09
CA ALA A 375 -39.49 2.40 -4.36
C ALA A 375 -40.20 3.74 -4.53
N SER A 376 -39.46 4.78 -4.93
CA SER A 376 -40.06 6.10 -5.06
C SER A 376 -41.20 6.08 -6.07
N ASP A 377 -40.99 5.44 -7.21
CA ASP A 377 -42.00 5.43 -8.25
C ASP A 377 -43.28 4.73 -7.78
N GLU A 378 -43.13 3.60 -7.08
CA GLU A 378 -44.30 2.88 -6.62
C GLU A 378 -45.12 3.72 -5.66
N ILE A 379 -44.46 4.39 -4.71
CA ILE A 379 -45.16 5.23 -3.76
C ILE A 379 -45.84 6.38 -4.49
N ALA A 380 -45.13 7.03 -5.40
CA ALA A 380 -45.68 8.18 -6.11
C ALA A 380 -46.91 7.80 -6.91
N GLN A 381 -46.83 6.70 -7.67
CA GLN A 381 -47.95 6.32 -8.52
C GLN A 381 -49.12 5.81 -7.69
N HIS A 382 -48.85 4.91 -6.72
CA HIS A 382 -49.92 4.42 -5.86
C HIS A 382 -50.54 5.57 -5.09
N ALA A 383 -49.72 6.42 -4.49
CA ALA A 383 -50.18 7.60 -3.76
C ALA A 383 -51.39 7.27 -2.90
N LEU A 384 -51.25 6.19 -2.12
CA LEU A 384 -52.40 5.68 -1.38
C LEU A 384 -53.00 6.70 -0.43
N GLN A 385 -52.23 7.73 -0.05
CA GLN A 385 -52.75 8.85 0.71
C GLN A 385 -52.91 10.10 -0.15
N LEU A 386 -51.86 10.50 -0.86
CA LEU A 386 -51.95 11.66 -1.74
C LEU A 386 -52.95 11.39 -2.86
N ARG A 387 -53.89 12.31 -3.04
CA ARG A 387 -54.96 12.26 -4.03
C ARG A 387 -55.98 11.16 -3.76
N GLN A 388 -55.79 10.34 -2.72
CA GLN A 388 -56.70 9.25 -2.40
C GLN A 388 -57.32 9.40 -1.02
N GLU A 389 -56.51 9.59 0.02
CA GLU A 389 -57.00 9.77 1.38
C GLU A 389 -56.71 11.17 1.90
N ALA A 390 -55.44 11.59 1.89
CA ALA A 390 -55.05 12.90 2.37
C ALA A 390 -53.96 13.46 1.48
N LEU A 391 -54.11 14.71 1.06
CA LEU A 391 -53.15 15.38 0.20
C LEU A 391 -52.11 16.17 0.99
N GLU A 392 -52.16 16.14 2.31
CA GLU A 392 -51.22 16.90 3.13
C GLU A 392 -49.90 16.14 3.28
N ASN A 416 -54.45 1.33 7.97
CA ASN A 416 -53.18 1.44 7.26
C ASN A 416 -53.39 1.22 5.77
N PHE A 417 -52.62 1.94 4.95
CA PHE A 417 -52.71 1.79 3.51
C PHE A 417 -52.23 0.42 3.03
N LYS A 418 -51.52 -0.32 3.87
CA LYS A 418 -51.05 -1.66 3.54
C LYS A 418 -50.31 -1.66 2.21
N GLU A 419 -49.34 -0.76 2.08
CA GLU A 419 -48.51 -0.73 0.88
C GLU A 419 -47.58 -1.94 0.95
N ASN A 420 -48.11 -3.11 0.64
CA ASN A 420 -47.43 -4.36 0.89
C ASN A 420 -46.38 -4.68 -0.18
N VAL A 421 -46.26 -3.87 -1.23
CA VAL A 421 -45.27 -4.13 -2.26
C VAL A 421 -43.91 -3.57 -1.86
N ILE A 422 -43.88 -2.57 -0.98
CA ILE A 422 -42.62 -1.96 -0.60
C ILE A 422 -41.73 -2.97 0.10
N ARG A 423 -42.32 -3.83 0.93
CA ARG A 423 -41.52 -4.84 1.63
C ARG A 423 -40.81 -5.77 0.67
N PRO A 424 -41.48 -6.44 -0.27
CA PRO A 424 -40.75 -7.25 -1.25
C PRO A 424 -39.81 -6.43 -2.13
N ILE A 425 -40.18 -5.20 -2.47
CA ILE A 425 -39.28 -4.37 -3.27
C ILE A 425 -37.95 -4.19 -2.55
N LEU A 426 -38.01 -3.81 -1.26
CA LEU A 426 -36.80 -3.66 -0.48
C LEU A 426 -36.07 -4.99 -0.33
N LYS A 427 -36.83 -6.07 -0.06
CA LYS A 427 -36.21 -7.39 0.10
C LYS A 427 -35.36 -7.74 -1.10
N ALA A 428 -35.84 -7.41 -2.30
CA ALA A 428 -35.11 -7.74 -3.51
C ALA A 428 -33.76 -7.05 -3.60
N HIS A 429 -33.57 -5.97 -2.84
CA HIS A 429 -32.38 -5.12 -2.99
C HIS A 429 -31.35 -5.30 -1.88
N PHE A 430 -31.64 -6.07 -0.85
CA PHE A 430 -30.74 -6.15 0.30
C PHE A 430 -30.80 -7.54 0.90
N ARG A 431 -29.98 -7.76 1.93
CA ARG A 431 -30.06 -8.95 2.78
C ARG A 431 -31.25 -8.75 3.72
N ARG A 432 -32.42 -9.13 3.23
CA ARG A 432 -33.66 -8.82 3.93
C ARG A 432 -33.65 -9.34 5.36
N ASP A 433 -32.96 -10.45 5.62
CA ASP A 433 -32.93 -10.99 6.97
C ASP A 433 -32.43 -9.95 7.97
N GLU A 434 -31.30 -9.32 7.68
CA GLU A 434 -30.75 -8.33 8.59
C GLU A 434 -31.21 -6.92 8.26
N PHE A 435 -31.19 -6.56 6.98
CA PHE A 435 -31.47 -5.17 6.60
C PHE A 435 -32.85 -4.74 7.06
N LEU A 436 -33.88 -5.52 6.70
CA LEU A 436 -35.25 -5.13 7.07
C LEU A 436 -35.59 -5.51 8.50
N GLY A 437 -34.97 -6.56 9.04
CA GLY A 437 -35.26 -6.95 10.41
C GLY A 437 -34.89 -5.86 11.40
N ARG A 438 -33.71 -5.25 11.22
CA ARG A 438 -33.21 -4.29 12.18
C ARG A 438 -33.89 -2.93 12.07
N ILE A 439 -34.51 -2.61 10.94
CA ILE A 439 -35.10 -1.29 10.76
C ILE A 439 -36.20 -1.08 11.79
N ASN A 440 -36.09 -0.01 12.57
CA ASN A 440 -37.10 0.27 13.58
C ASN A 440 -38.39 0.77 12.95
N GLU A 441 -38.30 1.59 11.91
CA GLU A 441 -39.47 2.20 11.33
C GLU A 441 -39.22 2.51 9.86
N ILE A 442 -40.29 2.59 9.10
CA ILE A 442 -40.25 2.96 7.69
C ILE A 442 -41.14 4.19 7.50
N VAL A 443 -40.59 5.23 6.89
CA VAL A 443 -41.27 6.51 6.74
C VAL A 443 -41.45 6.77 5.25
N TYR A 444 -42.68 7.13 4.86
CA TYR A 444 -43.01 7.40 3.48
C TYR A 444 -43.12 8.91 3.25
N PHE A 445 -42.54 9.37 2.14
CA PHE A 445 -42.66 10.74 1.70
C PHE A 445 -43.42 10.77 0.38
N LEU A 446 -44.44 11.63 0.31
CA LEU A 446 -45.31 11.66 -0.86
C LEU A 446 -45.04 12.91 -1.70
N PRO A 447 -45.31 12.87 -3.00
CA PRO A 447 -45.11 14.06 -3.83
C PRO A 447 -46.00 15.21 -3.36
N PHE A 448 -45.52 16.43 -3.58
CA PHE A 448 -46.27 17.61 -3.18
C PHE A 448 -47.56 17.73 -3.98
N CYS A 449 -48.55 18.38 -3.37
CA CYS A 449 -49.82 18.65 -4.02
C CYS A 449 -49.91 20.13 -4.38
N HIS A 450 -51.00 20.48 -5.06
CA HIS A 450 -51.18 21.87 -5.47
C HIS A 450 -51.22 22.79 -4.26
N SER A 451 -51.93 22.39 -3.21
CA SER A 451 -51.99 23.18 -1.99
C SER A 451 -50.60 23.34 -1.38
N GLU A 452 -49.85 22.24 -1.29
CA GLU A 452 -48.51 22.30 -0.74
C GLU A 452 -47.61 23.18 -1.61
N LEU A 453 -47.74 23.06 -2.93
CA LEU A 453 -46.92 23.87 -3.83
C LEU A 453 -47.21 25.35 -3.65
N ILE A 454 -48.48 25.76 -3.60
CA ILE A 454 -48.80 27.18 -3.41
C ILE A 454 -48.36 27.64 -2.03
N GLN A 455 -48.45 26.78 -1.00
CA GLN A 455 -47.93 27.17 0.31
C GLN A 455 -46.42 27.42 0.24
N LEU A 456 -45.70 26.54 -0.46
CA LEU A 456 -44.26 26.70 -0.58
C LEU A 456 -43.91 27.98 -1.31
N VAL A 457 -44.61 28.29 -2.41
CA VAL A 457 -44.40 29.54 -3.16
C VAL A 457 -44.72 30.77 -2.31
N ASN A 458 -45.82 30.74 -1.55
CA ASN A 458 -46.15 31.82 -0.63
C ASN A 458 -45.04 32.03 0.40
N LYS A 459 -44.50 30.95 0.97
CA LYS A 459 -43.38 31.01 1.93
C LYS A 459 -42.11 31.56 1.28
N GLU A 460 -41.79 31.19 0.04
CA GLU A 460 -40.64 31.75 -0.65
C GLU A 460 -40.82 33.25 -0.89
N LEU A 461 -41.99 33.66 -1.38
CA LEU A 461 -42.28 35.07 -1.66
C LEU A 461 -42.24 35.90 -0.37
N ASN A 462 -42.78 35.36 0.73
CA ASN A 462 -42.68 36.01 2.04
C ASN A 462 -41.23 36.12 2.50
N PHE A 463 -40.38 35.10 2.30
CA PHE A 463 -38.97 35.18 2.63
C PHE A 463 -38.30 36.31 1.86
N TRP A 464 -38.57 36.38 0.56
CA TRP A 464 -37.98 37.44 -0.25
C TRP A 464 -38.46 38.81 0.21
N ALA A 465 -39.76 38.95 0.48
CA ALA A 465 -40.38 40.21 0.84
C ALA A 465 -39.85 40.71 2.19
N LYS A 466 -39.83 39.88 3.23
CA LYS A 466 -39.42 40.32 4.56
C LYS A 466 -37.94 40.66 4.60
N ARG A 467 -37.10 39.92 3.87
CA ARG A 467 -35.67 40.18 3.84
C ARG A 467 -35.31 41.39 2.99
N ALA A 468 -36.29 42.19 2.59
CA ALA A 468 -36.03 43.35 1.73
C ALA A 468 -35.27 44.38 2.54
N LYS A 469 -33.95 44.42 2.36
CA LYS A 469 -33.09 45.29 3.15
C LYS A 469 -33.19 46.76 2.75
N GLN A 470 -33.57 47.04 1.50
CA GLN A 470 -33.87 48.42 1.10
C GLN A 470 -35.24 48.76 1.69
N ARG A 471 -35.33 48.74 3.02
CA ARG A 471 -36.56 48.50 3.74
C ARG A 471 -37.79 49.14 3.09
N HIS A 472 -37.77 50.44 2.80
CA HIS A 472 -38.92 51.21 2.31
C HIS A 472 -39.73 50.59 1.14
N ASN A 473 -39.14 49.69 0.33
CA ASN A 473 -39.85 48.98 -0.73
C ASN A 473 -40.67 47.74 -0.26
N ILE A 474 -40.62 47.39 1.03
CA ILE A 474 -41.41 46.32 1.65
C ILE A 474 -42.92 46.57 1.50
N THR A 475 -43.74 45.53 1.69
CA THR A 475 -45.12 45.48 1.16
C THR A 475 -45.16 45.50 -0.38
N LEU A 476 -44.15 44.91 -1.01
CA LEU A 476 -44.20 44.44 -2.41
C LEU A 476 -45.13 43.21 -2.55
N LEU A 477 -46.38 43.37 -2.11
CA LEU A 477 -47.35 42.29 -1.96
C LEU A 477 -47.65 41.54 -3.27
N TRP A 478 -47.78 40.23 -3.16
CA TRP A 478 -47.81 39.32 -4.32
C TRP A 478 -49.21 38.85 -4.72
N ASP A 479 -50.25 39.59 -4.31
CA ASP A 479 -51.67 39.30 -4.61
C ASP A 479 -52.03 37.82 -4.34
N ARG A 480 -52.49 37.06 -5.35
CA ARG A 480 -52.73 35.60 -5.29
C ARG A 480 -52.35 34.89 -6.58
N GLU A 481 -52.88 35.34 -7.71
CA GLU A 481 -52.81 34.59 -8.97
C GLU A 481 -51.37 34.47 -9.52
N VAL A 482 -50.50 35.46 -9.32
CA VAL A 482 -49.09 35.30 -9.75
C VAL A 482 -48.39 34.18 -8.98
N ALA A 483 -48.65 33.98 -7.69
CA ALA A 483 -48.12 32.83 -6.97
C ALA A 483 -48.67 31.51 -7.55
N ASP A 484 -49.93 31.48 -7.99
CA ASP A 484 -50.49 30.33 -8.70
C ASP A 484 -49.78 30.09 -10.05
N VAL A 485 -49.47 31.13 -10.80
CA VAL A 485 -48.67 31.03 -12.04
C VAL A 485 -47.24 30.54 -11.76
N LEU A 486 -46.63 30.97 -10.65
CA LEU A 486 -45.32 30.46 -10.24
C LEU A 486 -45.38 28.97 -9.90
N VAL A 487 -46.44 28.51 -9.22
CA VAL A 487 -46.70 27.07 -9.04
C VAL A 487 -46.87 26.37 -10.39
N ASP A 488 -47.55 26.99 -11.36
CA ASP A 488 -47.74 26.41 -12.70
C ASP A 488 -46.41 26.11 -13.43
N GLY A 489 -45.27 26.70 -13.03
CA GLY A 489 -43.96 26.26 -13.48
C GLY A 489 -43.55 25.02 -12.72
N TYR A 490 -44.31 23.94 -12.92
CA TYR A 490 -44.14 22.72 -12.12
C TYR A 490 -42.76 22.14 -12.37
N ASN A 491 -41.96 22.06 -11.31
CA ASN A 491 -40.64 21.45 -11.36
C ASN A 491 -40.43 20.43 -10.26
N VAL A 492 -41.51 19.74 -9.86
CA VAL A 492 -41.45 18.84 -8.72
C VAL A 492 -40.44 17.72 -8.95
N HIS A 493 -40.13 17.41 -10.21
CA HIS A 493 -39.17 16.35 -10.49
C HIS A 493 -37.84 16.64 -9.80
N TYR A 494 -37.41 17.90 -9.79
CA TYR A 494 -36.20 18.30 -9.10
C TYR A 494 -36.44 18.67 -7.65
N GLY A 495 -37.68 18.71 -7.19
CA GLY A 495 -37.97 18.98 -5.79
C GLY A 495 -38.29 20.43 -5.50
N ALA A 496 -38.36 20.71 -4.20
CA ALA A 496 -38.77 22.04 -3.75
C ALA A 496 -37.81 23.11 -4.23
N ARG A 497 -36.51 22.84 -4.14
CA ARG A 497 -35.53 23.82 -4.60
C ARG A 497 -35.76 24.20 -6.06
N SER A 498 -36.33 23.27 -6.84
CA SER A 498 -36.72 23.60 -8.20
C SER A 498 -37.76 24.70 -8.22
N ILE A 499 -38.77 24.60 -7.35
CA ILE A 499 -39.78 25.66 -7.26
C ILE A 499 -39.15 26.95 -6.77
N LYS A 500 -38.17 26.83 -5.88
CA LYS A 500 -37.45 28.02 -5.42
C LYS A 500 -36.78 28.72 -6.59
N HIS A 501 -36.10 27.96 -7.46
CA HIS A 501 -35.49 28.54 -8.65
C HIS A 501 -36.55 29.17 -9.55
N GLU A 502 -37.66 28.46 -9.75
CA GLU A 502 -38.75 28.99 -10.55
C GLU A 502 -39.18 30.36 -10.06
N VAL A 503 -39.42 30.47 -8.75
CA VAL A 503 -39.86 31.75 -8.18
C VAL A 503 -38.76 32.80 -8.35
N GLU A 504 -37.51 32.41 -8.09
CA GLU A 504 -36.42 33.38 -8.14
C GLU A 504 -36.28 33.99 -9.52
N ARG A 505 -36.36 33.14 -10.54
CA ARG A 505 -36.24 33.58 -11.93
C ARG A 505 -37.16 34.75 -12.27
N ARG A 506 -38.46 34.52 -12.20
CA ARG A 506 -39.44 35.56 -12.51
C ARG A 506 -40.05 36.17 -11.25
N VAL A 507 -39.20 36.59 -10.32
CA VAL A 507 -39.66 37.20 -9.08
C VAL A 507 -38.52 37.99 -8.42
N VAL A 508 -37.30 37.57 -8.69
CA VAL A 508 -36.10 38.20 -8.14
C VAL A 508 -35.32 38.93 -9.23
N ASN A 509 -35.26 38.36 -10.43
CA ASN A 509 -34.53 39.02 -11.51
C ASN A 509 -35.14 40.38 -11.82
N GLN A 510 -36.47 40.49 -11.86
CA GLN A 510 -37.16 41.75 -12.13
C GLN A 510 -36.91 42.77 -11.02
N LEU A 511 -36.92 42.34 -9.76
CA LEU A 511 -36.56 43.20 -8.64
C LEU A 511 -35.12 43.70 -8.72
N ALA A 512 -34.15 42.85 -9.09
CA ALA A 512 -32.77 43.27 -9.23
C ALA A 512 -32.61 44.25 -10.38
N ALA A 513 -33.24 43.96 -11.51
CA ALA A 513 -33.16 44.86 -12.66
C ALA A 513 -33.73 46.23 -12.32
N ALA A 514 -34.89 46.25 -11.64
CA ALA A 514 -35.49 47.52 -11.28
C ALA A 514 -34.59 48.30 -10.33
N TYR A 515 -34.03 47.63 -9.32
CA TYR A 515 -33.18 48.31 -8.37
C TYR A 515 -31.94 48.88 -9.04
N GLU A 516 -31.30 48.07 -9.89
CA GLU A 516 -30.12 48.57 -10.61
C GLU A 516 -30.48 49.74 -11.50
N GLN A 517 -31.61 49.65 -12.20
CA GLN A 517 -32.12 50.77 -12.98
C GLN A 517 -32.66 51.89 -12.11
N ASP A 518 -32.74 51.78 -10.78
CA ASP A 518 -33.38 52.77 -9.88
C ASP A 518 -34.86 53.04 -10.23
N LEU A 519 -35.52 52.08 -10.89
CA LEU A 519 -36.83 52.22 -11.51
C LEU A 519 -37.99 52.22 -10.49
N LEU A 520 -37.90 51.43 -9.41
CA LEU A 520 -39.01 51.16 -8.48
C LEU A 520 -38.66 51.37 -6.99
N PRO A 521 -38.45 52.62 -6.52
CA PRO A 521 -38.53 52.96 -5.09
C PRO A 521 -39.95 52.73 -4.53
N GLY A 522 -40.07 52.56 -3.21
CA GLY A 522 -41.36 52.51 -2.49
C GLY A 522 -42.18 51.21 -2.64
N GLY A 523 -41.76 50.29 -3.51
CA GLY A 523 -42.43 49.01 -3.75
C GLY A 523 -43.70 49.10 -4.60
N CYS A 524 -44.19 47.94 -5.03
CA CYS A 524 -45.41 47.78 -5.84
C CYS A 524 -46.01 46.38 -5.67
N THR A 525 -47.29 46.20 -5.99
CA THR A 525 -47.85 44.84 -6.16
C THR A 525 -47.16 44.09 -7.30
N LEU A 526 -46.96 42.79 -7.10
CA LEU A 526 -46.34 41.96 -8.12
C LEU A 526 -47.27 41.80 -9.33
N ARG A 527 -48.56 42.11 -9.11
CA ARG A 527 -49.62 42.02 -10.13
C ARG A 527 -49.56 40.81 -11.08
N ILE A 528 -49.85 41.01 -12.36
CA ILE A 528 -49.77 39.91 -13.32
C ILE A 528 -48.63 40.16 -14.32
N THR A 529 -47.87 39.10 -14.62
CA THR A 529 -46.85 39.02 -15.68
C THR A 529 -46.90 37.62 -16.33
N VAL A 530 -46.59 37.54 -17.63
CA VAL A 530 -46.69 36.37 -18.50
C VAL A 530 -48.13 35.87 -18.57
N ARG B 204 -8.73 -20.20 49.23
CA ARG B 204 -9.07 -21.33 48.38
C ARG B 204 -10.39 -21.96 48.79
N LYS B 205 -10.54 -22.26 50.08
CA LYS B 205 -11.76 -22.92 50.55
C LYS B 205 -12.97 -22.02 50.36
N ARG B 206 -12.84 -20.74 50.66
CA ARG B 206 -13.97 -19.82 50.51
C ARG B 206 -14.41 -19.73 49.06
N GLU B 207 -13.45 -19.60 48.14
CA GLU B 207 -13.80 -19.50 46.73
C GLU B 207 -14.43 -20.79 46.23
N ALA B 208 -13.89 -21.94 46.65
CA ALA B 208 -14.47 -23.21 46.23
C ALA B 208 -15.90 -23.35 46.75
N GLU B 209 -16.12 -22.98 48.01
CA GLU B 209 -17.46 -23.05 48.57
C GLU B 209 -18.42 -22.11 47.86
N GLU B 210 -17.95 -20.90 47.54
CA GLU B 210 -18.78 -19.96 46.80
C GLU B 210 -19.17 -20.53 45.43
N ARG B 211 -18.19 -21.10 44.72
CA ARG B 211 -18.48 -21.67 43.42
C ARG B 211 -19.48 -22.83 43.55
N ARG B 212 -19.31 -23.69 44.56
CA ARG B 212 -20.26 -24.75 44.78
C ARG B 212 -21.66 -24.21 45.05
N ARG B 213 -21.74 -23.17 45.89
CA ARG B 213 -23.04 -22.61 46.25
C ARG B 213 -23.75 -22.03 45.03
N PHE B 214 -23.02 -21.25 44.22
CA PHE B 214 -23.60 -20.53 43.08
C PHE B 214 -22.72 -20.80 41.87
N PRO B 215 -22.90 -21.94 41.21
CA PRO B 215 -22.07 -22.25 40.04
C PRO B 215 -22.35 -21.29 38.89
N LEU B 216 -21.49 -21.37 37.88
CA LEU B 216 -21.64 -20.53 36.71
C LEU B 216 -22.93 -20.85 35.95
N GLU B 217 -23.35 -22.11 35.99
CA GLU B 217 -24.52 -22.52 35.22
C GLU B 217 -25.77 -21.75 35.67
N GLN B 218 -25.96 -21.61 36.97
CA GLN B 218 -27.11 -20.86 37.46
C GLN B 218 -27.04 -19.40 37.01
N ARG B 219 -25.86 -18.80 37.12
CA ARG B 219 -25.70 -17.40 36.68
C ARG B 219 -26.09 -17.26 35.22
N LEU B 220 -25.62 -18.16 34.37
CA LEU B 220 -25.99 -18.09 32.96
C LEU B 220 -27.49 -18.29 32.78
N LYS B 221 -28.06 -19.25 33.50
CA LYS B 221 -29.49 -19.53 33.36
C LYS B 221 -30.32 -18.32 33.77
N GLU B 222 -29.79 -17.45 34.63
CA GLU B 222 -30.51 -16.23 34.97
C GLU B 222 -30.86 -15.44 33.72
N HIS B 223 -29.97 -15.44 32.73
CA HIS B 223 -30.16 -14.68 31.50
C HIS B 223 -30.36 -15.57 30.28
N ILE B 224 -29.58 -16.62 30.13
CA ILE B 224 -29.68 -17.51 28.97
C ILE B 224 -30.83 -18.47 29.19
N ILE B 225 -31.63 -18.69 28.15
CA ILE B 225 -32.76 -19.59 28.18
C ILE B 225 -32.49 -20.71 27.19
N GLY B 226 -32.72 -21.94 27.62
CA GLY B 226 -32.39 -23.05 26.75
C GLY B 226 -30.89 -23.17 26.59
N GLN B 227 -30.47 -23.76 25.47
CA GLN B 227 -29.06 -23.96 25.18
C GLN B 227 -28.39 -24.72 26.32
N GLU B 228 -29.07 -25.76 26.83
CA GLU B 228 -28.55 -26.48 27.99
C GLU B 228 -27.21 -27.12 27.68
N SER B 229 -27.07 -27.73 26.50
CA SER B 229 -25.81 -28.38 26.16
C SER B 229 -24.66 -27.39 26.12
N ALA B 230 -24.88 -26.24 25.48
CA ALA B 230 -23.82 -25.23 25.40
C ALA B 230 -23.44 -24.73 26.77
N ILE B 231 -24.44 -24.45 27.61
CA ILE B 231 -24.16 -23.98 28.97
C ILE B 231 -23.36 -25.02 29.73
N ALA B 232 -23.77 -26.28 29.62
CA ALA B 232 -23.07 -27.35 30.33
C ALA B 232 -21.63 -27.45 29.87
N THR B 233 -21.40 -27.40 28.56
CA THR B 233 -20.03 -27.52 28.05
C THR B 233 -19.17 -26.36 28.53
N VAL B 234 -19.67 -25.14 28.38
CA VAL B 234 -18.88 -23.97 28.77
C VAL B 234 -18.61 -24.00 30.27
N GLY B 235 -19.62 -24.34 31.06
CA GLY B 235 -19.44 -24.39 32.50
C GLY B 235 -18.44 -25.45 32.91
N ALA B 236 -18.50 -26.62 32.27
CA ALA B 236 -17.55 -27.69 32.59
C ALA B 236 -16.13 -27.24 32.28
N ALA B 237 -15.92 -26.62 31.11
CA ALA B 237 -14.59 -26.14 30.77
C ALA B 237 -14.11 -25.09 31.75
N ILE B 238 -14.98 -24.14 32.09
CA ILE B 238 -14.58 -23.06 32.99
C ILE B 238 -14.24 -23.62 34.36
N ARG B 239 -15.05 -24.55 34.87
CA ARG B 239 -14.76 -25.15 36.16
C ARG B 239 -13.44 -25.91 36.13
N ARG B 240 -13.21 -26.67 35.05
CA ARG B 240 -11.94 -27.36 34.91
C ARG B 240 -10.79 -26.39 34.95
N LYS B 241 -10.96 -25.20 34.36
CA LYS B 241 -9.89 -24.21 34.40
C LYS B 241 -9.69 -23.66 35.80
N GLU B 242 -10.79 -23.26 36.46
CA GLU B 242 -10.67 -22.58 37.74
C GLU B 242 -10.05 -23.49 38.80
N ASN B 243 -10.42 -24.77 38.81
CA ASN B 243 -9.89 -25.71 39.78
C ASN B 243 -8.45 -26.11 39.50
N GLY B 244 -7.80 -25.48 38.52
CA GLY B 244 -6.41 -25.76 38.22
C GLY B 244 -6.17 -27.00 37.41
N TRP B 245 -7.23 -27.70 36.98
CA TRP B 245 -7.08 -28.94 36.23
C TRP B 245 -7.03 -28.65 34.73
N TYR B 246 -6.08 -27.79 34.35
CA TYR B 246 -5.94 -27.40 32.95
C TYR B 246 -4.48 -27.15 32.66
N ASP B 247 -4.05 -27.50 31.45
CA ASP B 247 -2.70 -27.18 31.02
C ASP B 247 -2.58 -25.68 30.83
N GLU B 248 -1.51 -25.11 31.37
CA GLU B 248 -1.28 -23.67 31.27
C GLU B 248 -0.53 -23.30 29.99
N GLU B 249 -0.11 -24.27 29.19
CA GLU B 249 0.66 -23.97 27.99
C GLU B 249 -0.20 -23.52 26.83
N HIS B 250 -1.51 -23.73 26.89
CA HIS B 250 -2.40 -23.43 25.77
C HIS B 250 -3.62 -22.68 26.28
N PRO B 251 -4.00 -21.58 25.64
CA PRO B 251 -5.26 -20.92 26.02
C PRO B 251 -6.45 -21.81 25.72
N LEU B 252 -7.59 -21.45 26.32
CA LEU B 252 -8.85 -22.14 26.11
C LEU B 252 -9.62 -21.42 25.03
N VAL B 253 -10.04 -22.16 24.01
CA VAL B 253 -10.66 -21.59 22.81
C VAL B 253 -12.00 -22.25 22.59
N PHE B 254 -13.02 -21.44 22.32
CA PHE B 254 -14.36 -21.91 22.03
C PHE B 254 -14.81 -21.40 20.67
N LEU B 255 -15.70 -22.17 20.03
CA LEU B 255 -16.32 -21.77 18.78
C LEU B 255 -17.82 -21.99 18.92
N PHE B 256 -18.59 -20.91 18.95
CA PHE B 256 -20.03 -20.97 19.10
C PHE B 256 -20.67 -20.99 17.72
N LEU B 257 -21.51 -22.00 17.48
CA LEU B 257 -22.20 -22.15 16.21
C LEU B 257 -23.70 -22.23 16.45
N GLY B 258 -24.46 -21.69 15.51
CA GLY B 258 -25.90 -21.74 15.60
C GLY B 258 -26.54 -20.64 14.78
N SER B 259 -27.86 -20.72 14.69
CA SER B 259 -28.60 -19.71 13.95
C SER B 259 -28.45 -18.35 14.62
N SER B 260 -28.95 -17.32 13.95
CA SER B 260 -28.84 -15.97 14.45
C SER B 260 -29.81 -15.73 15.60
N GLY B 261 -29.46 -14.80 16.48
CA GLY B 261 -30.36 -14.40 17.54
C GLY B 261 -30.75 -15.51 18.51
N ILE B 262 -29.79 -16.33 18.93
CA ILE B 262 -30.05 -17.38 19.90
C ILE B 262 -29.08 -17.36 21.07
N GLY B 263 -28.39 -16.23 21.28
CA GLY B 263 -27.67 -16.01 22.51
C GLY B 263 -26.19 -16.36 22.50
N LYS B 264 -25.59 -16.59 21.33
CA LYS B 264 -24.16 -16.89 21.31
C LYS B 264 -23.34 -15.76 21.93
N THR B 265 -23.37 -14.58 21.31
CA THR B 265 -22.62 -13.47 21.88
C THR B 265 -23.14 -13.11 23.25
N GLU B 266 -24.43 -13.36 23.50
CA GLU B 266 -24.97 -13.13 24.84
C GLU B 266 -24.31 -14.05 25.85
N LEU B 267 -24.15 -15.33 25.50
CA LEU B 267 -23.45 -16.25 26.38
C LEU B 267 -22.01 -15.81 26.60
N ALA B 268 -21.36 -15.35 25.53
CA ALA B 268 -19.99 -14.86 25.68
C ALA B 268 -19.93 -13.68 26.64
N LYS B 269 -20.86 -12.74 26.52
CA LYS B 269 -20.89 -11.59 27.41
C LYS B 269 -21.09 -12.03 28.85
N GLN B 270 -22.02 -12.96 29.07
CA GLN B 270 -22.27 -13.42 30.42
C GLN B 270 -21.04 -14.10 31.01
N THR B 271 -20.36 -14.92 30.21
CA THR B 271 -19.14 -15.56 30.69
C THR B 271 -18.09 -14.53 31.06
N ALA B 272 -17.88 -13.55 30.18
CA ALA B 272 -16.89 -12.51 30.46
C ALA B 272 -17.23 -11.77 31.74
N LYS B 273 -18.51 -11.45 31.92
CA LYS B 273 -18.94 -10.77 33.13
C LYS B 273 -18.66 -11.62 34.35
N TYR B 274 -18.93 -12.92 34.26
CA TYR B 274 -18.67 -13.80 35.39
C TYR B 274 -17.19 -13.82 35.75
N MET B 275 -16.32 -13.90 34.74
CA MET B 275 -14.89 -13.97 35.02
C MET B 275 -14.33 -12.63 35.46
N HIS B 276 -14.78 -11.54 34.83
CA HIS B 276 -14.25 -10.21 35.06
C HIS B 276 -15.37 -9.23 35.37
N LYS B 277 -16.24 -9.60 36.32
CA LYS B 277 -17.41 -8.79 36.62
C LYS B 277 -17.07 -7.33 36.83
N ASP B 278 -16.01 -7.05 37.60
CA ASP B 278 -15.65 -5.70 37.98
C ASP B 278 -14.49 -5.14 37.15
N ALA B 279 -14.42 -5.50 35.87
CA ALA B 279 -13.35 -5.03 35.00
C ALA B 279 -13.84 -4.99 33.56
N LYS B 280 -13.99 -3.79 33.02
CA LYS B 280 -14.29 -3.67 31.59
C LYS B 280 -13.10 -4.15 30.76
N LYS B 281 -11.88 -3.87 31.21
CA LYS B 281 -10.70 -4.35 30.51
C LYS B 281 -10.65 -5.87 30.46
N GLY B 282 -11.37 -6.55 31.35
CA GLY B 282 -11.35 -8.00 31.37
C GLY B 282 -12.12 -8.65 30.22
N PHE B 283 -12.91 -7.88 29.49
CA PHE B 283 -13.66 -8.38 28.34
C PHE B 283 -13.21 -7.59 27.11
N ILE B 284 -12.60 -8.28 26.16
CA ILE B 284 -12.12 -7.67 24.93
C ILE B 284 -13.03 -8.12 23.81
N ARG B 285 -13.67 -7.16 23.14
CA ARG B 285 -14.65 -7.43 22.11
C ARG B 285 -14.08 -7.03 20.76
N LEU B 286 -14.17 -7.89 19.76
CA LEU B 286 -13.82 -7.64 18.37
C LEU B 286 -14.98 -8.06 17.47
N ASP B 287 -15.16 -7.37 16.36
CA ASP B 287 -16.25 -7.61 15.43
C ASP B 287 -15.64 -7.85 14.06
N MET B 288 -15.69 -9.09 13.58
CA MET B 288 -14.85 -9.45 12.44
C MET B 288 -15.40 -8.99 11.09
N SER B 289 -16.61 -8.42 11.07
CA SER B 289 -17.11 -7.54 10.01
C SER B 289 -16.18 -6.36 9.74
N GLU B 290 -15.51 -5.84 10.76
CA GLU B 290 -14.51 -4.78 10.64
C GLU B 290 -13.14 -5.30 10.14
N PHE B 291 -13.05 -6.58 9.76
CA PHE B 291 -11.83 -7.29 9.36
C PHE B 291 -12.05 -8.13 8.09
N GLN B 292 -12.87 -7.64 7.16
CA GLN B 292 -13.34 -8.41 6.01
C GLN B 292 -12.39 -8.39 4.80
N GLU B 293 -11.12 -7.99 4.97
CA GLU B 293 -10.09 -7.96 3.93
C GLU B 293 -8.69 -8.27 4.51
N ARG B 294 -7.74 -8.81 3.72
CA ARG B 294 -6.48 -9.37 4.25
C ARG B 294 -5.67 -8.39 5.10
N HIS B 295 -5.52 -7.15 4.65
CA HIS B 295 -4.64 -6.17 5.29
C HIS B 295 -5.14 -5.67 6.64
N GLU B 296 -6.38 -5.99 7.00
CA GLU B 296 -6.98 -5.63 8.29
C GLU B 296 -6.24 -6.25 9.48
N VAL B 297 -5.43 -7.30 9.27
CA VAL B 297 -4.48 -7.85 10.27
C VAL B 297 -3.61 -6.79 10.91
N ALA B 298 -3.29 -5.72 10.20
CA ALA B 298 -2.53 -4.62 10.76
C ALA B 298 -3.22 -3.95 11.95
N LYS B 299 -4.55 -4.06 12.14
CA LYS B 299 -5.20 -3.58 13.37
C LYS B 299 -4.74 -4.36 14.60
N PHE B 300 -4.61 -5.67 14.50
CA PHE B 300 -4.22 -6.53 15.61
C PHE B 300 -2.83 -6.21 16.14
N ILE B 301 -1.83 -6.05 15.26
CA ILE B 301 -0.44 -5.91 15.68
C ILE B 301 0.15 -4.55 15.33
N GLY B 302 -0.52 -3.74 14.53
CA GLY B 302 -0.01 -2.44 14.17
C GLY B 302 0.96 -2.51 13.00
N SER B 303 1.33 -1.32 12.52
CA SER B 303 2.18 -1.23 11.34
C SER B 303 3.63 -1.53 11.70
N PRO B 304 4.42 -2.00 10.75
CA PRO B 304 5.83 -2.27 11.01
C PRO B 304 6.61 -0.97 11.18
N PRO B 305 7.90 -1.06 11.47
CA PRO B 305 8.70 0.16 11.62
C PRO B 305 8.71 0.99 10.34
N GLY B 306 8.71 2.31 10.52
CA GLY B 306 8.80 3.21 9.40
C GLY B 306 7.50 3.48 8.68
N TYR B 307 6.36 3.07 9.24
CA TYR B 307 5.07 3.26 8.61
C TYR B 307 4.12 3.98 9.55
N VAL B 308 3.12 4.64 8.97
CA VAL B 308 2.17 5.41 9.76
C VAL B 308 1.52 4.52 10.79
N GLY B 309 1.42 5.02 12.02
CA GLY B 309 0.82 4.27 13.10
C GLY B 309 1.73 3.26 13.77
N HIS B 310 3.00 3.18 13.36
CA HIS B 310 3.91 2.22 13.96
C HIS B 310 4.07 2.47 15.45
N GLU B 311 4.37 3.71 15.82
CA GLU B 311 4.60 4.03 17.23
C GLU B 311 3.40 3.68 18.08
N GLU B 312 2.20 3.65 17.50
CA GLU B 312 1.02 3.27 18.26
C GLU B 312 1.12 1.84 18.76
N GLY B 313 1.44 0.91 17.86
CA GLY B 313 1.45 -0.51 18.20
C GLY B 313 0.09 -1.15 18.01
N GLY B 314 0.09 -2.47 18.12
CA GLY B 314 -1.14 -3.21 17.92
C GLY B 314 -2.19 -2.87 18.98
N GLN B 315 -3.44 -2.85 18.54
CA GLN B 315 -4.55 -2.59 19.47
C GLN B 315 -4.86 -3.82 20.31
N LEU B 316 -5.06 -4.96 19.66
CA LEU B 316 -5.30 -6.20 20.40
C LEU B 316 -4.15 -6.51 21.34
N THR B 317 -2.92 -6.25 20.91
CA THR B 317 -1.77 -6.47 21.78
C THR B 317 -1.85 -5.57 23.00
N LYS B 318 -2.20 -4.30 22.82
CA LYS B 318 -2.36 -3.41 23.95
C LYS B 318 -3.39 -3.97 24.93
N LYS B 319 -4.57 -4.31 24.42
CA LYS B 319 -5.64 -4.76 25.31
C LYS B 319 -5.24 -6.02 26.05
N LEU B 320 -4.62 -6.97 25.33
CA LEU B 320 -4.19 -8.21 25.98
C LEU B 320 -3.14 -7.93 27.05
N LYS B 321 -2.19 -7.05 26.76
CA LYS B 321 -1.17 -6.72 27.75
C LYS B 321 -1.80 -6.11 29.00
N GLN B 322 -2.84 -5.28 28.80
CA GLN B 322 -3.50 -4.68 29.96
C GLN B 322 -4.11 -5.75 30.85
N CYS B 323 -4.78 -6.73 30.25
CA CYS B 323 -5.44 -7.82 30.98
C CYS B 323 -5.09 -9.15 30.34
N PRO B 324 -3.97 -9.75 30.72
CA PRO B 324 -3.57 -11.01 30.07
C PRO B 324 -4.61 -12.10 30.16
N ASN B 325 -5.32 -12.21 31.28
CA ASN B 325 -6.30 -13.26 31.48
C ASN B 325 -7.72 -12.85 31.07
N ALA B 326 -7.84 -11.89 30.16
CA ALA B 326 -9.15 -11.41 29.75
C ALA B 326 -9.88 -12.48 28.93
N VAL B 327 -11.10 -12.14 28.54
CA VAL B 327 -11.92 -12.98 27.67
C VAL B 327 -12.06 -12.25 26.34
N VAL B 328 -11.60 -12.89 25.26
CA VAL B 328 -11.57 -12.28 23.94
C VAL B 328 -12.70 -12.87 23.12
N LEU B 329 -13.50 -11.99 22.50
CA LEU B 329 -14.65 -12.40 21.71
C LEU B 329 -14.45 -11.92 20.28
N PHE B 330 -14.38 -12.86 19.34
CA PHE B 330 -14.31 -12.54 17.91
C PHE B 330 -15.71 -12.71 17.34
N ASP B 331 -16.54 -11.69 17.50
CA ASP B 331 -17.92 -11.76 17.08
C ASP B 331 -18.01 -11.95 15.56
N GLU B 332 -18.85 -12.90 15.15
CA GLU B 332 -19.08 -13.15 13.72
C GLU B 332 -17.77 -13.36 12.98
N VAL B 333 -16.99 -14.34 13.43
CA VAL B 333 -15.67 -14.56 12.87
C VAL B 333 -15.76 -14.92 11.39
N ASP B 334 -16.86 -15.58 11.00
CA ASP B 334 -16.97 -16.04 9.62
C ASP B 334 -16.83 -14.91 8.62
N LYS B 335 -17.18 -13.67 9.01
CA LYS B 335 -17.06 -12.45 8.20
C LYS B 335 -15.63 -11.95 8.00
N ALA B 336 -14.67 -12.41 8.80
CA ALA B 336 -13.26 -12.12 8.58
C ALA B 336 -12.81 -12.61 7.20
N HIS B 337 -11.84 -11.96 6.59
CA HIS B 337 -11.12 -12.60 5.47
C HIS B 337 -10.39 -13.83 6.00
N PRO B 338 -10.36 -14.98 5.32
CA PRO B 338 -9.69 -16.18 5.86
C PRO B 338 -8.24 -15.94 6.26
N ASP B 339 -7.47 -15.12 5.56
CA ASP B 339 -6.09 -14.86 5.96
C ASP B 339 -5.95 -13.99 7.22
N VAL B 340 -7.02 -13.32 7.65
CA VAL B 340 -7.08 -12.71 8.97
C VAL B 340 -7.07 -13.79 10.05
N LEU B 341 -7.73 -14.93 9.88
CA LEU B 341 -7.73 -15.98 10.89
C LEU B 341 -6.34 -16.58 11.08
N THR B 342 -5.51 -16.51 10.03
CA THR B 342 -4.16 -17.07 10.14
C THR B 342 -3.40 -16.46 11.31
N ILE B 343 -3.65 -15.19 11.61
CA ILE B 343 -2.97 -14.55 12.73
C ILE B 343 -3.36 -15.18 14.06
N MET B 344 -4.48 -15.91 14.09
CA MET B 344 -4.98 -16.50 15.32
C MET B 344 -4.31 -17.82 15.66
N LEU B 345 -3.46 -18.36 14.79
CA LEU B 345 -2.88 -19.67 15.05
C LEU B 345 -2.02 -19.64 16.31
N GLN B 346 -1.08 -18.71 16.39
CA GLN B 346 -0.23 -18.63 17.57
C GLN B 346 -1.05 -18.30 18.81
N LEU B 347 -2.04 -17.41 18.67
CA LEU B 347 -2.88 -17.08 19.81
C LEU B 347 -3.56 -18.33 20.38
N PHE B 348 -4.16 -19.12 19.50
CA PHE B 348 -4.93 -20.27 19.98
C PHE B 348 -4.04 -21.42 20.42
N ASP B 349 -2.83 -21.52 19.86
CA ASP B 349 -1.95 -22.62 20.22
C ASP B 349 -1.16 -22.35 21.49
N GLU B 350 -0.47 -21.21 21.55
CA GLU B 350 0.38 -20.88 22.67
C GLU B 350 0.03 -19.56 23.34
N GLY B 351 -1.02 -18.88 22.88
CA GLY B 351 -1.35 -17.59 23.46
C GLY B 351 -0.21 -16.60 23.35
N ARG B 352 0.46 -16.57 22.21
CA ARG B 352 1.58 -15.67 21.98
C ARG B 352 1.29 -14.81 20.75
N LEU B 353 1.63 -13.53 20.85
CA LEU B 353 1.43 -12.60 19.75
C LEU B 353 2.46 -11.50 19.84
N THR B 354 2.95 -11.05 18.70
CA THR B 354 4.00 -10.04 18.61
C THR B 354 3.48 -8.83 17.85
N ASP B 355 3.64 -7.65 18.43
CA ASP B 355 3.19 -6.42 17.81
C ASP B 355 4.21 -5.95 16.78
N GLY B 356 3.92 -4.81 16.16
CA GLY B 356 4.82 -4.27 15.14
C GLY B 356 6.17 -3.85 15.71
N LYS B 357 6.22 -3.54 17.00
CA LYS B 357 7.45 -3.13 17.64
C LYS B 357 8.30 -4.31 18.11
N GLY B 358 7.84 -5.54 17.90
CA GLY B 358 8.56 -6.71 18.32
C GLY B 358 8.25 -7.18 19.71
N LYS B 359 7.46 -6.44 20.48
CA LYS B 359 7.08 -6.88 21.82
C LYS B 359 6.12 -8.06 21.71
N THR B 360 6.37 -9.10 22.50
CA THR B 360 5.58 -10.32 22.46
C THR B 360 4.64 -10.36 23.65
N ILE B 361 3.36 -10.54 23.39
CA ILE B 361 2.34 -10.58 24.43
C ILE B 361 2.09 -12.04 24.79
N ASP B 362 2.12 -12.34 26.08
CA ASP B 362 1.81 -13.68 26.58
C ASP B 362 0.42 -13.67 27.18
N CYS B 363 -0.47 -14.51 26.64
CA CYS B 363 -1.85 -14.60 27.10
C CYS B 363 -2.25 -16.05 27.22
N LYS B 364 -1.37 -16.88 27.79
CA LYS B 364 -1.62 -18.31 27.85
C LYS B 364 -2.88 -18.66 28.65
N ASP B 365 -3.29 -17.80 29.57
CA ASP B 365 -4.44 -18.08 30.43
C ASP B 365 -5.70 -17.37 29.98
N ALA B 366 -5.68 -16.73 28.81
CA ALA B 366 -6.86 -16.06 28.31
C ALA B 366 -7.88 -17.08 27.81
N ILE B 367 -9.08 -16.60 27.53
CA ILE B 367 -10.16 -17.41 26.98
C ILE B 367 -10.63 -16.75 25.70
N PHE B 368 -10.66 -17.51 24.61
CA PHE B 368 -11.05 -17.02 23.30
C PHE B 368 -12.38 -17.64 22.91
N ILE B 369 -13.31 -16.80 22.47
CA ILE B 369 -14.63 -17.24 22.04
C ILE B 369 -14.87 -16.72 20.64
N MET B 370 -15.26 -17.60 19.73
CA MET B 370 -15.59 -17.25 18.36
C MET B 370 -17.04 -17.60 18.10
N THR B 371 -17.80 -16.64 17.58
CA THR B 371 -19.21 -16.80 17.29
C THR B 371 -19.44 -16.70 15.80
N SER B 372 -20.20 -17.64 15.25
CA SER B 372 -20.54 -17.62 13.84
C SER B 372 -21.77 -18.49 13.63
N ASN B 373 -22.38 -18.33 12.45
CA ASN B 373 -23.54 -19.12 12.06
C ASN B 373 -23.28 -19.84 10.75
N VAL B 374 -22.06 -20.37 10.59
CA VAL B 374 -21.65 -20.94 9.31
C VAL B 374 -22.53 -22.13 8.95
N ALA B 375 -22.75 -23.04 9.90
CA ALA B 375 -23.55 -24.23 9.68
C ALA B 375 -24.95 -24.11 10.28
N SER B 376 -25.52 -22.90 10.26
CA SER B 376 -26.80 -22.66 10.92
C SER B 376 -27.88 -23.59 10.40
N ASP B 377 -28.02 -23.69 9.08
CA ASP B 377 -29.09 -24.49 8.51
C ASP B 377 -28.91 -25.97 8.86
N GLU B 378 -27.68 -26.46 8.74
CA GLU B 378 -27.42 -27.86 9.08
C GLU B 378 -27.64 -28.11 10.55
N ILE B 379 -27.24 -27.15 11.40
CA ILE B 379 -27.46 -27.32 12.84
C ILE B 379 -28.95 -27.38 13.14
N ALA B 380 -29.75 -26.54 12.49
CA ALA B 380 -31.19 -26.59 12.69
C ALA B 380 -31.77 -27.92 12.22
N GLN B 381 -31.31 -28.39 11.06
CA GLN B 381 -31.78 -29.67 10.55
C GLN B 381 -31.47 -30.79 11.53
N HIS B 382 -30.26 -30.78 12.10
CA HIS B 382 -29.92 -31.77 13.11
C HIS B 382 -30.80 -31.61 14.34
N ALA B 383 -30.99 -30.37 14.79
CA ALA B 383 -31.82 -30.13 15.97
C ALA B 383 -33.21 -30.73 15.77
N LEU B 384 -33.68 -30.74 14.53
CA LEU B 384 -34.95 -31.42 14.25
C LEU B 384 -34.89 -32.88 14.66
N GLN B 385 -33.69 -33.48 14.71
CA GLN B 385 -33.57 -34.86 15.18
C GLN B 385 -34.26 -35.04 16.52
N LEU B 386 -33.98 -34.15 17.47
CA LEU B 386 -34.69 -34.19 18.74
C LEU B 386 -36.19 -34.02 18.53
N ARG B 387 -36.56 -33.10 17.64
CA ARG B 387 -37.97 -32.90 17.30
C ARG B 387 -38.50 -33.93 16.33
N GLN B 388 -37.63 -34.74 15.72
CA GLN B 388 -38.04 -35.85 14.87
C GLN B 388 -38.31 -37.11 15.68
N GLU B 389 -38.15 -37.06 17.00
CA GLU B 389 -38.32 -38.25 17.82
C GLU B 389 -39.75 -38.75 17.76
N ALA B 390 -39.91 -40.08 17.90
CA ALA B 390 -41.24 -40.65 18.00
C ALA B 390 -41.96 -40.17 19.25
N LEU B 391 -41.22 -39.91 20.33
CA LEU B 391 -41.78 -39.39 21.56
C LEU B 391 -42.84 -40.33 22.14
N GLU B 392 -42.40 -41.55 22.45
CA GLU B 392 -43.26 -42.56 23.03
C GLU B 392 -42.53 -43.34 24.10
N THR B 412 -34.04 -34.94 23.91
CA THR B 412 -33.69 -33.58 24.27
C THR B 412 -32.20 -33.33 24.03
N ILE B 413 -31.39 -34.36 24.23
CA ILE B 413 -29.95 -34.28 24.09
C ILE B 413 -29.54 -35.08 22.86
N SER B 414 -28.83 -34.43 21.94
CA SER B 414 -28.40 -35.05 20.69
C SER B 414 -26.95 -35.48 20.81
N LYS B 415 -26.66 -36.73 20.44
CA LYS B 415 -25.28 -37.19 20.43
C LYS B 415 -24.43 -36.38 19.48
N ASN B 416 -24.98 -36.04 18.31
CA ASN B 416 -24.31 -35.17 17.35
C ASN B 416 -22.96 -35.73 16.92
N PHE B 417 -22.92 -37.03 16.64
CA PHE B 417 -21.74 -37.59 15.97
C PHE B 417 -21.67 -37.11 14.53
N LYS B 418 -22.74 -36.49 14.03
CA LYS B 418 -22.81 -35.98 12.67
C LYS B 418 -21.87 -34.79 12.49
N GLU B 419 -21.19 -34.39 13.55
CA GLU B 419 -20.18 -33.36 13.43
C GLU B 419 -19.08 -33.76 12.45
N ASN B 420 -18.92 -35.06 12.20
CA ASN B 420 -18.01 -35.51 11.16
C ASN B 420 -18.39 -34.91 9.80
N VAL B 421 -19.68 -34.70 9.56
CA VAL B 421 -20.15 -34.07 8.33
C VAL B 421 -20.46 -32.59 8.50
N ILE B 422 -20.27 -32.05 9.71
CA ILE B 422 -20.25 -30.60 9.88
C ILE B 422 -18.85 -30.07 9.62
N ARG B 423 -17.83 -30.88 9.88
CA ARG B 423 -16.44 -30.48 9.65
C ARG B 423 -16.19 -30.00 8.23
N PRO B 424 -16.68 -30.67 7.18
CA PRO B 424 -16.40 -30.17 5.83
C PRO B 424 -16.88 -28.75 5.59
N ILE B 425 -18.02 -28.37 6.19
CA ILE B 425 -18.51 -27.00 6.02
C ILE B 425 -17.53 -26.01 6.61
N LEU B 426 -17.06 -26.29 7.84
CA LEU B 426 -16.12 -25.40 8.49
C LEU B 426 -14.82 -25.32 7.68
N LYS B 427 -14.33 -26.46 7.20
CA LYS B 427 -13.11 -26.45 6.42
C LYS B 427 -13.29 -25.64 5.15
N ALA B 428 -14.46 -25.75 4.51
CA ALA B 428 -14.73 -24.95 3.33
C ALA B 428 -14.70 -23.47 3.66
N HIS B 429 -15.30 -23.08 4.78
CA HIS B 429 -15.26 -21.68 5.18
C HIS B 429 -13.89 -21.32 5.72
N PHE B 430 -13.48 -21.97 6.82
CA PHE B 430 -12.12 -21.82 7.34
C PHE B 430 -11.23 -22.82 6.61
N ARG B 431 -10.39 -22.33 5.71
CA ARG B 431 -9.73 -23.18 4.74
C ARG B 431 -8.54 -23.95 5.31
N ARG B 432 -8.19 -23.75 6.58
CA ARG B 432 -7.01 -24.36 7.17
C ARG B 432 -7.41 -25.32 8.27
N ASP B 433 -6.94 -26.57 8.17
CA ASP B 433 -7.23 -27.56 9.19
C ASP B 433 -6.55 -27.21 10.50
N GLU B 434 -5.33 -26.68 10.45
CA GLU B 434 -4.61 -26.34 11.66
C GLU B 434 -5.38 -25.33 12.49
N PHE B 435 -6.16 -24.47 11.85
CA PHE B 435 -6.97 -23.51 12.59
C PHE B 435 -8.03 -24.22 13.42
N LEU B 436 -8.76 -25.16 12.81
CA LEU B 436 -9.77 -25.89 13.54
C LEU B 436 -9.15 -26.75 14.63
N GLY B 437 -8.00 -27.36 14.35
CA GLY B 437 -7.37 -28.23 15.33
C GLY B 437 -7.06 -27.55 16.64
N ARG B 438 -6.86 -26.23 16.61
CA ARG B 438 -6.52 -25.48 17.81
C ARG B 438 -7.74 -25.15 18.66
N ILE B 439 -8.95 -25.43 18.19
CA ILE B 439 -10.15 -25.09 18.93
C ILE B 439 -10.44 -26.21 19.92
N ASN B 440 -10.49 -25.85 21.21
CA ASN B 440 -10.72 -26.86 22.24
C ASN B 440 -12.10 -27.48 22.12
N GLU B 441 -13.13 -26.64 22.01
CA GLU B 441 -14.50 -27.11 22.00
C GLU B 441 -15.29 -26.43 20.90
N ILE B 442 -16.23 -27.16 20.32
CA ILE B 442 -17.20 -26.62 19.39
C ILE B 442 -18.56 -26.67 20.07
N VAL B 443 -19.12 -25.49 20.32
CA VAL B 443 -20.37 -25.36 21.07
C VAL B 443 -21.50 -25.13 20.07
N TYR B 444 -22.54 -25.94 20.15
CA TYR B 444 -23.66 -25.87 19.22
C TYR B 444 -24.87 -25.29 19.95
N PHE B 445 -25.45 -24.23 19.40
CA PHE B 445 -26.66 -23.62 19.93
C PHE B 445 -27.83 -24.07 19.06
N LEU B 446 -28.83 -24.65 19.67
CA LEU B 446 -29.95 -25.18 18.91
C LEU B 446 -31.12 -24.20 18.93
N PRO B 447 -32.03 -24.31 17.96
CA PRO B 447 -33.19 -23.41 17.95
C PRO B 447 -34.08 -23.64 19.16
N PHE B 448 -34.76 -22.58 19.59
CA PHE B 448 -35.61 -22.66 20.76
C PHE B 448 -36.79 -23.58 20.51
N CYS B 449 -37.22 -24.26 21.57
CA CYS B 449 -38.45 -25.02 21.55
C CYS B 449 -39.61 -24.14 22.01
N HIS B 450 -40.82 -24.71 22.02
CA HIS B 450 -41.99 -23.92 22.37
C HIS B 450 -41.88 -23.37 23.79
N SER B 451 -41.47 -24.23 24.73
CA SER B 451 -41.35 -23.79 26.11
C SER B 451 -40.31 -22.68 26.24
N GLU B 452 -39.19 -22.80 25.54
CA GLU B 452 -38.18 -21.75 25.59
C GLU B 452 -38.72 -20.45 25.02
N LEU B 453 -39.51 -20.53 23.95
CA LEU B 453 -40.12 -19.33 23.40
C LEU B 453 -41.05 -18.68 24.42
N ILE B 454 -41.85 -19.49 25.10
CA ILE B 454 -42.73 -18.95 26.14
C ILE B 454 -41.92 -18.28 27.23
N GLN B 455 -40.82 -18.91 27.63
CA GLN B 455 -39.97 -18.32 28.66
C GLN B 455 -39.40 -16.99 28.20
N LEU B 456 -38.99 -16.91 26.93
CA LEU B 456 -38.47 -15.65 26.40
C LEU B 456 -39.53 -14.57 26.43
N VAL B 457 -40.76 -14.92 26.03
CA VAL B 457 -41.85 -13.94 26.04
C VAL B 457 -42.10 -13.46 27.46
N ASN B 458 -42.09 -14.38 28.42
CA ASN B 458 -42.30 -14.01 29.81
C ASN B 458 -41.17 -13.09 30.29
N LYS B 459 -39.94 -13.39 29.88
CA LYS B 459 -38.82 -12.54 30.26
C LYS B 459 -38.99 -11.13 29.73
N GLU B 460 -39.40 -11.02 28.46
CA GLU B 460 -39.61 -9.71 27.86
C GLU B 460 -40.71 -8.95 28.58
N LEU B 461 -41.85 -9.60 28.84
CA LEU B 461 -42.94 -8.94 29.52
C LEU B 461 -42.54 -8.54 30.95
N ASN B 462 -41.73 -9.35 31.66
CA ASN B 462 -41.25 -8.94 32.98
C ASN B 462 -40.35 -7.73 32.88
N PHE B 463 -39.46 -7.71 31.89
CA PHE B 463 -38.59 -6.55 31.70
C PHE B 463 -39.41 -5.29 31.46
N TRP B 464 -40.41 -5.38 30.58
CA TRP B 464 -41.22 -4.20 30.29
C TRP B 464 -42.02 -3.77 31.50
N ALA B 465 -42.56 -4.73 32.26
CA ALA B 465 -43.34 -4.40 33.44
C ALA B 465 -42.48 -3.68 34.48
N LYS B 466 -41.27 -4.19 34.73
CA LYS B 466 -40.41 -3.53 35.69
C LYS B 466 -39.97 -2.16 35.18
N ARG B 467 -39.75 -2.03 33.88
CA ARG B 467 -39.43 -0.73 33.32
C ARG B 467 -40.56 0.26 33.56
N ALA B 468 -41.80 -0.19 33.32
CA ALA B 468 -42.95 0.69 33.54
C ALA B 468 -43.06 1.09 35.01
N LYS B 469 -42.88 0.12 35.91
CA LYS B 469 -42.97 0.44 37.33
C LYS B 469 -41.90 1.43 37.74
N GLN B 470 -40.67 1.24 37.26
CA GLN B 470 -39.58 2.12 37.65
C GLN B 470 -39.72 3.51 37.03
N ARG B 471 -40.29 3.61 35.83
CA ARG B 471 -40.35 4.90 35.14
C ARG B 471 -41.61 5.67 35.50
N HIS B 472 -42.79 5.10 35.22
CA HIS B 472 -44.06 5.78 35.42
C HIS B 472 -44.87 5.18 36.56
N ASN B 473 -44.31 4.24 37.31
CA ASN B 473 -45.01 3.59 38.41
C ASN B 473 -46.35 3.03 37.94
N ILE B 474 -46.26 2.09 37.00
CA ILE B 474 -47.42 1.42 36.43
C ILE B 474 -47.23 -0.07 36.58
N THR B 475 -48.24 -0.75 37.13
CA THR B 475 -48.21 -2.20 37.29
C THR B 475 -48.79 -2.86 36.04
N LEU B 476 -48.13 -3.91 35.55
CA LEU B 476 -48.47 -4.56 34.29
C LEU B 476 -48.53 -6.07 34.50
N LEU B 477 -49.59 -6.71 34.01
CA LEU B 477 -49.95 -8.10 34.28
C LEU B 477 -50.55 -8.75 33.03
N TRP B 478 -50.47 -10.07 32.94
CA TRP B 478 -50.93 -10.86 31.79
C TRP B 478 -51.12 -12.33 32.18
N ASP B 479 -51.69 -13.11 31.28
CA ASP B 479 -51.96 -14.54 31.43
C ASP B 479 -51.36 -15.37 30.27
N ARG B 480 -51.56 -16.69 30.31
CA ARG B 480 -51.08 -17.62 29.29
C ARG B 480 -51.51 -17.19 27.90
N GLU B 481 -52.73 -16.69 27.74
CA GLU B 481 -53.23 -16.34 26.42
C GLU B 481 -52.32 -15.31 25.73
N VAL B 482 -51.76 -14.37 26.51
CA VAL B 482 -50.82 -13.36 26.00
C VAL B 482 -49.51 -13.99 25.55
N ALA B 483 -48.91 -14.84 26.38
CA ALA B 483 -47.66 -15.50 26.01
C ALA B 483 -47.83 -16.33 24.76
N ASP B 484 -48.92 -17.11 24.70
CA ASP B 484 -49.15 -17.96 23.53
C ASP B 484 -49.35 -17.12 22.28
N VAL B 485 -50.16 -16.05 22.36
CA VAL B 485 -50.44 -15.17 21.21
C VAL B 485 -49.17 -14.49 20.71
N LEU B 486 -48.30 -14.05 21.61
CA LEU B 486 -47.02 -13.47 21.25
C LEU B 486 -46.10 -14.52 20.62
N VAL B 487 -46.05 -15.74 21.16
CA VAL B 487 -45.22 -16.79 20.57
C VAL B 487 -45.69 -17.11 19.16
N ASP B 488 -47.00 -17.06 18.94
CA ASP B 488 -47.53 -17.43 17.63
C ASP B 488 -46.92 -16.59 16.52
N GLY B 489 -46.49 -15.37 16.83
CA GLY B 489 -45.83 -14.52 15.87
C GLY B 489 -44.34 -14.75 15.73
N TYR B 490 -43.84 -15.86 16.28
CA TYR B 490 -42.41 -16.10 16.30
C TYR B 490 -41.86 -16.28 14.89
N ASN B 491 -40.65 -15.79 14.67
CA ASN B 491 -39.91 -16.00 13.43
C ASN B 491 -38.63 -16.77 13.74
N VAL B 492 -38.38 -17.82 12.96
CA VAL B 492 -37.21 -18.67 13.21
C VAL B 492 -35.92 -17.93 12.88
N HIS B 493 -35.93 -17.13 11.81
CA HIS B 493 -34.69 -16.54 11.32
C HIS B 493 -34.06 -15.60 12.32
N TYR B 494 -34.81 -15.10 13.31
CA TYR B 494 -34.29 -14.14 14.27
C TYR B 494 -34.29 -14.64 15.70
N GLY B 495 -35.17 -15.56 16.05
CA GLY B 495 -35.14 -16.12 17.39
C GLY B 495 -35.55 -15.12 18.45
N ALA B 496 -34.63 -14.89 19.39
CA ALA B 496 -34.90 -13.96 20.48
C ALA B 496 -35.20 -12.57 19.95
N ARG B 497 -34.53 -12.18 18.86
CA ARG B 497 -34.82 -10.87 18.27
C ARG B 497 -36.22 -10.84 17.67
N SER B 498 -36.65 -11.93 17.04
CA SER B 498 -38.04 -11.99 16.58
C SER B 498 -39.00 -11.81 17.74
N ILE B 499 -38.72 -12.47 18.85
CA ILE B 499 -39.63 -12.37 20.01
C ILE B 499 -39.64 -10.95 20.53
N LYS B 500 -38.46 -10.33 20.64
CA LYS B 500 -38.37 -8.95 21.10
C LYS B 500 -39.20 -8.03 20.21
N HIS B 501 -39.02 -8.15 18.91
CA HIS B 501 -39.74 -7.29 17.97
C HIS B 501 -41.24 -7.54 18.07
N GLU B 502 -41.64 -8.80 18.18
CA GLU B 502 -43.06 -9.12 18.29
C GLU B 502 -43.67 -8.46 19.52
N VAL B 503 -43.01 -8.60 20.67
CA VAL B 503 -43.54 -8.01 21.90
C VAL B 503 -43.59 -6.50 21.78
N GLU B 504 -42.52 -5.89 21.26
CA GLU B 504 -42.48 -4.44 21.14
C GLU B 504 -43.62 -3.94 20.25
N ARG B 505 -43.80 -4.56 19.08
CA ARG B 505 -44.80 -4.08 18.14
C ARG B 505 -46.20 -4.30 18.69
N ARG B 506 -46.50 -5.51 19.15
CA ARG B 506 -47.87 -5.87 19.49
C ARG B 506 -48.33 -5.28 20.82
N VAL B 507 -47.43 -5.03 21.79
CA VAL B 507 -47.78 -4.62 23.16
C VAL B 507 -47.21 -3.26 23.53
N VAL B 508 -45.92 -3.03 23.32
CA VAL B 508 -45.28 -1.79 23.79
C VAL B 508 -45.86 -0.59 23.07
N ASN B 509 -46.20 -0.75 21.79
CA ASN B 509 -46.78 0.37 21.05
C ASN B 509 -48.09 0.81 21.68
N GLN B 510 -48.91 -0.14 22.16
CA GLN B 510 -50.19 0.15 22.82
C GLN B 510 -49.98 0.89 24.13
N LEU B 511 -49.01 0.46 24.94
CA LEU B 511 -48.66 1.15 26.17
C LEU B 511 -48.17 2.57 25.88
N ALA B 512 -47.34 2.77 24.85
CA ALA B 512 -46.85 4.11 24.56
C ALA B 512 -47.99 5.01 24.10
N ALA B 513 -48.85 4.50 23.22
CA ALA B 513 -49.97 5.30 22.74
C ALA B 513 -50.89 5.71 23.88
N ALA B 514 -51.21 4.75 24.76
CA ALA B 514 -52.07 5.06 25.89
C ALA B 514 -51.42 6.09 26.81
N TYR B 515 -50.12 5.94 27.07
CA TYR B 515 -49.44 6.89 27.94
C TYR B 515 -49.46 8.29 27.34
N GLU B 516 -49.19 8.39 26.04
CA GLU B 516 -49.20 9.70 25.40
C GLU B 516 -50.59 10.33 25.43
N GLN B 517 -51.63 9.51 25.47
CA GLN B 517 -52.99 10.00 25.60
C GLN B 517 -53.38 10.24 27.06
N ASP B 518 -52.46 10.04 28.00
CA ASP B 518 -52.71 10.28 29.42
C ASP B 518 -53.86 9.40 29.93
N LEU B 519 -53.96 8.19 29.42
CA LEU B 519 -54.95 7.23 29.88
C LEU B 519 -54.41 6.29 30.94
N LEU B 520 -53.20 6.54 31.44
CA LEU B 520 -52.53 5.66 32.40
C LEU B 520 -52.12 6.48 33.61
N PRO B 521 -53.03 6.73 34.54
CA PRO B 521 -52.66 7.45 35.76
C PRO B 521 -51.57 6.70 36.53
N GLY B 522 -50.68 7.47 37.15
CA GLY B 522 -49.60 6.89 37.92
C GLY B 522 -50.08 5.94 38.99
N GLY B 523 -49.46 4.76 39.07
CA GLY B 523 -49.84 3.77 40.04
C GLY B 523 -50.94 2.83 39.57
N CYS B 524 -51.54 3.08 38.42
CA CYS B 524 -52.60 2.21 37.93
C CYS B 524 -52.01 0.86 37.49
N THR B 525 -52.90 -0.15 37.41
CA THR B 525 -52.58 -1.52 37.00
C THR B 525 -53.28 -1.88 35.69
N LEU B 526 -52.53 -2.40 34.72
CA LEU B 526 -53.06 -2.97 33.48
C LEU B 526 -52.99 -4.49 33.51
N ARG B 527 -54.08 -5.16 33.13
CA ARG B 527 -54.04 -6.54 32.62
C ARG B 527 -54.11 -6.50 31.10
N ILE B 528 -53.17 -7.16 30.43
CA ILE B 528 -53.26 -7.45 29.00
C ILE B 528 -54.24 -8.64 28.85
N THR B 529 -55.55 -8.37 28.80
CA THR B 529 -56.61 -9.40 28.76
C THR B 529 -56.76 -10.03 27.37
N VAL B 530 -55.68 -10.63 26.87
CA VAL B 530 -55.50 -11.07 25.48
C VAL B 530 -55.91 -9.99 24.47
N GLU B 531 -55.30 -8.80 24.60
CA GLU B 531 -55.51 -7.67 23.69
C GLU B 531 -54.87 -7.95 22.32
N ASP B 532 -55.67 -8.42 21.36
CA ASP B 532 -55.23 -8.81 20.01
C ASP B 532 -56.23 -8.39 18.92
N SER B 533 -55.80 -8.42 17.65
CA SER B 533 -56.64 -8.21 16.47
C SER B 533 -57.53 -6.96 16.54
N ARG C 204 36.31 -30.89 26.41
CA ARG C 204 36.10 -31.74 25.23
C ARG C 204 35.64 -33.13 25.64
N LYS C 205 36.38 -33.76 26.56
CA LYS C 205 36.07 -35.13 26.95
C LYS C 205 34.70 -35.22 27.59
N ARG C 206 34.38 -34.31 28.49
CA ARG C 206 33.09 -34.34 29.18
C ARG C 206 31.95 -34.15 28.19
N GLU C 207 32.10 -33.19 27.27
CA GLU C 207 31.05 -32.97 26.28
C GLU C 207 30.85 -34.21 25.42
N ALA C 208 31.94 -34.81 24.95
CA ALA C 208 31.83 -35.99 24.11
C ALA C 208 31.18 -37.13 24.87
N GLU C 209 31.59 -37.34 26.13
CA GLU C 209 31.04 -38.44 26.92
C GLU C 209 29.56 -38.22 27.18
N GLU C 210 29.17 -37.00 27.52
CA GLU C 210 27.75 -36.72 27.75
C GLU C 210 26.94 -36.94 26.48
N ARG C 211 27.45 -36.48 25.34
CA ARG C 211 26.74 -36.67 24.09
C ARG C 211 26.57 -38.15 23.77
N ARG C 212 27.63 -38.93 23.93
CA ARG C 212 27.52 -40.37 23.66
C ARG C 212 26.55 -41.02 24.62
N ARG C 213 26.64 -40.69 25.91
CA ARG C 213 25.82 -41.34 26.92
C ARG C 213 24.34 -41.03 26.70
N PHE C 214 24.03 -39.76 26.44
CA PHE C 214 22.64 -39.30 26.32
C PHE C 214 22.49 -38.51 25.02
N PRO C 215 22.40 -39.21 23.87
CA PRO C 215 22.32 -38.56 22.56
C PRO C 215 21.09 -37.69 22.44
N LEU C 216 21.15 -36.69 21.56
CA LEU C 216 20.00 -35.86 21.29
C LEU C 216 18.80 -36.68 20.85
N GLU C 217 19.02 -37.72 20.05
CA GLU C 217 17.94 -38.56 19.53
C GLU C 217 17.19 -39.26 20.66
N GLN C 218 17.89 -39.72 21.69
CA GLN C 218 17.26 -40.32 22.86
C GLN C 218 16.53 -39.29 23.73
N ARG C 219 17.06 -38.06 23.83
CA ARG C 219 16.43 -36.95 24.53
C ARG C 219 15.12 -36.56 23.86
N LEU C 220 15.13 -36.46 22.53
CA LEU C 220 13.91 -36.11 21.80
C LEU C 220 12.85 -37.18 21.96
N LYS C 221 13.27 -38.45 21.91
CA LYS C 221 12.29 -39.54 21.98
C LYS C 221 11.47 -39.47 23.26
N GLU C 222 12.01 -38.85 24.30
CA GLU C 222 11.23 -38.67 25.53
C GLU C 222 10.04 -37.76 25.31
N HIS C 223 10.13 -36.84 24.35
CA HIS C 223 9.09 -35.85 24.13
C HIS C 223 8.32 -36.03 22.84
N ILE C 224 8.91 -36.69 21.83
CA ILE C 224 8.27 -36.89 20.54
C ILE C 224 8.03 -38.37 20.33
N ILE C 225 6.79 -38.72 19.97
CA ILE C 225 6.42 -40.09 19.66
C ILE C 225 6.47 -40.27 18.16
N GLY C 226 7.10 -41.35 17.71
CA GLY C 226 7.19 -41.57 16.28
C GLY C 226 8.14 -40.59 15.63
N GLN C 227 7.91 -40.34 14.34
CA GLN C 227 8.74 -39.41 13.57
C GLN C 227 10.20 -39.86 13.57
N GLU C 228 10.44 -41.16 13.51
CA GLU C 228 11.79 -41.69 13.64
C GLU C 228 12.71 -41.12 12.58
N SER C 229 12.25 -41.00 11.34
CA SER C 229 13.07 -40.49 10.23
C SER C 229 13.40 -39.00 10.38
N ALA C 230 12.53 -38.20 10.98
CA ALA C 230 12.85 -36.82 11.29
C ALA C 230 13.84 -36.73 12.44
N ILE C 231 13.63 -37.53 13.48
CA ILE C 231 14.56 -37.55 14.60
C ILE C 231 15.94 -37.92 14.12
N ALA C 232 16.05 -38.97 13.31
CA ALA C 232 17.31 -39.47 12.79
C ALA C 232 18.02 -38.42 11.96
N THR C 233 17.30 -37.69 11.10
CA THR C 233 17.90 -36.67 10.27
C THR C 233 18.39 -35.49 11.11
N VAL C 234 17.54 -34.96 11.97
CA VAL C 234 17.92 -33.80 12.77
C VAL C 234 19.08 -34.14 13.69
N GLY C 235 19.04 -35.31 14.32
CA GLY C 235 20.10 -35.77 15.20
C GLY C 235 21.42 -35.92 14.46
N ALA C 236 21.42 -36.57 13.29
CA ALA C 236 22.61 -36.70 12.46
C ALA C 236 23.19 -35.35 12.07
N ALA C 237 22.36 -34.37 11.70
CA ALA C 237 22.87 -33.04 11.33
C ALA C 237 23.44 -32.32 12.55
N ILE C 238 22.72 -32.37 13.65
CA ILE C 238 23.15 -31.71 14.88
C ILE C 238 24.48 -32.28 15.35
N ARG C 239 24.56 -33.61 15.40
CA ARG C 239 25.79 -34.29 15.83
C ARG C 239 26.94 -33.96 14.89
N ARG C 240 26.62 -33.74 13.62
CA ARG C 240 27.63 -33.42 12.61
C ARG C 240 28.20 -32.05 12.90
N LYS C 241 27.32 -31.11 13.24
CA LYS C 241 27.72 -29.74 13.56
C LYS C 241 28.54 -29.69 14.85
N GLU C 242 28.08 -30.41 15.88
CA GLU C 242 28.72 -30.30 17.19
C GLU C 242 30.17 -30.79 17.16
N ASN C 243 30.42 -31.89 16.45
CA ASN C 243 31.75 -32.46 16.39
C ASN C 243 32.68 -31.72 15.43
N GLY C 244 32.26 -30.55 14.94
CA GLY C 244 33.11 -29.74 14.09
C GLY C 244 33.15 -30.17 12.65
N TRP C 245 32.44 -31.23 12.27
CA TRP C 245 32.46 -31.71 10.90
C TRP C 245 31.44 -30.95 10.05
N TYR C 246 31.56 -29.63 10.02
CA TYR C 246 30.63 -28.79 9.29
C TYR C 246 31.36 -27.58 8.73
N ASP C 247 30.89 -27.08 7.60
CA ASP C 247 31.43 -25.86 7.02
C ASP C 247 30.92 -24.67 7.83
N GLU C 248 31.84 -23.84 8.31
CA GLU C 248 31.46 -22.69 9.12
C GLU C 248 30.97 -21.52 8.27
N GLU C 249 31.09 -21.61 6.95
CA GLU C 249 30.69 -20.49 6.11
C GLU C 249 29.18 -20.39 5.95
N HIS C 250 28.48 -21.52 5.93
CA HIS C 250 27.06 -21.56 5.63
C HIS C 250 26.28 -22.09 6.81
N PRO C 251 25.28 -21.35 7.31
CA PRO C 251 24.49 -21.85 8.43
C PRO C 251 23.65 -23.05 8.03
N LEU C 252 23.24 -23.81 9.03
CA LEU C 252 22.45 -25.02 8.84
C LEU C 252 20.97 -24.66 8.85
N VAL C 253 20.25 -25.12 7.84
CA VAL C 253 18.85 -24.77 7.64
C VAL C 253 18.02 -26.05 7.52
N PHE C 254 16.87 -26.07 8.17
CA PHE C 254 15.93 -27.18 8.07
C PHE C 254 14.56 -26.66 7.65
N LEU C 255 13.81 -27.43 6.86
CA LEU C 255 12.39 -27.18 6.58
C LEU C 255 11.59 -28.40 6.99
N PHE C 256 10.63 -28.23 7.89
CA PHE C 256 9.81 -29.30 8.44
C PHE C 256 8.47 -29.31 7.72
N LEU C 257 8.11 -30.42 7.10
CA LEU C 257 6.88 -30.59 6.34
C LEU C 257 6.07 -31.74 6.90
N GLY C 258 4.75 -31.63 6.91
CA GLY C 258 3.84 -32.71 7.23
C GLY C 258 2.48 -32.19 7.65
N SER C 259 1.53 -33.05 8.00
CA SER C 259 0.21 -32.63 8.47
C SER C 259 0.26 -31.86 9.79
N SER C 260 -0.87 -31.38 10.26
CA SER C 260 -0.99 -30.54 11.44
C SER C 260 -0.86 -31.37 12.71
N GLY C 261 -0.26 -30.75 13.74
CA GLY C 261 -0.21 -31.35 15.05
C GLY C 261 0.53 -32.67 15.10
N ILE C 262 1.72 -32.73 14.51
CA ILE C 262 2.52 -33.95 14.55
C ILE C 262 3.93 -33.66 15.02
N GLY C 263 4.10 -32.56 15.76
CA GLY C 263 5.33 -32.34 16.49
C GLY C 263 6.40 -31.51 15.80
N LYS C 264 6.08 -30.83 14.71
CA LYS C 264 7.07 -30.00 14.03
C LYS C 264 7.60 -28.93 14.97
N THR C 265 6.74 -28.02 15.40
CA THR C 265 7.17 -27.01 16.35
C THR C 265 7.65 -27.63 17.65
N GLU C 266 7.07 -28.76 18.04
CA GLU C 266 7.54 -29.45 19.22
C GLU C 266 8.99 -29.88 19.06
N LEU C 267 9.30 -30.50 17.92
CA LEU C 267 10.68 -30.91 17.68
C LEU C 267 11.61 -29.71 17.63
N ALA C 268 11.16 -28.61 17.03
CA ALA C 268 11.99 -27.41 16.98
C ALA C 268 12.28 -26.90 18.39
N LYS C 269 11.26 -26.86 19.25
CA LYS C 269 11.46 -26.40 20.62
C LYS C 269 12.42 -27.30 21.36
N GLN C 270 12.26 -28.61 21.22
CA GLN C 270 13.16 -29.54 21.91
C GLN C 270 14.60 -29.35 21.42
N THR C 271 14.77 -29.19 20.12
CA THR C 271 16.11 -28.97 19.59
C THR C 271 16.72 -27.69 20.13
N ALA C 272 15.92 -26.62 20.19
CA ALA C 272 16.43 -25.36 20.72
C ALA C 272 16.84 -25.52 22.19
N LYS C 273 16.01 -26.20 22.98
CA LYS C 273 16.33 -26.40 24.39
C LYS C 273 17.60 -27.22 24.53
N TYR C 274 17.76 -28.25 23.71
CA TYR C 274 18.97 -29.07 23.78
C TYR C 274 20.20 -28.26 23.44
N MET C 275 20.14 -27.50 22.34
CA MET C 275 21.30 -26.72 21.92
C MET C 275 21.66 -25.67 22.96
N HIS C 276 20.68 -24.89 23.40
CA HIS C 276 20.86 -23.91 24.47
C HIS C 276 20.02 -24.40 25.64
N LYS C 277 20.69 -24.82 26.71
CA LYS C 277 20.03 -25.58 27.76
C LYS C 277 18.79 -24.85 28.28
N ASP C 278 18.96 -23.59 28.68
CA ASP C 278 17.86 -22.79 29.18
C ASP C 278 17.81 -21.37 28.64
N ALA C 279 18.91 -20.83 28.13
CA ALA C 279 18.97 -19.43 27.71
C ALA C 279 17.82 -19.11 26.77
N LYS C 280 16.96 -18.17 27.19
CA LYS C 280 15.88 -17.74 26.33
C LYS C 280 16.42 -17.11 25.04
N LYS C 281 17.48 -16.31 25.16
CA LYS C 281 18.07 -15.69 23.98
C LYS C 281 18.59 -16.72 22.99
N GLY C 282 18.83 -17.95 23.44
CA GLY C 282 19.31 -18.99 22.54
C GLY C 282 18.26 -19.48 21.56
N PHE C 283 16.98 -19.28 21.87
CA PHE C 283 15.87 -19.72 21.02
C PHE C 283 15.09 -18.49 20.58
N ILE C 284 14.89 -18.35 19.28
CA ILE C 284 14.23 -17.19 18.70
C ILE C 284 13.01 -17.68 17.95
N ARG C 285 11.84 -17.14 18.31
CA ARG C 285 10.59 -17.46 17.63
C ARG C 285 10.24 -16.37 16.63
N LEU C 286 9.64 -16.77 15.52
CA LEU C 286 9.10 -15.83 14.54
C LEU C 286 7.83 -16.44 13.97
N ASP C 287 6.69 -15.84 14.28
CA ASP C 287 5.41 -16.30 13.76
C ASP C 287 5.24 -15.67 12.38
N MET C 288 5.54 -16.45 11.34
CA MET C 288 5.53 -15.91 9.99
C MET C 288 4.12 -15.50 9.57
N SER C 289 3.09 -15.90 10.31
CA SER C 289 1.74 -15.50 9.99
C SER C 289 1.54 -14.00 10.11
N GLU C 290 2.45 -13.30 10.78
CA GLU C 290 2.40 -11.85 10.92
C GLU C 290 3.12 -11.13 9.78
N PHE C 291 3.57 -11.88 8.77
CA PHE C 291 4.32 -11.30 7.67
C PHE C 291 3.60 -11.57 6.35
N GLN C 292 2.27 -11.44 6.30
CA GLN C 292 1.41 -11.72 5.14
C GLN C 292 1.46 -10.70 3.99
N GLU C 293 2.19 -9.61 4.14
CA GLU C 293 2.40 -8.49 3.24
C GLU C 293 3.89 -8.18 3.10
N ARG C 294 4.31 -7.64 1.95
CA ARG C 294 5.71 -7.37 1.64
C ARG C 294 6.30 -6.37 2.63
N HIS C 295 5.58 -5.29 2.87
CA HIS C 295 6.08 -4.17 3.68
C HIS C 295 6.40 -4.61 5.09
N GLU C 296 5.85 -5.73 5.55
CA GLU C 296 6.12 -6.19 6.91
C GLU C 296 7.56 -6.67 7.08
N VAL C 297 8.28 -6.86 5.98
CA VAL C 297 9.67 -7.28 6.07
C VAL C 297 10.51 -6.27 6.86
N ALA C 298 10.04 -5.03 6.97
CA ALA C 298 10.80 -4.02 7.71
C ALA C 298 11.01 -4.45 9.16
N LYS C 299 10.13 -5.28 9.70
CA LYS C 299 10.30 -5.76 11.06
C LYS C 299 11.62 -6.50 11.22
N PHE C 300 12.07 -7.19 10.18
CA PHE C 300 13.34 -7.90 10.25
C PHE C 300 14.50 -6.95 10.50
N ILE C 301 14.57 -5.87 9.71
CA ILE C 301 15.75 -5.03 9.64
C ILE C 301 15.53 -3.61 10.12
N GLY C 302 14.28 -3.22 10.38
CA GLY C 302 14.00 -1.87 10.83
C GLY C 302 13.87 -0.89 9.68
N SER C 303 13.41 0.31 10.01
CA SER C 303 13.13 1.31 9.00
C SER C 303 14.43 1.98 8.54
N PRO C 304 14.44 2.55 7.33
CA PRO C 304 15.64 3.22 6.84
C PRO C 304 15.90 4.50 7.61
N PRO C 305 17.03 5.17 7.36
CA PRO C 305 17.30 6.43 8.03
C PRO C 305 16.24 7.47 7.69
N GLY C 306 15.91 8.31 8.67
CA GLY C 306 14.93 9.37 8.48
C GLY C 306 13.50 8.97 8.65
N TYR C 307 13.22 7.72 9.03
CA TYR C 307 11.86 7.22 9.14
C TYR C 307 11.55 6.80 10.57
N VAL C 308 10.26 6.82 10.90
CA VAL C 308 9.82 6.52 12.26
C VAL C 308 10.32 5.14 12.67
N GLY C 309 10.86 5.05 13.89
CA GLY C 309 11.38 3.80 14.39
C GLY C 309 12.77 3.46 13.91
N HIS C 310 13.41 4.34 13.14
CA HIS C 310 14.73 4.03 12.61
C HIS C 310 15.76 3.84 13.71
N GLU C 311 15.67 4.64 14.78
CA GLU C 311 16.66 4.55 15.84
C GLU C 311 16.74 3.14 16.41
N GLU C 312 15.64 2.41 16.40
CA GLU C 312 15.66 0.99 16.74
C GLU C 312 16.09 0.19 15.52
N GLY C 313 17.04 -0.70 15.71
CA GLY C 313 17.49 -1.57 14.64
C GLY C 313 16.50 -2.67 14.38
N GLY C 314 16.84 -3.52 13.41
CA GLY C 314 16.03 -4.67 13.10
C GLY C 314 15.82 -5.56 14.31
N GLN C 315 14.58 -5.96 14.56
CA GLN C 315 14.29 -6.81 15.70
C GLN C 315 15.06 -8.12 15.61
N LEU C 316 14.98 -8.79 14.46
CA LEU C 316 15.72 -10.04 14.28
C LEU C 316 17.21 -9.79 14.36
N THR C 317 17.68 -8.67 13.81
CA THR C 317 19.10 -8.36 13.89
C THR C 317 19.55 -8.23 15.34
N LYS C 318 18.76 -7.52 16.15
CA LYS C 318 19.10 -7.40 17.57
C LYS C 318 19.12 -8.76 18.24
N LYS C 319 18.09 -9.57 18.01
CA LYS C 319 18.02 -10.87 18.66
C LYS C 319 19.22 -11.73 18.28
N LEU C 320 19.56 -11.76 17.00
CA LEU C 320 20.69 -12.55 16.55
C LEU C 320 22.00 -12.04 17.13
N LYS C 321 22.15 -10.71 17.20
CA LYS C 321 23.35 -10.15 17.79
C LYS C 321 23.50 -10.57 19.24
N GLN C 322 22.40 -10.61 19.98
CA GLN C 322 22.46 -11.04 21.36
C GLN C 322 22.92 -12.49 21.49
N CYS C 323 22.68 -13.30 20.46
CA CYS C 323 23.06 -14.72 20.48
C CYS C 323 23.38 -15.16 19.06
N PRO C 324 24.63 -15.03 18.63
CA PRO C 324 24.95 -15.37 17.24
C PRO C 324 24.61 -16.81 16.86
N ASN C 325 24.76 -17.76 17.78
CA ASN C 325 24.54 -19.16 17.48
C ASN C 325 23.18 -19.65 17.97
N ALA C 326 22.18 -18.78 17.94
CA ALA C 326 20.86 -19.15 18.40
C ALA C 326 20.19 -20.11 17.41
N VAL C 327 19.06 -20.67 17.82
CA VAL C 327 18.22 -21.49 16.97
C VAL C 327 17.01 -20.66 16.59
N VAL C 328 16.84 -20.41 15.30
CA VAL C 328 15.79 -19.54 14.79
C VAL C 328 14.69 -20.41 14.21
N LEU C 329 13.46 -20.14 14.61
CA LEU C 329 12.29 -20.91 14.17
C LEU C 329 11.33 -19.98 13.45
N PHE C 330 11.26 -20.11 12.12
CA PHE C 330 10.27 -19.40 11.32
C PHE C 330 9.04 -20.30 11.21
N ASP C 331 8.17 -20.19 12.22
CA ASP C 331 6.99 -21.04 12.28
C ASP C 331 5.96 -20.60 11.25
N GLU C 332 5.31 -21.58 10.61
CA GLU C 332 4.30 -21.31 9.61
C GLU C 332 4.84 -20.43 8.50
N VAL C 333 5.98 -20.81 7.92
CA VAL C 333 6.66 -20.03 6.89
C VAL C 333 5.83 -19.86 5.62
N ASP C 334 4.91 -20.77 5.35
CA ASP C 334 4.00 -20.70 4.20
C ASP C 334 2.94 -19.61 4.33
N LYS C 335 2.74 -19.05 5.54
CA LYS C 335 1.82 -17.95 5.79
C LYS C 335 2.47 -16.59 5.54
N ALA C 336 3.80 -16.51 5.38
CA ALA C 336 4.46 -15.29 4.97
C ALA C 336 4.14 -14.96 3.50
N HIS C 337 4.16 -13.68 3.16
CA HIS C 337 4.18 -13.21 1.79
C HIS C 337 5.47 -13.69 1.15
N PRO C 338 5.45 -14.24 -0.07
CA PRO C 338 6.64 -14.82 -0.68
C PRO C 338 7.76 -13.80 -0.96
N ASP C 339 7.48 -12.50 -1.08
CA ASP C 339 8.54 -11.50 -1.16
C ASP C 339 9.22 -11.29 0.20
N VAL C 340 8.59 -11.65 1.31
CA VAL C 340 9.24 -11.54 2.61
C VAL C 340 10.33 -12.60 2.75
N LEU C 341 10.11 -13.79 2.19
CA LEU C 341 11.08 -14.88 2.19
C LEU C 341 12.39 -14.52 1.49
N THR C 342 12.35 -13.55 0.59
CA THR C 342 13.51 -13.02 -0.10
C THR C 342 14.55 -12.48 0.86
N ILE C 343 14.14 -11.96 2.02
CA ILE C 343 15.10 -11.44 2.99
C ILE C 343 15.96 -12.55 3.55
N MET C 344 15.50 -13.80 3.49
CA MET C 344 16.18 -14.96 4.05
C MET C 344 17.22 -15.55 3.11
N LEU C 345 17.33 -15.10 1.86
CA LEU C 345 18.28 -15.64 0.90
C LEU C 345 19.71 -15.52 1.42
N GLN C 346 20.13 -14.35 1.82
CA GLN C 346 21.48 -14.16 2.35
C GLN C 346 21.60 -14.75 3.76
N LEU C 347 20.52 -14.68 4.53
CA LEU C 347 20.56 -15.20 5.89
C LEU C 347 20.85 -16.70 5.89
N PHE C 348 20.22 -17.46 5.00
CA PHE C 348 20.42 -18.90 4.88
C PHE C 348 21.68 -19.28 4.13
N ASP C 349 22.14 -18.44 3.19
CA ASP C 349 23.33 -18.79 2.43
C ASP C 349 24.62 -18.45 3.16
N GLU C 350 24.66 -17.31 3.85
CA GLU C 350 25.90 -16.84 4.45
C GLU C 350 25.72 -16.32 5.88
N GLY C 351 24.51 -16.34 6.41
CA GLY C 351 24.28 -15.80 7.73
C GLY C 351 24.60 -14.34 7.85
N ARG C 352 24.28 -13.55 6.82
CA ARG C 352 24.49 -12.11 6.82
C ARG C 352 23.14 -11.42 6.77
N LEU C 353 22.99 -10.37 7.59
CA LEU C 353 21.79 -9.55 7.57
C LEU C 353 22.17 -8.16 8.04
N THR C 354 21.81 -7.15 7.24
CA THR C 354 22.15 -5.76 7.52
C THR C 354 20.90 -5.02 7.97
N ASP C 355 20.95 -4.45 9.17
CA ASP C 355 19.81 -3.71 9.69
C ASP C 355 19.63 -2.40 8.93
N GLY C 356 18.61 -1.64 9.31
CA GLY C 356 18.36 -0.37 8.67
C GLY C 356 19.46 0.66 8.89
N LYS C 357 20.31 0.43 9.88
CA LYS C 357 21.38 1.36 10.20
C LYS C 357 22.71 0.96 9.56
N GLY C 358 22.70 -0.05 8.70
CA GLY C 358 23.91 -0.44 8.00
C GLY C 358 24.82 -1.40 8.74
N LYS C 359 24.40 -1.89 9.90
CA LYS C 359 25.20 -2.84 10.66
C LYS C 359 24.86 -4.26 10.22
N THR C 360 25.88 -5.02 9.87
CA THR C 360 25.71 -6.39 9.39
C THR C 360 25.88 -7.35 10.55
N ILE C 361 24.99 -8.34 10.63
CA ILE C 361 25.01 -9.34 11.68
C ILE C 361 25.61 -10.62 11.13
N ASP C 362 26.57 -11.20 11.85
CA ASP C 362 27.17 -12.47 11.47
C ASP C 362 26.54 -13.56 12.30
N CYS C 363 25.87 -14.50 11.64
CA CYS C 363 25.20 -15.62 12.30
C CYS C 363 25.46 -16.91 11.54
N LYS C 364 26.72 -17.10 11.12
CA LYS C 364 27.05 -18.26 10.30
C LYS C 364 26.87 -19.57 11.03
N ASP C 365 26.90 -19.56 12.37
CA ASP C 365 26.82 -20.79 13.15
C ASP C 365 25.42 -21.04 13.71
N ALA C 366 24.45 -20.18 13.38
CA ALA C 366 23.09 -20.38 13.85
C ALA C 366 22.45 -21.54 13.11
N ILE C 367 21.32 -22.01 13.66
CA ILE C 367 20.52 -23.07 13.06
C ILE C 367 19.14 -22.52 12.79
N PHE C 368 18.70 -22.63 11.54
CA PHE C 368 17.40 -22.12 11.11
C PHE C 368 16.45 -23.30 10.88
N ILE C 369 15.26 -23.21 11.46
CA ILE C 369 14.23 -24.23 11.30
C ILE C 369 12.98 -23.56 10.77
N MET C 370 12.42 -24.04 9.67
CA MET C 370 11.17 -23.59 9.13
C MET C 370 10.16 -24.70 9.29
N THR C 371 8.90 -24.39 9.51
CA THR C 371 7.81 -25.35 9.66
C THR C 371 6.63 -24.90 8.81
N SER C 372 6.04 -25.81 8.07
CA SER C 372 4.82 -25.59 7.31
C SER C 372 4.15 -26.91 7.03
N ASN C 373 2.91 -26.85 6.58
CA ASN C 373 2.15 -28.01 6.12
C ASN C 373 1.78 -27.89 4.63
N VAL C 374 2.67 -27.31 3.82
CA VAL C 374 2.45 -26.98 2.39
C VAL C 374 1.99 -28.18 1.56
N ALA C 375 2.70 -29.31 1.66
CA ALA C 375 2.41 -30.50 0.87
C ALA C 375 1.73 -31.60 1.70
N SER C 376 1.01 -31.21 2.76
CA SER C 376 0.57 -32.14 3.81
C SER C 376 -0.46 -33.16 3.37
N ASP C 377 -1.36 -32.83 2.44
CA ASP C 377 -2.24 -33.83 1.83
C ASP C 377 -1.41 -34.87 1.06
N GLU C 378 -0.44 -34.44 0.28
CA GLU C 378 0.40 -35.29 -0.54
C GLU C 378 1.35 -36.15 0.30
N ILE C 379 1.84 -35.65 1.45
CA ILE C 379 2.66 -36.41 2.41
C ILE C 379 1.80 -37.43 3.14
N ALA C 380 0.64 -37.04 3.66
CA ALA C 380 -0.29 -37.94 4.33
C ALA C 380 -0.83 -39.01 3.38
N GLN C 381 -1.12 -38.67 2.12
CA GLN C 381 -1.49 -39.65 1.10
C GLN C 381 -0.36 -40.64 0.81
N HIS C 382 0.91 -40.22 0.83
CA HIS C 382 2.03 -41.15 0.65
C HIS C 382 2.24 -42.10 1.84
N ALA C 383 1.72 -41.78 3.02
CA ALA C 383 1.63 -42.73 4.13
C ALA C 383 0.64 -43.89 3.86
N LEU C 384 -0.07 -43.92 2.72
CA LEU C 384 -0.67 -45.16 2.20
C LEU C 384 0.37 -46.26 1.92
N GLN C 385 1.67 -45.96 1.89
CA GLN C 385 2.71 -46.99 1.98
C GLN C 385 2.61 -47.84 3.25
N LEU C 386 2.15 -47.31 4.39
CA LEU C 386 1.88 -48.12 5.59
C LEU C 386 0.77 -49.15 5.33
N ARG C 387 -0.21 -48.79 4.48
CA ARG C 387 -1.34 -49.64 4.05
C ARG C 387 -0.96 -50.67 2.98
N GLN C 388 0.24 -50.63 2.41
CA GLN C 388 0.62 -51.51 1.28
C GLN C 388 0.80 -52.98 1.70
N GLU C 389 1.21 -53.24 2.93
CA GLU C 389 1.30 -54.59 3.55
C GLU C 389 1.99 -55.65 2.66
N ALA C 390 3.19 -55.34 2.14
CA ALA C 390 3.87 -56.17 1.16
C ALA C 390 4.15 -57.56 1.70
N LEU C 391 4.44 -57.66 3.00
CA LEU C 391 4.71 -58.97 3.60
C LEU C 391 3.51 -59.89 3.52
N GLU C 392 2.31 -59.36 3.33
CA GLU C 392 1.11 -60.17 3.25
C GLU C 392 0.80 -60.55 1.81
N ILE C 413 11.21 -43.51 4.49
CA ILE C 413 10.08 -44.20 3.85
C ILE C 413 9.59 -43.43 2.61
N SER C 414 9.67 -42.10 2.59
CA SER C 414 9.42 -41.29 1.38
C SER C 414 10.56 -41.45 0.37
N LYS C 415 10.21 -41.64 -0.91
CA LYS C 415 11.17 -41.92 -2.00
C LYS C 415 11.69 -40.64 -2.64
N ASN C 416 12.86 -40.68 -3.28
CA ASN C 416 13.43 -39.53 -4.01
C ASN C 416 12.47 -39.00 -5.07
N PHE C 417 11.76 -39.88 -5.76
CA PHE C 417 10.79 -39.52 -6.79
C PHE C 417 9.52 -38.90 -6.23
N LYS C 418 9.10 -39.27 -5.01
CA LYS C 418 8.08 -38.52 -4.27
C LYS C 418 8.57 -37.13 -3.89
N GLU C 419 9.80 -36.97 -3.44
CA GLU C 419 10.35 -35.65 -3.16
C GLU C 419 10.42 -34.77 -4.43
N ASN C 420 10.54 -35.36 -5.61
CA ASN C 420 10.38 -34.69 -6.92
C ASN C 420 8.91 -34.58 -7.43
N VAL C 421 7.93 -35.06 -6.66
CA VAL C 421 6.49 -34.70 -6.72
C VAL C 421 6.10 -33.68 -5.64
N ILE C 422 6.88 -33.63 -4.57
CA ILE C 422 6.63 -32.68 -3.49
C ILE C 422 7.34 -31.36 -3.79
N ARG C 423 8.21 -31.37 -4.78
CA ARG C 423 8.97 -30.19 -5.17
C ARG C 423 8.12 -29.15 -5.90
N PRO C 424 7.41 -29.57 -6.96
CA PRO C 424 6.54 -28.69 -7.74
C PRO C 424 5.59 -27.91 -6.83
N ILE C 425 5.18 -28.56 -5.75
CA ILE C 425 4.29 -27.95 -4.76
C ILE C 425 5.06 -26.91 -3.94
N LEU C 426 6.29 -27.23 -3.54
CA LEU C 426 7.18 -26.28 -2.88
C LEU C 426 7.46 -25.08 -3.76
N LYS C 427 7.88 -25.24 -5.03
CA LYS C 427 8.11 -24.09 -5.91
C LYS C 427 6.84 -23.29 -6.20
N ALA C 428 5.68 -23.93 -6.36
CA ALA C 428 4.43 -23.22 -6.55
C ALA C 428 4.08 -22.30 -5.36
N HIS C 429 4.46 -22.67 -4.13
CA HIS C 429 4.26 -21.86 -2.94
C HIS C 429 5.41 -20.88 -2.69
N PHE C 430 6.61 -21.41 -2.50
CA PHE C 430 7.87 -20.70 -2.30
C PHE C 430 8.50 -20.43 -3.68
N ARG C 431 8.16 -19.31 -4.31
CA ARG C 431 8.26 -19.09 -5.77
C ARG C 431 9.65 -19.36 -6.39
N ARG C 432 10.71 -19.26 -5.60
CA ARG C 432 12.10 -19.11 -6.03
C ARG C 432 12.92 -20.37 -5.81
N ASP C 433 13.57 -20.89 -6.85
CA ASP C 433 14.49 -22.02 -6.72
C ASP C 433 15.72 -21.70 -5.89
N GLU C 434 16.18 -20.44 -5.91
CA GLU C 434 17.29 -20.02 -5.07
C GLU C 434 16.95 -19.97 -3.60
N PHE C 435 15.68 -19.93 -3.20
CA PHE C 435 15.26 -20.09 -1.80
C PHE C 435 15.32 -21.56 -1.35
N LEU C 436 14.73 -22.46 -2.13
CA LEU C 436 14.74 -23.89 -1.84
C LEU C 436 16.13 -24.52 -1.92
N GLY C 437 16.97 -24.01 -2.81
CA GLY C 437 18.31 -24.52 -2.98
C GLY C 437 19.26 -24.08 -1.87
N ARG C 438 18.70 -23.40 -0.87
CA ARG C 438 19.50 -22.93 0.25
C ARG C 438 19.29 -23.80 1.48
N ILE C 439 18.17 -24.52 1.51
CA ILE C 439 17.86 -25.41 2.63
C ILE C 439 18.72 -26.66 2.60
N ASN C 440 19.32 -26.98 3.74
CA ASN C 440 20.18 -28.16 3.85
C ASN C 440 19.37 -29.45 3.82
N GLU C 441 18.24 -29.49 4.54
CA GLU C 441 17.48 -30.72 4.69
C GLU C 441 16.00 -30.41 4.68
N ILE C 442 15.22 -31.24 3.99
CA ILE C 442 13.76 -31.22 4.08
C ILE C 442 13.37 -32.41 4.93
N VAL C 443 12.69 -32.16 6.05
CA VAL C 443 12.29 -33.18 7.01
C VAL C 443 10.80 -33.42 6.86
N TYR C 444 10.42 -34.68 6.68
CA TYR C 444 9.05 -35.11 6.49
C TYR C 444 8.57 -35.75 7.77
N PHE C 445 7.45 -35.25 8.27
CA PHE C 445 6.79 -35.76 9.44
C PHE C 445 5.55 -36.49 8.96
N LEU C 446 5.42 -37.76 9.33
CA LEU C 446 4.35 -38.62 8.83
C LEU C 446 3.17 -38.64 9.80
N PRO C 447 1.95 -38.97 9.36
CA PRO C 447 0.83 -39.24 10.25
C PRO C 447 1.12 -40.44 11.16
N PHE C 448 0.64 -40.41 12.38
CA PHE C 448 0.88 -41.51 13.34
C PHE C 448 0.18 -42.80 12.92
N CYS C 449 0.82 -43.94 13.14
CA CYS C 449 0.20 -45.27 13.10
C CYS C 449 -0.46 -45.61 14.44
N HIS C 450 -1.33 -46.62 14.50
CA HIS C 450 -2.16 -46.91 15.69
C HIS C 450 -1.38 -47.06 17.00
N SER C 451 -0.24 -47.72 17.02
CA SER C 451 0.61 -47.85 18.19
C SER C 451 1.07 -46.49 18.68
N GLU C 452 1.43 -45.58 17.80
CA GLU C 452 1.83 -44.22 18.16
C GLU C 452 0.67 -43.43 18.73
N LEU C 453 -0.57 -43.73 18.32
CA LEU C 453 -1.73 -43.12 18.96
C LEU C 453 -1.87 -43.62 20.40
N ILE C 454 -1.69 -44.92 20.60
CA ILE C 454 -1.75 -45.46 21.95
C ILE C 454 -0.68 -44.83 22.82
N GLN C 455 0.52 -44.68 22.28
CA GLN C 455 1.60 -44.04 23.03
C GLN C 455 1.25 -42.62 23.39
N LEU C 456 0.66 -41.87 22.46
CA LEU C 456 0.26 -40.49 22.74
C LEU C 456 -0.78 -40.44 23.86
N VAL C 457 -1.77 -41.32 23.80
CA VAL C 457 -2.80 -41.33 24.84
C VAL C 457 -2.17 -41.65 26.19
N ASN C 458 -1.29 -42.64 26.22
CA ASN C 458 -0.62 -42.98 27.47
C ASN C 458 0.22 -41.81 27.98
N LYS C 459 0.89 -41.11 27.08
CA LYS C 459 1.69 -39.96 27.48
C LYS C 459 0.83 -38.87 28.09
N GLU C 460 -0.32 -38.58 27.47
CA GLU C 460 -1.20 -37.55 28.01
C GLU C 460 -1.74 -37.96 29.37
N LEU C 461 -2.17 -39.22 29.51
CA LEU C 461 -2.67 -39.69 30.78
C LEU C 461 -1.59 -39.64 31.85
N ASN C 462 -0.35 -39.99 31.48
CA ASN C 462 0.75 -39.91 32.43
C ASN C 462 1.02 -38.48 32.85
N PHE C 463 0.93 -37.54 31.91
CA PHE C 463 1.09 -36.13 32.26
C PHE C 463 0.05 -35.71 33.28
N TRP C 464 -1.21 -36.05 33.03
CA TRP C 464 -2.27 -35.67 33.96
C TRP C 464 -2.08 -36.36 35.30
N ALA C 465 -1.66 -37.63 35.30
CA ALA C 465 -1.44 -38.34 36.55
C ALA C 465 -0.32 -37.71 37.35
N LYS C 466 0.78 -37.32 36.68
CA LYS C 466 1.86 -36.65 37.38
C LYS C 466 1.37 -35.34 37.98
N ARG C 467 0.61 -34.56 37.21
CA ARG C 467 0.11 -33.29 37.72
C ARG C 467 -0.76 -33.52 38.95
N ALA C 468 -1.67 -34.50 38.88
CA ALA C 468 -2.56 -34.76 40.00
C ALA C 468 -1.77 -35.21 41.23
N LYS C 469 -0.84 -36.14 41.05
CA LYS C 469 -0.06 -36.63 42.17
C LYS C 469 0.73 -35.50 42.82
N GLN C 470 1.37 -34.66 42.01
CA GLN C 470 2.18 -33.58 42.56
C GLN C 470 1.30 -32.57 43.29
N ARG C 471 0.22 -32.13 42.66
CA ARG C 471 -0.56 -31.03 43.22
C ARG C 471 -1.36 -31.49 44.44
N HIS C 472 -2.02 -32.64 44.36
CA HIS C 472 -2.96 -33.06 45.39
C HIS C 472 -2.66 -34.45 45.94
N ASN C 473 -1.51 -35.03 45.62
CA ASN C 473 -1.13 -36.34 46.13
C ASN C 473 -2.10 -37.43 45.71
N ILE C 474 -2.91 -37.18 44.69
CA ILE C 474 -3.88 -38.15 44.23
C ILE C 474 -3.19 -39.13 43.27
N THR C 475 -3.34 -40.42 43.54
CA THR C 475 -2.80 -41.45 42.67
C THR C 475 -3.83 -41.79 41.60
N LEU C 476 -3.38 -41.83 40.34
CA LEU C 476 -4.25 -42.04 39.20
C LEU C 476 -3.80 -43.27 38.43
N LEU C 477 -4.74 -44.15 38.12
CA LEU C 477 -4.47 -45.37 37.37
C LEU C 477 -5.54 -45.55 36.31
N TRP C 478 -5.17 -46.29 35.25
CA TRP C 478 -6.11 -46.55 34.17
C TRP C 478 -5.83 -47.92 33.58
N ASP C 479 -6.90 -48.60 33.18
CA ASP C 479 -6.76 -49.89 32.53
C ASP C 479 -6.28 -49.71 31.10
N ARG C 480 -5.79 -50.81 30.52
CA ARG C 480 -5.30 -50.76 29.15
C ARG C 480 -6.39 -50.34 28.18
N GLU C 481 -7.64 -50.72 28.46
CA GLU C 481 -8.73 -50.41 27.54
C GLU C 481 -9.08 -48.93 27.52
N VAL C 482 -8.65 -48.17 28.53
CA VAL C 482 -8.93 -46.74 28.54
C VAL C 482 -8.30 -46.07 27.32
N ALA C 483 -7.05 -46.42 27.03
CA ALA C 483 -6.39 -45.86 25.86
C ALA C 483 -7.11 -46.26 24.58
N ASP C 484 -7.55 -47.51 24.49
CA ASP C 484 -8.26 -47.96 23.30
C ASP C 484 -9.54 -47.15 23.11
N VAL C 485 -10.27 -46.89 24.20
CA VAL C 485 -11.47 -46.08 24.10
C VAL C 485 -11.13 -44.66 23.67
N LEU C 486 -10.08 -44.08 24.26
CA LEU C 486 -9.76 -42.69 24.00
C LEU C 486 -9.31 -42.47 22.55
N VAL C 487 -8.51 -43.39 22.01
CA VAL C 487 -7.96 -43.19 20.67
C VAL C 487 -9.06 -43.00 19.63
N ASP C 488 -10.27 -43.48 19.92
CA ASP C 488 -11.37 -43.32 18.96
C ASP C 488 -11.67 -41.86 18.69
N GLY C 489 -11.26 -40.95 19.57
CA GLY C 489 -11.42 -39.54 19.34
C GLY C 489 -10.39 -38.93 18.42
N TYR C 490 -9.44 -39.73 17.94
CA TYR C 490 -8.40 -39.22 17.07
C TYR C 490 -8.99 -38.67 15.77
N ASN C 491 -8.47 -37.53 15.34
CA ASN C 491 -8.84 -36.92 14.07
C ASN C 491 -7.55 -36.70 13.28
N VAL C 492 -7.39 -37.43 12.18
CA VAL C 492 -6.18 -37.37 11.34
C VAL C 492 -5.90 -35.96 10.83
N HIS C 493 -6.94 -35.13 10.69
CA HIS C 493 -6.74 -33.77 10.24
C HIS C 493 -6.10 -32.89 11.30
N TYR C 494 -6.23 -33.26 12.58
CA TYR C 494 -5.72 -32.43 13.67
C TYR C 494 -4.54 -33.04 14.39
N GLY C 495 -4.30 -34.34 14.28
CA GLY C 495 -3.12 -34.92 14.87
C GLY C 495 -3.22 -35.04 16.39
N ALA C 496 -2.07 -34.83 17.04
CA ALA C 496 -1.98 -35.09 18.48
C ALA C 496 -2.95 -34.22 19.27
N ARG C 497 -3.08 -32.95 18.89
CA ARG C 497 -3.92 -32.05 19.67
C ARG C 497 -5.35 -32.56 19.74
N SER C 498 -5.78 -33.36 18.76
CA SER C 498 -7.09 -34.00 18.87
C SER C 498 -7.15 -34.94 20.06
N ILE C 499 -6.10 -35.77 20.23
CA ILE C 499 -6.04 -36.65 21.38
C ILE C 499 -5.98 -35.83 22.66
N LYS C 500 -5.19 -34.77 22.65
CA LYS C 500 -5.11 -33.89 23.82
C LYS C 500 -6.49 -33.40 24.23
N HIS C 501 -7.24 -32.84 23.27
CA HIS C 501 -8.56 -32.31 23.57
C HIS C 501 -9.51 -33.41 24.01
N GLU C 502 -9.46 -34.58 23.37
CA GLU C 502 -10.35 -35.66 23.75
C GLU C 502 -10.10 -36.08 25.20
N VAL C 503 -8.85 -36.32 25.54
CA VAL C 503 -8.51 -36.72 26.90
C VAL C 503 -8.97 -35.66 27.89
N GLU C 504 -8.62 -34.40 27.63
CA GLU C 504 -9.07 -33.33 28.50
C GLU C 504 -10.58 -33.41 28.67
N ARG C 505 -11.32 -33.27 27.58
CA ARG C 505 -12.77 -33.16 27.63
C ARG C 505 -13.39 -34.28 28.44
N ARG C 506 -13.03 -35.53 28.15
CA ARG C 506 -13.77 -36.66 28.70
C ARG C 506 -13.06 -37.37 29.85
N VAL C 507 -11.99 -36.80 30.40
CA VAL C 507 -11.45 -37.31 31.65
C VAL C 507 -11.26 -36.18 32.65
N VAL C 508 -10.55 -35.13 32.22
CA VAL C 508 -10.18 -34.08 33.16
C VAL C 508 -11.41 -33.33 33.63
N ASN C 509 -12.46 -33.28 32.81
CA ASN C 509 -13.70 -32.65 33.26
C ASN C 509 -14.28 -33.39 34.46
N GLN C 510 -14.35 -34.72 34.39
CA GLN C 510 -14.80 -35.50 35.52
C GLN C 510 -13.88 -35.32 36.71
N LEU C 511 -12.57 -35.31 36.46
CA LEU C 511 -11.62 -35.15 37.56
C LEU C 511 -11.85 -33.82 38.28
N ALA C 512 -11.97 -32.74 37.52
CA ALA C 512 -12.18 -31.42 38.13
C ALA C 512 -13.51 -31.36 38.85
N ALA C 513 -14.56 -31.95 38.26
CA ALA C 513 -15.86 -31.94 38.92
C ALA C 513 -15.79 -32.65 40.25
N ALA C 514 -15.13 -33.80 40.29
CA ALA C 514 -14.97 -34.52 41.56
C ALA C 514 -14.14 -33.71 42.54
N TYR C 515 -13.06 -33.10 42.07
CA TYR C 515 -12.19 -32.35 42.97
C TYR C 515 -12.93 -31.19 43.61
N GLU C 516 -13.68 -30.42 42.81
CA GLU C 516 -14.47 -29.34 43.37
C GLU C 516 -15.52 -29.86 44.33
N GLN C 517 -16.09 -31.03 44.01
CA GLN C 517 -17.06 -31.65 44.90
C GLN C 517 -16.43 -32.18 46.18
N ASP C 518 -15.09 -32.19 46.26
CA ASP C 518 -14.38 -32.67 47.44
C ASP C 518 -14.55 -34.18 47.64
N LEU C 519 -14.74 -34.91 46.55
CA LEU C 519 -14.83 -36.36 46.58
C LEU C 519 -13.46 -37.02 46.36
N LEU C 520 -12.38 -36.26 46.44
CA LEU C 520 -11.03 -36.76 46.20
C LEU C 520 -10.15 -36.39 47.39
N PRO C 521 -10.24 -37.13 48.49
CA PRO C 521 -9.38 -36.84 49.64
C PRO C 521 -7.91 -36.99 49.27
N GLY C 522 -7.08 -36.13 49.84
CA GLY C 522 -5.66 -36.15 49.57
C GLY C 522 -5.05 -37.50 49.83
N GLY C 523 -4.23 -37.99 48.90
CA GLY C 523 -3.62 -39.28 49.03
C GLY C 523 -4.48 -40.44 48.58
N CYS C 524 -5.71 -40.19 48.14
CA CYS C 524 -6.57 -41.27 47.70
C CYS C 524 -6.09 -41.84 46.37
N THR C 525 -6.54 -43.05 46.07
CA THR C 525 -6.21 -43.74 44.84
C THR C 525 -7.44 -43.78 43.95
N LEU C 526 -7.31 -43.27 42.72
CA LEU C 526 -8.39 -43.20 41.75
C LEU C 526 -7.99 -43.99 40.52
N ARG C 527 -8.85 -44.91 40.10
CA ARG C 527 -8.61 -45.72 38.91
C ARG C 527 -9.76 -45.55 37.94
N ILE C 528 -9.43 -45.32 36.68
CA ILE C 528 -10.43 -45.14 35.64
C ILE C 528 -10.83 -46.50 35.09
N THR C 529 -12.13 -46.72 34.96
CA THR C 529 -12.66 -47.94 34.38
C THR C 529 -13.32 -47.62 33.05
N VAL C 530 -13.54 -48.67 32.25
CA VAL C 530 -13.93 -48.52 30.86
C VAL C 530 -15.37 -48.96 30.68
N GLU C 531 -16.20 -48.02 30.24
CA GLU C 531 -17.51 -48.31 29.65
C GLU C 531 -17.55 -47.61 28.31
N ASP C 532 -18.71 -47.53 27.66
CA ASP C 532 -18.82 -46.65 26.51
C ASP C 532 -18.46 -45.22 26.90
N SER C 533 -18.65 -44.86 28.17
CA SER C 533 -18.09 -43.67 28.79
C SER C 533 -17.02 -44.08 29.79
N ASP C 534 -16.48 -43.11 30.50
CA ASP C 534 -15.41 -43.33 31.46
C ASP C 534 -15.92 -43.07 32.87
N LYS C 535 -15.69 -44.03 33.76
CA LYS C 535 -16.05 -43.92 35.16
C LYS C 535 -14.80 -43.88 36.02
N GLN C 536 -14.94 -43.30 37.21
CA GLN C 536 -13.84 -43.17 38.16
C GLN C 536 -14.18 -43.91 39.44
N LEU C 537 -13.27 -44.77 39.90
CA LEU C 537 -13.43 -45.51 41.13
C LEU C 537 -12.45 -44.99 42.17
N LEU C 538 -12.96 -44.63 43.34
CA LEU C 538 -12.13 -44.09 44.42
C LEU C 538 -11.50 -45.23 45.20
N LYS C 539 -10.51 -45.86 44.58
CA LYS C 539 -9.73 -46.98 45.10
C LYS C 539 -10.52 -48.29 45.06
N SER C 540 -11.82 -48.25 44.74
CA SER C 540 -12.63 -49.46 44.65
C SER C 540 -14.08 -49.09 44.36
N PRO C 541 -14.76 -48.35 45.24
CA PRO C 541 -16.13 -47.94 44.94
C PRO C 541 -16.16 -46.93 43.80
N GLU C 542 -17.26 -46.95 43.05
CA GLU C 542 -17.44 -45.98 41.98
C GLU C 542 -17.72 -44.61 42.57
N LEU C 543 -16.98 -43.61 42.12
CA LEU C 543 -17.15 -42.27 42.65
C LEU C 543 -18.44 -41.66 42.11
N PRO C 544 -19.35 -41.21 42.97
CA PRO C 544 -20.63 -40.69 42.47
C PRO C 544 -20.43 -39.38 41.71
N SER C 545 -20.95 -39.34 40.50
CA SER C 545 -20.77 -38.17 39.66
C SER C 545 -21.49 -36.97 40.28
N PRO C 546 -20.82 -35.85 40.49
CA PRO C 546 -21.50 -34.67 41.04
C PRO C 546 -22.46 -34.07 40.04
N GLN C 547 -23.34 -33.21 40.55
CA GLN C 547 -24.36 -32.54 39.74
C GLN C 547 -24.14 -31.04 39.86
N ALA C 548 -23.52 -30.45 38.83
CA ALA C 548 -23.30 -29.01 38.83
C ALA C 548 -24.62 -28.26 38.82
N GLU C 549 -25.58 -28.72 38.01
CA GLU C 549 -26.88 -28.08 37.93
C GLU C 549 -27.64 -28.17 39.26
N LYS C 550 -27.25 -29.08 40.14
CA LYS C 550 -27.94 -29.29 41.41
C LYS C 550 -29.40 -29.68 41.18
N ARG D 204 59.27 0.31 -11.35
CA ARG D 204 59.59 -0.59 -12.45
C ARG D 204 59.24 -2.04 -12.10
N LYS D 205 59.41 -2.43 -10.84
CA LYS D 205 59.14 -3.80 -10.44
C LYS D 205 57.65 -4.05 -10.34
N ARG D 206 56.87 -3.05 -9.93
CA ARG D 206 55.43 -3.18 -10.02
C ARG D 206 55.00 -3.37 -11.47
N GLU D 207 55.61 -2.60 -12.39
CA GLU D 207 55.30 -2.79 -13.80
C GLU D 207 55.69 -4.18 -14.28
N ALA D 208 56.87 -4.66 -13.88
CA ALA D 208 57.33 -5.98 -14.31
C ALA D 208 56.42 -7.08 -13.77
N GLU D 209 56.03 -6.97 -12.50
CA GLU D 209 55.06 -7.91 -11.95
C GLU D 209 53.77 -7.88 -12.75
N GLU D 210 53.20 -6.70 -12.96
CA GLU D 210 51.97 -6.60 -13.72
C GLU D 210 52.12 -7.27 -15.08
N ARG D 211 53.28 -7.12 -15.71
CA ARG D 211 53.57 -7.90 -16.91
C ARG D 211 53.50 -9.40 -16.61
N ARG D 212 54.04 -9.81 -15.47
CA ARG D 212 53.91 -11.19 -15.03
C ARG D 212 52.54 -11.49 -14.46
N ARG D 213 51.84 -10.48 -13.92
CA ARG D 213 50.56 -10.71 -13.26
C ARG D 213 49.50 -10.99 -14.31
N PHE D 214 49.46 -12.26 -14.75
CA PHE D 214 48.36 -12.75 -15.56
C PHE D 214 47.77 -14.05 -14.99
N PRO D 215 47.60 -14.18 -13.68
CA PRO D 215 46.94 -15.39 -13.15
C PRO D 215 45.45 -15.24 -12.85
N LEU D 216 44.87 -14.04 -13.03
CA LEU D 216 43.49 -13.82 -12.59
C LEU D 216 42.57 -14.92 -13.11
N GLU D 217 42.74 -15.31 -14.36
CA GLU D 217 42.02 -16.47 -14.86
C GLU D 217 42.41 -17.72 -14.07
N GLN D 218 43.71 -17.90 -13.80
CA GLN D 218 44.14 -19.02 -12.99
C GLN D 218 43.58 -18.92 -11.57
N ARG D 219 43.64 -17.72 -10.98
CA ARG D 219 43.14 -17.55 -9.63
C ARG D 219 41.66 -17.91 -9.55
N LEU D 220 40.88 -17.51 -10.55
CA LEU D 220 39.46 -17.82 -10.55
C LEU D 220 39.22 -19.31 -10.77
N LYS D 221 39.89 -19.90 -11.77
CA LYS D 221 39.67 -21.32 -12.05
C LYS D 221 40.12 -22.19 -10.90
N GLU D 222 40.98 -21.68 -10.01
CA GLU D 222 41.26 -22.41 -8.78
C GLU D 222 40.00 -22.56 -7.93
N HIS D 223 39.20 -21.50 -7.84
CA HIS D 223 38.03 -21.50 -6.99
C HIS D 223 36.73 -21.78 -7.74
N ILE D 224 36.75 -21.75 -9.07
CA ILE D 224 35.54 -21.87 -9.87
C ILE D 224 35.74 -22.95 -10.91
N ILE D 225 34.69 -23.73 -11.16
CA ILE D 225 34.69 -24.82 -12.13
C ILE D 225 33.75 -24.45 -13.26
N GLY D 226 34.24 -24.56 -14.49
CA GLY D 226 33.41 -24.20 -15.62
C GLY D 226 33.26 -22.69 -15.75
N GLN D 227 32.18 -22.27 -16.39
CA GLN D 227 31.89 -20.86 -16.61
C GLN D 227 33.03 -20.16 -17.34
N GLU D 228 33.63 -20.86 -18.32
CA GLU D 228 34.84 -20.34 -18.96
C GLU D 228 34.57 -18.99 -19.62
N SER D 229 33.41 -18.83 -20.25
CA SER D 229 33.09 -17.58 -20.91
C SER D 229 33.06 -16.42 -19.91
N ALA D 230 32.43 -16.64 -18.75
CA ALA D 230 32.37 -15.60 -17.75
C ALA D 230 33.76 -15.24 -17.24
N ILE D 231 34.59 -16.25 -16.99
CA ILE D 231 35.95 -16.01 -16.54
C ILE D 231 36.69 -15.17 -17.58
N ALA D 232 36.56 -15.55 -18.84
CA ALA D 232 37.26 -14.84 -19.90
C ALA D 232 36.81 -13.38 -19.97
N THR D 233 35.50 -13.14 -19.93
CA THR D 233 35.00 -11.78 -20.02
C THR D 233 35.49 -10.94 -18.85
N VAL D 234 35.31 -11.44 -17.63
CA VAL D 234 35.71 -10.68 -16.46
C VAL D 234 37.21 -10.42 -16.47
N GLY D 235 37.99 -11.45 -16.81
CA GLY D 235 39.44 -11.27 -16.85
C GLY D 235 39.87 -10.25 -17.88
N ALA D 236 39.25 -10.29 -19.07
CA ALA D 236 39.60 -9.32 -20.09
C ALA D 236 39.30 -7.90 -19.62
N ALA D 237 38.10 -7.69 -19.05
CA ALA D 237 37.76 -6.35 -18.59
C ALA D 237 38.70 -5.90 -17.49
N ILE D 238 39.01 -6.78 -16.54
CA ILE D 238 39.86 -6.41 -15.42
C ILE D 238 41.27 -6.10 -15.91
N ARG D 239 41.78 -6.89 -16.84
CA ARG D 239 43.11 -6.62 -17.40
C ARG D 239 43.12 -5.27 -18.11
N ARG D 240 42.08 -5.00 -18.90
CA ARG D 240 41.99 -3.71 -19.57
C ARG D 240 42.06 -2.58 -18.56
N LYS D 241 41.26 -2.67 -17.49
CA LYS D 241 41.27 -1.62 -16.48
C LYS D 241 42.64 -1.51 -15.82
N GLU D 242 43.26 -2.64 -15.50
CA GLU D 242 44.52 -2.63 -14.77
C GLU D 242 45.63 -1.97 -15.58
N ASN D 243 45.69 -2.25 -16.89
CA ASN D 243 46.75 -1.73 -17.73
C ASN D 243 46.41 -0.39 -18.34
N GLY D 244 45.58 0.41 -17.68
CA GLY D 244 45.11 1.65 -18.26
C GLY D 244 44.03 1.37 -19.27
N TRP D 245 44.20 1.82 -20.51
CA TRP D 245 43.35 1.41 -21.61
C TRP D 245 41.87 1.45 -21.23
N TYR D 246 41.50 2.34 -20.32
CA TYR D 246 40.13 2.42 -19.86
C TYR D 246 39.78 3.88 -19.58
N ASP D 247 38.57 4.27 -19.95
CA ASP D 247 38.11 5.62 -19.69
C ASP D 247 37.90 5.82 -18.20
N GLU D 248 38.43 6.90 -17.66
CA GLU D 248 38.27 7.21 -16.25
C GLU D 248 36.96 7.95 -15.96
N GLU D 249 36.20 8.30 -16.99
CA GLU D 249 34.97 9.05 -16.81
C GLU D 249 33.76 8.17 -16.52
N HIS D 250 33.92 6.85 -16.56
CA HIS D 250 32.79 5.96 -16.36
C HIS D 250 33.22 4.70 -15.62
N PRO D 251 32.56 4.33 -14.53
CA PRO D 251 32.92 3.10 -13.84
C PRO D 251 32.71 1.89 -14.72
N LEU D 252 33.18 0.74 -14.25
CA LEU D 252 33.02 -0.53 -14.93
C LEU D 252 31.91 -1.30 -14.24
N VAL D 253 30.92 -1.75 -15.01
CA VAL D 253 29.71 -2.37 -14.48
C VAL D 253 29.52 -3.72 -15.15
N PHE D 254 29.26 -4.74 -14.34
CA PHE D 254 28.93 -6.07 -14.82
C PHE D 254 27.57 -6.49 -14.30
N LEU D 255 26.88 -7.32 -15.08
CA LEU D 255 25.64 -7.94 -14.65
C LEU D 255 25.79 -9.44 -14.85
N PHE D 256 25.58 -10.20 -13.78
CA PHE D 256 25.75 -11.65 -13.80
C PHE D 256 24.38 -12.31 -13.85
N LEU D 257 24.18 -13.17 -14.85
CA LEU D 257 22.91 -13.84 -15.06
C LEU D 257 23.13 -15.34 -15.17
N GLY D 258 22.12 -16.10 -14.76
CA GLY D 258 22.19 -17.53 -14.83
C GLY D 258 21.30 -18.16 -13.78
N SER D 259 21.41 -19.48 -13.67
CA SER D 259 20.63 -20.21 -12.68
C SER D 259 21.24 -20.00 -11.29
N SER D 260 20.65 -20.66 -10.29
CA SER D 260 21.09 -20.60 -8.90
C SER D 260 22.24 -21.55 -8.62
N GLY D 261 23.17 -21.16 -7.74
CA GLY D 261 24.26 -22.02 -7.32
C GLY D 261 25.22 -22.38 -8.43
N ILE D 262 25.64 -21.39 -9.22
CA ILE D 262 26.56 -21.63 -10.33
C ILE D 262 27.73 -20.64 -10.33
N GLY D 263 27.95 -19.94 -9.22
CA GLY D 263 29.17 -19.19 -9.05
C GLY D 263 29.09 -17.70 -9.27
N LYS D 264 27.89 -17.14 -9.48
CA LYS D 264 27.79 -15.70 -9.69
C LYS D 264 28.37 -14.93 -8.50
N THR D 265 27.75 -15.07 -7.33
CA THR D 265 28.29 -14.42 -6.15
C THR D 265 29.69 -14.90 -5.84
N GLU D 266 29.97 -16.17 -6.06
CA GLU D 266 31.31 -16.69 -5.81
C GLU D 266 32.33 -15.99 -6.69
N LEU D 267 32.02 -15.83 -7.98
CA LEU D 267 32.93 -15.14 -8.87
C LEU D 267 33.11 -13.69 -8.45
N ALA D 268 32.03 -13.02 -8.05
CA ALA D 268 32.15 -11.64 -7.59
C ALA D 268 33.08 -11.55 -6.39
N LYS D 269 32.92 -12.44 -5.42
CA LYS D 269 33.75 -12.39 -4.23
C LYS D 269 35.21 -12.69 -4.57
N GLN D 270 35.44 -13.65 -5.45
CA GLN D 270 36.81 -13.95 -5.85
C GLN D 270 37.46 -12.77 -6.55
N THR D 271 36.70 -12.10 -7.41
CA THR D 271 37.23 -10.93 -8.10
C THR D 271 37.57 -9.83 -7.11
N ALA D 272 36.69 -9.60 -6.13
CA ALA D 272 36.96 -8.58 -5.13
C ALA D 272 38.22 -8.92 -4.35
N LYS D 273 38.36 -10.19 -3.95
CA LYS D 273 39.54 -10.59 -3.19
C LYS D 273 40.81 -10.38 -4.02
N TYR D 274 40.77 -10.76 -5.29
CA TYR D 274 41.94 -10.56 -6.14
C TYR D 274 42.28 -9.08 -6.26
N MET D 275 41.27 -8.25 -6.50
CA MET D 275 41.54 -6.83 -6.73
C MET D 275 42.11 -6.16 -5.49
N HIS D 276 41.54 -6.45 -4.32
CA HIS D 276 41.91 -5.76 -3.10
C HIS D 276 42.56 -6.69 -2.06
N LYS D 277 43.01 -7.87 -2.47
CA LYS D 277 43.66 -8.82 -1.56
C LYS D 277 42.69 -9.06 -0.40
N ASP D 278 43.12 -8.91 0.85
CA ASP D 278 42.26 -9.16 2.00
C ASP D 278 41.59 -7.89 2.52
N ALA D 279 41.87 -6.73 1.93
CA ALA D 279 41.31 -5.48 2.42
C ALA D 279 39.79 -5.56 2.50
N LYS D 280 39.26 -5.51 3.72
CA LYS D 280 37.81 -5.56 3.90
C LYS D 280 37.13 -4.35 3.27
N LYS D 281 37.72 -3.17 3.47
CA LYS D 281 37.13 -1.95 2.92
C LYS D 281 37.09 -1.96 1.40
N GLY D 282 37.90 -2.81 0.75
CA GLY D 282 37.92 -2.84 -0.69
C GLY D 282 36.75 -3.55 -1.32
N PHE D 283 36.03 -4.37 -0.56
CA PHE D 283 34.90 -5.14 -1.08
C PHE D 283 33.64 -4.67 -0.35
N ILE D 284 32.73 -4.06 -1.10
CA ILE D 284 31.49 -3.54 -0.55
C ILE D 284 30.36 -4.44 -1.02
N ARG D 285 29.59 -4.97 -0.07
CA ARG D 285 28.50 -5.89 -0.34
C ARG D 285 27.16 -5.24 0.01
N LEU D 286 26.18 -5.41 -0.86
CA LEU D 286 24.82 -4.99 -0.58
C LEU D 286 23.87 -6.09 -0.99
N ASP D 287 23.00 -6.48 -0.07
CA ASP D 287 21.98 -7.49 -0.33
C ASP D 287 20.72 -6.73 -0.75
N MET D 288 20.48 -6.68 -2.05
CA MET D 288 19.40 -5.84 -2.57
C MET D 288 18.03 -6.36 -2.15
N SER D 289 17.95 -7.58 -1.60
CA SER D 289 16.69 -8.08 -1.10
C SER D 289 16.16 -7.26 0.06
N GLU D 290 17.02 -6.43 0.67
CA GLU D 290 16.58 -5.53 1.73
C GLU D 290 16.05 -4.20 1.20
N PHE D 291 16.09 -3.99 -0.12
CA PHE D 291 15.66 -2.76 -0.75
C PHE D 291 14.39 -2.97 -1.57
N GLN D 292 13.46 -3.75 -1.03
CA GLN D 292 12.25 -4.10 -1.76
C GLN D 292 11.22 -2.97 -1.77
N GLU D 293 11.49 -1.86 -1.08
CA GLU D 293 10.55 -0.76 -1.00
C GLU D 293 11.19 0.52 -1.54
N ARG D 294 10.36 1.35 -2.16
CA ARG D 294 10.85 2.58 -2.77
C ARG D 294 11.60 3.44 -1.76
N HIS D 295 11.04 3.60 -0.56
CA HIS D 295 11.63 4.50 0.42
C HIS D 295 12.94 4.00 0.98
N GLU D 296 13.27 2.72 0.77
CA GLU D 296 14.50 2.17 1.32
C GLU D 296 15.76 2.71 0.65
N VAL D 297 15.61 3.47 -0.44
CA VAL D 297 16.77 4.05 -1.11
C VAL D 297 17.54 4.96 -0.16
N ALA D 298 16.89 5.43 0.91
CA ALA D 298 17.55 6.34 1.84
C ALA D 298 18.80 5.74 2.46
N LYS D 299 18.92 4.41 2.47
CA LYS D 299 20.11 3.78 3.02
C LYS D 299 21.35 4.20 2.25
N PHE D 300 21.25 4.31 0.93
CA PHE D 300 22.41 4.68 0.12
C PHE D 300 22.93 6.05 0.52
N ILE D 301 22.04 7.02 0.72
CA ILE D 301 22.42 8.41 0.85
C ILE D 301 22.08 9.01 2.20
N GLY D 302 21.34 8.31 3.05
CA GLY D 302 20.97 8.84 4.34
C GLY D 302 19.78 9.77 4.25
N SER D 303 19.35 10.24 5.40
CA SER D 303 18.17 11.09 5.46
C SER D 303 18.52 12.55 5.17
N PRO D 304 17.57 13.33 4.71
CA PRO D 304 17.83 14.75 4.43
C PRO D 304 17.95 15.54 5.72
N PRO D 305 18.37 16.80 5.64
CA PRO D 305 18.52 17.59 6.87
C PRO D 305 17.20 17.71 7.62
N GLY D 306 17.29 17.68 8.94
CA GLY D 306 16.12 17.81 9.78
C GLY D 306 15.35 16.54 10.04
N TYR D 307 15.96 15.37 9.81
CA TYR D 307 15.30 14.10 10.04
C TYR D 307 16.24 13.14 10.75
N VAL D 308 15.65 12.17 11.45
CA VAL D 308 16.44 11.24 12.24
C VAL D 308 17.49 10.58 11.37
N GLY D 309 18.70 10.48 11.90
CA GLY D 309 19.79 9.86 11.20
C GLY D 309 20.47 10.71 10.15
N HIS D 310 20.05 11.97 10.00
CA HIS D 310 20.67 12.81 8.98
C HIS D 310 22.15 12.98 9.23
N GLU D 311 22.53 13.25 10.47
CA GLU D 311 23.95 13.42 10.80
C GLU D 311 24.77 12.20 10.41
N GLU D 312 24.17 11.01 10.47
CA GLU D 312 24.89 9.80 10.10
C GLU D 312 25.33 9.83 8.65
N GLY D 313 24.46 10.28 7.76
CA GLY D 313 24.77 10.32 6.35
C GLY D 313 24.59 8.97 5.69
N GLY D 314 24.81 8.97 4.37
CA GLY D 314 24.64 7.74 3.62
C GLY D 314 25.64 6.68 4.03
N GLN D 315 25.21 5.42 3.92
CA GLN D 315 26.07 4.30 4.27
C GLN D 315 26.95 3.91 3.08
N LEU D 316 26.34 3.67 1.93
CA LEU D 316 27.13 3.37 0.73
C LEU D 316 28.08 4.51 0.41
N THR D 317 27.63 5.76 0.60
CA THR D 317 28.50 6.89 0.37
C THR D 317 29.72 6.84 1.29
N LYS D 318 29.50 6.55 2.57
CA LYS D 318 30.64 6.42 3.48
C LYS D 318 31.59 5.34 3.02
N LYS D 319 31.06 4.16 2.71
CA LYS D 319 31.92 3.05 2.33
C LYS D 319 32.72 3.38 1.08
N LEU D 320 32.08 4.02 0.10
CA LEU D 320 32.79 4.40 -1.12
C LEU D 320 33.85 5.46 -0.82
N LYS D 321 33.55 6.38 0.09
CA LYS D 321 34.57 7.35 0.50
C LYS D 321 35.78 6.65 1.08
N GLN D 322 35.56 5.62 1.91
CA GLN D 322 36.68 4.90 2.50
C GLN D 322 37.59 4.32 1.42
N CYS D 323 37.01 3.64 0.43
CA CYS D 323 37.76 3.00 -0.65
C CYS D 323 37.14 3.39 -1.98
N PRO D 324 37.60 4.48 -2.59
CA PRO D 324 36.98 4.92 -3.85
C PRO D 324 37.01 3.87 -4.95
N ASN D 325 38.05 3.03 -5.01
CA ASN D 325 38.18 2.02 -6.05
C ASN D 325 37.71 0.65 -5.58
N ALA D 326 36.74 0.60 -4.68
CA ALA D 326 36.28 -0.66 -4.15
C ALA D 326 35.46 -1.42 -5.19
N VAL D 327 35.30 -2.71 -4.95
CA VAL D 327 34.45 -3.57 -5.76
C VAL D 327 33.08 -3.62 -5.09
N VAL D 328 32.06 -3.11 -5.75
CA VAL D 328 30.71 -3.02 -5.20
C VAL D 328 29.88 -4.16 -5.77
N LEU D 329 29.20 -4.88 -4.89
CA LEU D 329 28.39 -6.04 -5.29
C LEU D 329 26.96 -5.82 -4.82
N PHE D 330 26.04 -5.68 -5.76
CA PHE D 330 24.61 -5.64 -5.46
C PHE D 330 24.05 -7.03 -5.72
N ASP D 331 24.14 -7.87 -4.70
CA ASP D 331 23.71 -9.25 -4.84
C ASP D 331 22.19 -9.33 -4.95
N GLU D 332 21.71 -10.17 -5.86
CA GLU D 332 20.31 -10.40 -6.16
C GLU D 332 19.57 -9.08 -6.47
N VAL D 333 20.07 -8.27 -7.42
CA VAL D 333 19.58 -6.92 -7.68
C VAL D 333 18.12 -6.93 -8.10
N ASP D 334 17.60 -7.97 -8.77
CA ASP D 334 16.21 -8.00 -9.25
C ASP D 334 15.18 -8.10 -8.13
N LYS D 335 15.63 -8.32 -6.90
CA LYS D 335 14.79 -8.26 -5.70
C LYS D 335 14.56 -6.80 -5.31
N ALA D 336 15.32 -5.84 -5.85
CA ALA D 336 15.15 -4.46 -5.45
C ALA D 336 13.95 -3.84 -6.15
N HIS D 337 13.33 -2.88 -5.47
CA HIS D 337 12.27 -2.11 -6.09
C HIS D 337 12.85 -1.28 -7.24
N PRO D 338 12.18 -1.24 -8.40
CA PRO D 338 12.80 -0.52 -9.54
C PRO D 338 13.16 0.92 -9.22
N ASP D 339 12.34 1.61 -8.43
CA ASP D 339 12.68 2.97 -8.04
C ASP D 339 13.98 3.03 -7.26
N VAL D 340 14.35 1.94 -6.57
CA VAL D 340 15.66 1.91 -5.93
C VAL D 340 16.76 1.77 -6.97
N LEU D 341 16.57 0.90 -7.95
CA LEU D 341 17.54 0.78 -9.03
C LEU D 341 17.74 2.12 -9.73
N THR D 342 16.68 2.94 -9.77
CA THR D 342 16.78 4.23 -10.44
C THR D 342 17.99 5.04 -9.97
N ILE D 343 18.29 4.98 -8.66
CA ILE D 343 19.41 5.77 -8.15
C ILE D 343 20.73 5.29 -8.76
N MET D 344 20.81 4.03 -9.16
CA MET D 344 22.04 3.48 -9.69
C MET D 344 22.42 4.05 -11.04
N LEU D 345 21.52 4.79 -11.71
CA LEU D 345 21.83 5.31 -13.03
C LEU D 345 23.06 6.21 -12.99
N GLN D 346 23.04 7.21 -12.11
CA GLN D 346 24.17 8.12 -12.01
C GLN D 346 25.43 7.38 -11.56
N LEU D 347 25.26 6.47 -10.61
CA LEU D 347 26.42 5.75 -10.08
C LEU D 347 27.12 4.96 -11.16
N PHE D 348 26.35 4.27 -12.01
CA PHE D 348 26.93 3.49 -13.09
C PHE D 348 27.41 4.34 -14.24
N ASP D 349 26.83 5.53 -14.45
CA ASP D 349 27.25 6.37 -15.57
C ASP D 349 28.51 7.15 -15.23
N GLU D 350 28.42 8.02 -14.22
CA GLU D 350 29.52 8.91 -13.86
C GLU D 350 30.17 8.57 -12.54
N GLY D 351 29.71 7.51 -11.86
CA GLY D 351 30.32 7.15 -10.59
C GLY D 351 30.24 8.27 -9.55
N ARG D 352 29.13 9.01 -9.54
CA ARG D 352 28.95 10.10 -8.60
C ARG D 352 27.63 9.90 -7.86
N LEU D 353 27.67 10.00 -6.54
CA LEU D 353 26.50 9.90 -5.69
C LEU D 353 26.61 10.96 -4.61
N THR D 354 25.50 11.63 -4.32
CA THR D 354 25.46 12.72 -3.35
C THR D 354 24.64 12.27 -2.15
N ASP D 355 25.24 12.32 -0.97
CA ASP D 355 24.56 11.86 0.23
C ASP D 355 23.52 12.89 0.66
N GLY D 356 22.89 12.63 1.81
CA GLY D 356 21.90 13.55 2.34
C GLY D 356 22.46 14.89 2.76
N LYS D 357 23.77 14.97 2.99
CA LYS D 357 24.43 16.21 3.36
C LYS D 357 24.93 16.99 2.16
N GLY D 358 24.72 16.49 0.94
CA GLY D 358 25.12 17.23 -0.24
C GLY D 358 26.55 17.03 -0.66
N LYS D 359 27.21 15.97 -0.22
CA LYS D 359 28.60 15.69 -0.58
C LYS D 359 28.65 14.60 -1.64
N THR D 360 29.33 14.88 -2.74
CA THR D 360 29.53 13.89 -3.78
C THR D 360 30.74 13.03 -3.45
N ILE D 361 30.68 11.77 -3.88
CA ILE D 361 31.71 10.80 -3.51
C ILE D 361 32.69 10.59 -4.65
N ASP D 362 32.20 10.67 -5.89
CA ASP D 362 33.05 10.56 -7.07
C ASP D 362 33.82 9.24 -7.09
N CYS D 363 33.07 8.15 -7.17
CA CYS D 363 33.65 6.81 -7.27
C CYS D 363 33.78 6.36 -8.72
N LYS D 364 34.55 7.12 -9.51
CA LYS D 364 34.63 6.85 -10.94
C LYS D 364 35.26 5.49 -11.22
N ASP D 365 36.33 5.15 -10.51
CA ASP D 365 37.15 3.99 -10.85
C ASP D 365 36.74 2.74 -10.09
N ALA D 366 35.60 2.74 -9.42
CA ALA D 366 35.13 1.54 -8.75
C ALA D 366 34.64 0.53 -9.79
N ILE D 367 34.39 -0.69 -9.32
CA ILE D 367 33.85 -1.77 -10.14
C ILE D 367 32.55 -2.23 -9.51
N PHE D 368 31.49 -2.26 -10.32
CA PHE D 368 30.17 -2.65 -9.85
C PHE D 368 29.80 -3.99 -10.47
N ILE D 369 29.40 -4.93 -9.63
CA ILE D 369 28.99 -6.27 -10.07
C ILE D 369 27.59 -6.51 -9.57
N MET D 370 26.70 -6.92 -10.46
CA MET D 370 25.32 -7.22 -10.13
C MET D 370 25.05 -8.69 -10.43
N THR D 371 24.43 -9.37 -9.47
CA THR D 371 24.06 -10.77 -9.62
C THR D 371 22.55 -10.89 -9.61
N SER D 372 22.02 -11.65 -10.56
CA SER D 372 20.59 -11.86 -10.66
C SER D 372 20.35 -13.13 -11.46
N ASN D 373 19.14 -13.65 -11.40
CA ASN D 373 18.69 -14.83 -12.11
C ASN D 373 17.44 -14.55 -12.94
N VAL D 374 17.28 -13.33 -13.46
CA VAL D 374 16.02 -12.94 -14.10
C VAL D 374 15.72 -13.86 -15.28
N ALA D 375 16.71 -14.12 -16.13
CA ALA D 375 16.54 -14.98 -17.29
C ALA D 375 17.09 -16.38 -17.04
N SER D 376 17.00 -16.87 -15.80
CA SER D 376 17.57 -18.16 -15.45
C SER D 376 16.99 -19.28 -16.31
N ASP D 377 15.67 -19.37 -16.38
CA ASP D 377 15.00 -20.47 -17.07
C ASP D 377 15.31 -20.44 -18.56
N GLU D 378 15.34 -19.25 -19.18
CA GLU D 378 15.64 -19.14 -20.59
C GLU D 378 17.09 -19.50 -20.87
N ILE D 379 18.02 -18.99 -20.06
CA ILE D 379 19.44 -19.29 -20.27
C ILE D 379 19.69 -20.78 -20.12
N ALA D 380 19.12 -21.39 -19.08
CA ALA D 380 19.34 -22.81 -18.85
C ALA D 380 18.79 -23.64 -20.00
N GLN D 381 17.57 -23.33 -20.44
CA GLN D 381 16.97 -24.09 -21.53
C GLN D 381 17.77 -23.93 -22.81
N HIS D 382 18.21 -22.70 -23.11
CA HIS D 382 18.98 -22.47 -24.32
C HIS D 382 20.31 -23.23 -24.26
N ALA D 383 20.97 -23.21 -23.10
CA ALA D 383 22.23 -23.93 -22.95
C ALA D 383 22.02 -25.43 -23.13
N LEU D 384 20.96 -25.97 -22.55
CA LEU D 384 20.68 -27.39 -22.70
C LEU D 384 20.43 -27.74 -24.16
N GLN D 385 19.66 -26.91 -24.86
CA GLN D 385 19.38 -27.16 -26.27
C GLN D 385 20.67 -27.09 -27.09
N LEU D 386 21.52 -26.12 -26.81
CA LEU D 386 22.78 -25.99 -27.54
C LEU D 386 23.67 -27.20 -27.30
N ARG D 387 23.73 -27.68 -26.06
CA ARG D 387 24.53 -28.86 -25.76
C ARG D 387 23.97 -30.09 -26.46
N GLN D 388 22.64 -30.23 -26.49
CA GLN D 388 22.03 -31.33 -27.22
C GLN D 388 22.39 -31.28 -28.70
N GLU D 389 22.33 -30.09 -29.29
CA GLU D 389 22.72 -29.95 -30.68
C GLU D 389 24.18 -30.32 -30.89
N ALA D 390 25.06 -29.86 -30.01
CA ALA D 390 26.48 -30.18 -30.13
C ALA D 390 26.72 -31.68 -29.97
N LEU D 391 25.85 -32.36 -29.23
CA LEU D 391 26.01 -33.80 -29.06
C LEU D 391 25.83 -34.58 -30.34
N GLU D 392 25.32 -33.95 -31.41
CA GLU D 392 25.09 -34.66 -32.66
C GLU D 392 26.36 -35.37 -33.14
N MET D 393 27.47 -34.64 -33.18
CA MET D 393 28.73 -35.20 -33.64
C MET D 393 29.63 -35.53 -32.46
N ILE D 411 30.01 -24.02 -28.31
CA ILE D 411 29.68 -24.88 -27.18
C ILE D 411 28.93 -24.09 -26.13
N THR D 412 29.34 -22.83 -25.96
CA THR D 412 28.77 -21.92 -24.97
C THR D 412 28.59 -20.53 -25.56
N ILE D 413 28.07 -20.45 -26.78
CA ILE D 413 27.97 -19.20 -27.53
C ILE D 413 26.51 -18.90 -27.81
N SER D 414 26.13 -17.64 -27.64
CA SER D 414 24.78 -17.17 -27.98
C SER D 414 24.91 -15.78 -28.57
N LYS D 415 24.56 -15.63 -29.84
CA LYS D 415 24.86 -14.40 -30.57
C LYS D 415 23.70 -13.40 -30.51
N ASN D 416 22.55 -13.79 -31.06
CA ASN D 416 21.38 -12.91 -31.08
C ASN D 416 20.36 -13.36 -30.05
N PHE D 417 20.50 -14.58 -29.52
CA PHE D 417 19.59 -15.07 -28.50
C PHE D 417 19.47 -14.05 -27.37
N LYS D 418 20.60 -13.42 -27.02
CA LYS D 418 20.57 -12.36 -26.01
C LYS D 418 19.65 -11.20 -26.34
N GLU D 419 19.75 -10.69 -27.56
CA GLU D 419 18.97 -9.51 -27.94
C GLU D 419 17.51 -9.87 -28.15
N ASN D 420 17.25 -10.99 -28.84
CA ASN D 420 15.89 -11.35 -29.17
C ASN D 420 15.12 -11.85 -27.95
N VAL D 421 15.79 -12.59 -27.08
CA VAL D 421 15.15 -13.29 -25.97
C VAL D 421 15.47 -12.63 -24.63
N ILE D 422 16.76 -12.54 -24.28
CA ILE D 422 17.14 -12.07 -22.96
C ILE D 422 16.77 -10.61 -22.77
N ARG D 423 17.10 -9.78 -23.75
CA ARG D 423 16.88 -8.33 -23.59
C ARG D 423 15.44 -7.98 -23.32
N PRO D 424 14.46 -8.46 -24.08
CA PRO D 424 13.07 -8.09 -23.75
C PRO D 424 12.69 -8.51 -22.35
N ILE D 425 13.14 -9.67 -21.89
CA ILE D 425 12.88 -10.06 -20.52
C ILE D 425 13.41 -8.99 -19.55
N LEU D 426 14.73 -8.79 -19.59
CA LEU D 426 15.37 -7.86 -18.68
C LEU D 426 14.68 -6.51 -18.69
N LYS D 427 14.43 -5.98 -19.89
CA LYS D 427 13.88 -4.63 -19.99
C LYS D 427 12.44 -4.60 -19.48
N ALA D 428 11.55 -5.38 -20.08
CA ALA D 428 10.14 -5.27 -19.78
C ALA D 428 9.86 -5.58 -18.32
N HIS D 429 10.29 -6.74 -17.84
CA HIS D 429 9.80 -7.15 -16.52
C HIS D 429 10.48 -6.43 -15.36
N PHE D 430 11.63 -5.81 -15.56
CA PHE D 430 12.33 -5.23 -14.41
C PHE D 430 12.92 -3.83 -14.55
N ARG D 431 13.30 -3.38 -15.74
CA ARG D 431 14.22 -2.27 -15.84
C ARG D 431 13.74 -1.26 -16.86
N ARG D 432 14.41 -0.11 -16.90
CA ARG D 432 14.34 0.85 -17.98
C ARG D 432 15.41 0.59 -19.03
N ASP D 433 15.26 1.25 -20.19
CA ASP D 433 16.28 1.13 -21.22
C ASP D 433 17.58 1.80 -20.79
N GLU D 434 17.48 2.98 -20.20
CA GLU D 434 18.67 3.72 -19.79
C GLU D 434 19.46 2.98 -18.72
N PHE D 435 18.79 2.18 -17.90
CA PHE D 435 19.49 1.43 -16.87
C PHE D 435 20.36 0.34 -17.48
N LEU D 436 19.80 -0.42 -18.42
CA LEU D 436 20.59 -1.44 -19.08
C LEU D 436 21.66 -0.82 -19.97
N GLY D 437 21.42 0.39 -20.47
CA GLY D 437 22.41 1.03 -21.33
C GLY D 437 23.71 1.33 -20.64
N ARG D 438 23.71 1.42 -19.31
CA ARG D 438 24.91 1.78 -18.56
C ARG D 438 25.75 0.57 -18.16
N ILE D 439 25.30 -0.65 -18.45
CA ILE D 439 26.03 -1.85 -18.06
C ILE D 439 27.07 -2.16 -19.13
N ASN D 440 28.34 -2.20 -18.73
CA ASN D 440 29.40 -2.45 -19.69
C ASN D 440 29.31 -3.85 -20.28
N GLU D 441 29.03 -4.85 -19.45
CA GLU D 441 29.04 -6.23 -19.89
C GLU D 441 27.97 -7.03 -19.18
N ILE D 442 27.34 -7.94 -19.92
CA ILE D 442 26.42 -8.91 -19.35
C ILE D 442 27.10 -10.27 -19.39
N VAL D 443 27.23 -10.90 -18.23
CA VAL D 443 27.95 -12.16 -18.09
C VAL D 443 26.95 -13.27 -17.86
N TYR D 444 27.06 -14.34 -18.64
CA TYR D 444 26.12 -15.46 -18.58
C TYR D 444 26.81 -16.67 -17.98
N PHE D 445 26.19 -17.26 -16.97
CA PHE D 445 26.67 -18.48 -16.35
C PHE D 445 25.78 -19.63 -16.78
N LEU D 446 26.38 -20.69 -17.27
CA LEU D 446 25.60 -21.81 -17.80
C LEU D 446 25.60 -22.97 -16.82
N PRO D 447 24.61 -23.85 -16.88
CA PRO D 447 24.60 -25.01 -15.99
C PRO D 447 25.78 -25.92 -16.26
N PHE D 448 26.19 -26.64 -15.22
CA PHE D 448 27.39 -27.47 -15.31
C PHE D 448 27.16 -28.67 -16.23
N CYS D 449 28.21 -29.06 -16.94
CA CYS D 449 28.21 -30.32 -17.66
C CYS D 449 28.53 -31.46 -16.68
N HIS D 450 28.35 -32.69 -17.16
CA HIS D 450 28.57 -33.85 -16.30
C HIS D 450 30.00 -33.86 -15.76
N SER D 451 30.98 -33.63 -16.63
CA SER D 451 32.36 -33.58 -16.16
C SER D 451 32.55 -32.49 -15.12
N GLU D 452 31.89 -31.35 -15.30
CA GLU D 452 31.98 -30.29 -14.30
C GLU D 452 31.35 -30.72 -12.98
N LEU D 453 30.27 -31.50 -13.04
CA LEU D 453 29.69 -32.02 -11.81
C LEU D 453 30.67 -32.95 -11.10
N ILE D 454 31.36 -33.80 -11.87
CA ILE D 454 32.38 -34.65 -11.28
C ILE D 454 33.46 -33.81 -10.63
N GLN D 455 33.86 -32.73 -11.30
CA GLN D 455 34.88 -31.85 -10.74
C GLN D 455 34.40 -31.23 -9.43
N LEU D 456 33.12 -30.82 -9.39
CA LEU D 456 32.58 -30.24 -8.16
C LEU D 456 32.58 -31.26 -7.03
N VAL D 457 32.19 -32.49 -7.33
CA VAL D 457 32.19 -33.54 -6.30
C VAL D 457 33.60 -33.76 -5.80
N ASN D 458 34.57 -33.83 -6.71
CA ASN D 458 35.96 -34.00 -6.31
C ASN D 458 36.42 -32.82 -5.45
N LYS D 459 35.99 -31.62 -5.80
CA LYS D 459 36.37 -30.45 -5.02
C LYS D 459 35.83 -30.54 -3.60
N GLU D 460 34.57 -30.94 -3.46
CA GLU D 460 33.98 -31.07 -2.13
C GLU D 460 34.71 -32.13 -1.32
N LEU D 461 34.96 -33.28 -1.94
CA LEU D 461 35.66 -34.35 -1.23
C LEU D 461 37.07 -33.91 -0.84
N ASN D 462 37.74 -33.17 -1.71
CA ASN D 462 39.07 -32.65 -1.38
C ASN D 462 39.00 -31.70 -0.21
N PHE D 463 37.99 -30.82 -0.19
CA PHE D 463 37.83 -29.91 0.93
C PHE D 463 37.66 -30.66 2.24
N TRP D 464 36.78 -31.66 2.25
CA TRP D 464 36.56 -32.42 3.48
C TRP D 464 37.79 -33.21 3.88
N ALA D 465 38.49 -33.80 2.92
CA ALA D 465 39.70 -34.54 3.23
C ALA D 465 40.76 -33.61 3.81
N LYS D 466 40.88 -32.41 3.25
CA LYS D 466 41.82 -31.43 3.77
C LYS D 466 41.49 -31.07 5.20
N ARG D 467 40.20 -30.83 5.49
CA ARG D 467 39.80 -30.54 6.86
C ARG D 467 40.17 -31.69 7.79
N ALA D 468 39.84 -32.92 7.38
CA ALA D 468 40.10 -34.07 8.24
C ALA D 468 41.58 -34.22 8.52
N LYS D 469 42.41 -34.13 7.48
CA LYS D 469 43.85 -34.27 7.67
C LYS D 469 44.40 -33.15 8.54
N GLN D 470 43.99 -31.91 8.27
CA GLN D 470 44.56 -30.76 8.98
C GLN D 470 44.19 -30.80 10.45
N ARG D 471 42.94 -31.17 10.76
CA ARG D 471 42.49 -31.11 12.15
C ARG D 471 42.78 -32.40 12.89
N HIS D 472 42.23 -33.51 12.42
CA HIS D 472 42.30 -34.78 13.12
C HIS D 472 43.42 -35.67 12.61
N ASN D 473 44.26 -35.19 11.69
CA ASN D 473 45.34 -36.00 11.13
C ASN D 473 44.79 -37.30 10.55
N ILE D 474 43.65 -37.20 9.87
CA ILE D 474 43.02 -38.34 9.23
C ILE D 474 43.15 -38.18 7.73
N THR D 475 43.67 -39.21 7.06
CA THR D 475 43.81 -39.19 5.61
C THR D 475 42.60 -39.87 5.00
N LEU D 476 41.97 -39.20 4.03
CA LEU D 476 40.72 -39.63 3.44
C LEU D 476 40.92 -39.92 1.96
N LEU D 477 40.41 -41.05 1.50
CA LEU D 477 40.54 -41.47 0.12
C LEU D 477 39.20 -41.94 -0.41
N TRP D 478 39.05 -41.91 -1.73
CA TRP D 478 37.83 -42.35 -2.39
C TRP D 478 38.17 -42.81 -3.80
N ASP D 479 37.14 -43.18 -4.55
CA ASP D 479 37.28 -43.73 -5.89
C ASP D 479 36.35 -43.00 -6.85
N ARG D 480 36.54 -43.27 -8.14
CA ARG D 480 35.71 -42.64 -9.16
C ARG D 480 34.24 -42.98 -8.96
N GLU D 481 33.94 -44.24 -8.66
CA GLU D 481 32.55 -44.64 -8.45
C GLU D 481 31.91 -43.84 -7.32
N VAL D 482 32.70 -43.45 -6.31
CA VAL D 482 32.17 -42.59 -5.26
C VAL D 482 31.69 -41.27 -5.85
N ALA D 483 32.52 -40.69 -6.73
CA ALA D 483 32.12 -39.44 -7.38
C ALA D 483 30.86 -39.63 -8.20
N ASP D 484 30.77 -40.75 -8.93
CA ASP D 484 29.57 -41.01 -9.73
C ASP D 484 28.33 -41.09 -8.84
N VAL D 485 28.42 -41.85 -7.75
CA VAL D 485 27.26 -42.00 -6.87
C VAL D 485 26.86 -40.65 -6.29
N LEU D 486 27.84 -39.86 -5.86
CA LEU D 486 27.52 -38.56 -5.29
C LEU D 486 26.86 -37.64 -6.32
N VAL D 487 27.42 -37.59 -7.53
CA VAL D 487 26.86 -36.70 -8.55
C VAL D 487 25.47 -37.17 -8.95
N ASP D 488 25.16 -38.45 -8.74
CA ASP D 488 23.81 -38.91 -9.05
C ASP D 488 22.75 -38.12 -8.30
N GLY D 489 23.09 -37.53 -7.16
CA GLY D 489 22.17 -36.72 -6.40
C GLY D 489 22.07 -35.28 -6.83
N TYR D 490 22.76 -34.89 -7.90
CA TYR D 490 22.76 -33.50 -8.34
C TYR D 490 21.37 -33.07 -8.77
N ASN D 491 20.97 -31.84 -8.46
CA ASN D 491 19.71 -31.24 -8.85
C ASN D 491 19.98 -29.92 -9.59
N VAL D 492 19.52 -29.80 -10.84
CA VAL D 492 19.84 -28.66 -11.69
C VAL D 492 19.33 -27.36 -11.07
N HIS D 493 18.17 -27.35 -10.40
CA HIS D 493 17.55 -26.09 -9.94
C HIS D 493 18.38 -25.36 -8.90
N TYR D 494 19.25 -26.09 -8.21
CA TYR D 494 20.05 -25.62 -7.10
C TYR D 494 21.55 -25.61 -7.41
N GLY D 495 22.02 -26.20 -8.51
CA GLY D 495 23.42 -26.07 -8.86
C GLY D 495 24.33 -26.72 -7.84
N ALA D 496 25.48 -26.08 -7.61
CA ALA D 496 26.51 -26.68 -6.77
C ALA D 496 26.02 -26.92 -5.35
N ARG D 497 25.03 -26.17 -4.85
CA ARG D 497 24.48 -26.37 -3.52
C ARG D 497 23.89 -27.76 -3.38
N SER D 498 23.26 -28.31 -4.42
CA SER D 498 22.73 -29.66 -4.33
C SER D 498 23.84 -30.66 -4.07
N ILE D 499 24.95 -30.55 -4.80
CA ILE D 499 26.07 -31.48 -4.62
C ILE D 499 26.68 -31.29 -3.24
N LYS D 500 26.81 -30.04 -2.81
CA LYS D 500 27.37 -29.77 -1.49
C LYS D 500 26.55 -30.45 -0.41
N HIS D 501 25.23 -30.24 -0.44
CA HIS D 501 24.36 -30.86 0.55
C HIS D 501 24.40 -32.37 0.45
N GLU D 502 24.45 -32.90 -0.78
CA GLU D 502 24.51 -34.35 -0.94
C GLU D 502 25.75 -34.93 -0.30
N VAL D 503 26.91 -34.30 -0.54
CA VAL D 503 28.15 -34.77 0.05
C VAL D 503 28.08 -34.70 1.56
N GLU D 504 27.58 -33.59 2.09
CA GLU D 504 27.46 -33.47 3.54
C GLU D 504 26.56 -34.56 4.10
N ARG D 505 25.46 -34.85 3.40
CA ARG D 505 24.45 -35.76 3.92
C ARG D 505 24.94 -37.20 3.90
N ARG D 506 25.50 -37.64 2.78
CA ARG D 506 25.79 -39.06 2.58
C ARG D 506 27.20 -39.45 2.98
N VAL D 507 28.08 -38.50 3.28
CA VAL D 507 29.45 -38.83 3.65
C VAL D 507 29.77 -38.22 5.00
N VAL D 508 29.68 -36.89 5.10
CA VAL D 508 30.15 -36.21 6.30
C VAL D 508 29.39 -36.68 7.53
N ASN D 509 28.09 -37.02 7.41
CA ASN D 509 27.33 -37.60 8.52
C ASN D 509 27.95 -38.90 9.03
N GLN D 510 28.40 -39.78 8.15
CA GLN D 510 29.09 -41.02 8.50
C GLN D 510 30.45 -40.74 9.13
N LEU D 511 31.21 -39.79 8.60
CA LEU D 511 32.48 -39.36 9.20
C LEU D 511 32.27 -38.83 10.62
N ALA D 512 31.24 -38.01 10.84
CA ALA D 512 31.01 -37.44 12.16
C ALA D 512 30.55 -38.49 13.14
N ALA D 513 29.72 -39.45 12.73
CA ALA D 513 29.33 -40.58 13.57
C ALA D 513 30.50 -41.54 13.85
N ALA D 514 31.38 -41.80 12.88
CA ALA D 514 32.59 -42.59 13.09
C ALA D 514 33.59 -41.87 14.00
N TYR D 515 33.61 -40.54 14.02
CA TYR D 515 34.48 -39.76 14.87
C TYR D 515 34.24 -40.02 16.37
N GLU D 516 33.23 -40.78 16.79
CA GLU D 516 33.09 -41.23 18.17
C GLU D 516 34.01 -42.42 18.39
N GLN D 517 35.31 -42.13 18.46
CA GLN D 517 36.33 -43.08 18.88
C GLN D 517 36.61 -44.16 17.85
N ASP D 518 35.89 -44.24 16.72
CA ASP D 518 36.17 -45.19 15.62
C ASP D 518 37.12 -44.63 14.56
N LEU D 519 37.36 -43.31 14.53
CA LEU D 519 38.36 -42.67 13.68
C LEU D 519 39.61 -42.34 14.49
N LEU D 520 40.75 -42.74 13.91
CA LEU D 520 42.12 -42.60 14.40
C LEU D 520 42.96 -42.04 13.24
N PRO D 521 44.18 -41.50 13.48
CA PRO D 521 44.91 -40.79 12.42
C PRO D 521 45.55 -41.75 11.43
N GLY D 522 44.71 -42.37 10.60
CA GLY D 522 45.15 -43.30 9.59
C GLY D 522 44.41 -43.07 8.28
N GLY D 523 44.74 -43.92 7.30
CA GLY D 523 44.21 -43.76 5.96
C GLY D 523 42.78 -44.23 5.81
N CYS D 524 41.81 -43.57 6.43
CA CYS D 524 40.39 -43.84 6.24
C CYS D 524 40.03 -43.77 4.75
N THR D 525 39.36 -44.81 4.26
CA THR D 525 39.03 -44.94 2.84
C THR D 525 37.53 -45.05 2.66
N LEU D 526 37.02 -44.35 1.66
CA LEU D 526 35.59 -44.34 1.34
C LEU D 526 35.35 -45.18 0.11
N ARG D 527 34.44 -46.15 0.21
CA ARG D 527 34.19 -47.09 -0.87
C ARG D 527 32.69 -47.33 -1.02
N ILE D 528 32.31 -47.81 -2.20
CA ILE D 528 30.93 -48.16 -2.50
C ILE D 528 30.67 -49.59 -2.06
N THR D 529 29.49 -49.83 -1.51
CA THR D 529 29.12 -51.17 -1.10
C THR D 529 28.91 -52.06 -2.32
N VAL D 530 28.62 -53.34 -2.06
CA VAL D 530 28.34 -54.27 -3.14
C VAL D 530 27.12 -53.81 -3.94
N GLU D 531 26.19 -53.11 -3.28
CA GLU D 531 25.03 -52.56 -3.97
C GLU D 531 25.46 -51.35 -4.79
N ASP D 532 25.84 -51.58 -6.04
CA ASP D 532 26.37 -50.51 -6.87
C ASP D 532 25.37 -49.36 -6.98
N SER D 533 25.87 -48.14 -6.82
CA SER D 533 25.08 -46.92 -6.97
C SER D 533 23.94 -46.84 -5.96
N ASP D 534 24.04 -47.58 -4.85
CA ASP D 534 22.99 -47.57 -3.83
C ASP D 534 23.52 -47.10 -2.48
N LYS D 535 24.64 -47.64 -2.01
CA LYS D 535 25.16 -47.32 -0.69
C LYS D 535 26.68 -47.18 -0.76
N GLN D 536 27.22 -46.46 0.20
CA GLN D 536 28.66 -46.28 0.33
C GLN D 536 29.03 -46.29 1.80
N LEU D 537 30.17 -46.88 2.14
CA LEU D 537 30.64 -47.03 3.51
C LEU D 537 32.08 -46.52 3.69
N LEU D 538 32.43 -46.18 4.93
CA LEU D 538 33.80 -45.95 5.33
C LEU D 538 34.49 -47.27 5.66
N LYS D 539 35.78 -47.36 5.35
CA LYS D 539 36.70 -48.43 5.76
C LYS D 539 37.80 -47.84 6.63
N SER D 540 38.27 -48.62 7.59
CA SER D 540 39.24 -48.19 8.58
C SER D 540 40.58 -47.78 7.93
N PRO D 541 41.52 -47.17 8.68
CA PRO D 541 42.90 -46.96 8.23
C PRO D 541 43.47 -48.13 7.43
N GLU D 542 43.32 -49.32 8.00
CA GLU D 542 43.53 -50.60 7.32
C GLU D 542 42.28 -50.88 6.49
N LEU D 543 42.41 -50.77 5.17
CA LEU D 543 41.33 -50.99 4.20
C LEU D 543 40.59 -52.33 4.32
N PRO D 544 41.20 -53.47 4.73
CA PRO D 544 40.48 -54.74 4.81
C PRO D 544 39.30 -54.77 5.82
N SER D 545 39.18 -53.79 6.72
CA SER D 545 38.11 -53.74 7.71
C SER D 545 37.13 -52.58 7.41
N PRO D 546 35.83 -52.84 7.14
CA PRO D 546 34.81 -51.80 7.07
C PRO D 546 34.52 -51.22 8.46
N GLN D 547 34.14 -49.94 8.52
CA GLN D 547 33.70 -49.34 9.79
C GLN D 547 32.41 -49.98 10.30
N ALA D 548 32.28 -50.07 11.62
CA ALA D 548 31.16 -50.72 12.29
C ALA D 548 29.83 -49.96 12.13
N GLU D 549 28.74 -50.61 12.54
CA GLU D 549 27.50 -49.89 12.87
C GLU D 549 27.80 -48.85 13.96
N LYS D 550 27.34 -47.61 13.76
CA LYS D 550 27.73 -46.47 14.61
C LYS D 550 27.11 -46.49 16.02
N ARG D 551 26.20 -47.44 16.28
CA ARG D 551 25.61 -47.79 17.60
C ARG D 551 25.04 -46.56 18.31
N LEU D 552 24.08 -45.91 17.67
CA LEU D 552 23.27 -44.84 18.25
C LEU D 552 22.21 -45.29 19.29
N PRO D 553 21.46 -46.40 19.09
CA PRO D 553 20.41 -46.84 20.05
C PRO D 553 20.97 -47.61 21.26
N LYS D 554 22.01 -47.07 21.92
CA LYS D 554 22.57 -47.59 23.19
C LYS D 554 21.49 -47.69 24.27
N ARG E 204 32.90 44.80 -20.93
CA ARG E 204 32.72 45.08 -22.35
C ARG E 204 33.62 44.18 -23.20
N LYS E 205 34.87 44.00 -22.78
CA LYS E 205 35.77 43.12 -23.51
C LYS E 205 35.25 41.69 -23.51
N ARG E 206 34.75 41.22 -22.37
CA ARG E 206 34.18 39.88 -22.31
C ARG E 206 32.99 39.73 -23.24
N GLU E 207 32.12 40.74 -23.25
CA GLU E 207 30.96 40.70 -24.15
C GLU E 207 31.40 40.64 -25.60
N ALA E 208 32.37 41.46 -25.97
CA ALA E 208 32.86 41.46 -27.35
C ALA E 208 33.45 40.11 -27.73
N GLU E 209 34.24 39.52 -26.83
CA GLU E 209 34.90 38.26 -27.16
C GLU E 209 33.92 37.09 -27.22
N GLU E 210 32.93 37.08 -26.31
CA GLU E 210 32.05 35.93 -26.20
C GLU E 210 31.30 35.66 -27.50
N ARG E 211 30.65 36.70 -28.04
CA ARG E 211 29.78 36.51 -29.19
C ARG E 211 30.54 36.29 -30.49
N ARG E 212 31.84 36.51 -30.52
CA ARG E 212 32.62 36.49 -31.75
C ARG E 212 33.58 35.32 -31.77
N ARG E 213 33.69 34.67 -32.93
CA ARG E 213 34.70 33.66 -33.19
C ARG E 213 34.50 32.40 -32.35
N PHE E 214 33.41 32.35 -31.58
CA PHE E 214 33.17 31.16 -30.76
C PHE E 214 31.70 31.09 -30.33
N PRO E 215 30.77 30.94 -31.26
CA PRO E 215 29.37 30.75 -30.86
C PRO E 215 29.19 29.43 -30.13
N LEU E 216 28.17 29.38 -29.27
CA LEU E 216 27.90 28.16 -28.53
C LEU E 216 27.74 26.98 -29.46
N GLU E 217 27.11 27.18 -30.62
CA GLU E 217 26.93 26.08 -31.56
C GLU E 217 28.27 25.54 -32.04
N GLN E 218 29.21 26.44 -32.33
CA GLN E 218 30.53 26.01 -32.78
C GLN E 218 31.19 25.11 -31.74
N ARG E 219 31.17 25.54 -30.48
CA ARG E 219 31.78 24.73 -29.43
C ARG E 219 31.07 23.39 -29.26
N LEU E 220 29.74 23.42 -29.28
CA LEU E 220 28.98 22.20 -29.06
C LEU E 220 29.26 21.18 -30.15
N LYS E 221 29.35 21.64 -31.40
CA LYS E 221 29.59 20.71 -32.50
C LYS E 221 30.91 19.98 -32.32
N GLU E 222 31.83 20.53 -31.53
CA GLU E 222 33.08 19.84 -31.26
C GLU E 222 32.84 18.55 -30.48
N HIS E 223 31.95 18.60 -29.49
CA HIS E 223 31.72 17.46 -28.61
C HIS E 223 30.52 16.62 -28.99
N ILE E 224 29.51 17.21 -29.63
CA ILE E 224 28.25 16.53 -29.89
C ILE E 224 28.14 16.24 -31.38
N ILE E 225 27.60 15.07 -31.69
CA ILE E 225 27.37 14.64 -33.08
C ILE E 225 25.88 14.64 -33.34
N GLY E 226 25.47 15.25 -34.44
CA GLY E 226 24.06 15.34 -34.73
C GLY E 226 23.37 16.31 -33.79
N GLN E 227 22.06 16.12 -33.64
CA GLN E 227 21.25 16.98 -32.77
C GLN E 227 21.39 18.44 -33.18
N GLU E 228 21.45 18.69 -34.49
CA GLU E 228 21.66 20.05 -34.97
C GLU E 228 20.52 20.96 -34.54
N SER E 229 19.28 20.49 -34.64
CA SER E 229 18.15 21.31 -34.25
C SER E 229 18.22 21.68 -32.78
N ALA E 230 18.57 20.72 -31.93
CA ALA E 230 18.69 21.01 -30.50
C ALA E 230 19.77 22.05 -30.24
N ILE E 231 20.92 21.91 -30.89
CA ILE E 231 22.00 22.87 -30.69
C ILE E 231 21.56 24.26 -31.14
N ALA E 232 20.90 24.34 -32.30
CA ALA E 232 20.44 25.63 -32.79
C ALA E 232 19.45 26.25 -31.82
N THR E 233 18.50 25.46 -31.32
CA THR E 233 17.51 25.99 -30.39
C THR E 233 18.16 26.52 -29.13
N VAL E 234 19.07 25.73 -28.55
CA VAL E 234 19.73 26.15 -27.31
C VAL E 234 20.54 27.42 -27.53
N GLY E 235 21.30 27.47 -28.63
CA GLY E 235 22.09 28.65 -28.91
C GLY E 235 21.23 29.88 -29.13
N ALA E 236 20.13 29.74 -29.88
CA ALA E 236 19.25 30.87 -30.11
C ALA E 236 18.67 31.38 -28.82
N ALA E 237 18.21 30.47 -27.95
CA ALA E 237 17.65 30.90 -26.68
C ALA E 237 18.69 31.59 -25.82
N ILE E 238 19.92 31.04 -25.77
CA ILE E 238 20.96 31.65 -24.97
C ILE E 238 21.28 33.04 -25.47
N ARG E 239 21.39 33.20 -26.79
CA ARG E 239 21.68 34.52 -27.34
C ARG E 239 20.55 35.49 -27.05
N ARG E 240 19.30 35.04 -27.18
CA ARG E 240 18.17 35.91 -26.86
C ARG E 240 18.25 36.38 -25.42
N LYS E 241 18.57 35.47 -24.50
CA LYS E 241 18.72 35.88 -23.10
C LYS E 241 19.85 36.88 -22.95
N GLU E 242 20.99 36.62 -23.58
CA GLU E 242 22.15 37.47 -23.41
C GLU E 242 21.87 38.89 -23.89
N ASN E 243 21.21 39.03 -25.03
CA ASN E 243 20.95 40.34 -25.62
C ASN E 243 19.71 41.01 -25.05
N GLY E 244 19.00 40.35 -24.14
CA GLY E 244 17.85 40.94 -23.49
C GLY E 244 16.56 40.86 -24.29
N TRP E 245 16.59 40.33 -25.50
CA TRP E 245 15.39 40.20 -26.33
C TRP E 245 14.58 38.98 -25.89
N TYR E 246 14.21 39.00 -24.62
CA TYR E 246 13.57 37.85 -24.00
C TYR E 246 12.94 38.32 -22.69
N ASP E 247 12.09 37.47 -22.11
CA ASP E 247 11.41 37.77 -20.86
C ASP E 247 12.43 37.68 -19.72
N GLU E 248 13.17 38.79 -19.53
CA GLU E 248 14.19 38.83 -18.50
C GLU E 248 13.60 38.76 -17.10
N GLU E 249 12.29 38.94 -16.95
CA GLU E 249 11.66 38.84 -15.64
C GLU E 249 11.56 37.41 -15.13
N HIS E 250 11.84 36.41 -15.96
CA HIS E 250 11.77 35.02 -15.55
C HIS E 250 13.04 34.29 -15.98
N PRO E 251 13.47 33.30 -15.20
CA PRO E 251 14.64 32.51 -15.60
C PRO E 251 14.34 31.67 -16.83
N LEU E 252 15.39 31.36 -17.58
CA LEU E 252 15.29 30.55 -18.78
C LEU E 252 15.27 29.08 -18.39
N VAL E 253 14.30 28.34 -18.92
CA VAL E 253 14.07 26.94 -18.54
C VAL E 253 14.04 26.09 -19.81
N PHE E 254 14.73 24.96 -19.77
CA PHE E 254 14.75 24.01 -20.86
C PHE E 254 14.28 22.64 -20.39
N LEU E 255 13.73 21.86 -21.31
CA LEU E 255 13.41 20.47 -21.07
C LEU E 255 13.96 19.65 -22.24
N PHE E 256 14.74 18.63 -21.93
CA PHE E 256 15.37 17.79 -22.94
C PHE E 256 14.69 16.42 -22.92
N LEU E 257 14.30 15.94 -24.10
CA LEU E 257 13.61 14.67 -24.24
C LEU E 257 14.23 13.87 -25.38
N GLY E 258 14.07 12.56 -25.30
CA GLY E 258 14.58 11.68 -26.33
C GLY E 258 14.98 10.36 -25.71
N SER E 259 15.49 9.47 -26.58
CA SER E 259 15.94 8.17 -26.12
C SER E 259 17.20 8.33 -25.27
N SER E 260 17.73 7.20 -24.81
CA SER E 260 18.90 7.21 -23.96
C SER E 260 20.17 7.27 -24.79
N GLY E 261 21.21 7.84 -24.20
CA GLY E 261 22.51 7.89 -24.84
C GLY E 261 22.55 8.75 -26.09
N ILE E 262 21.96 9.93 -26.04
CA ILE E 262 21.94 10.84 -27.18
C ILE E 262 22.36 12.26 -26.80
N GLY E 263 23.00 12.43 -25.65
CA GLY E 263 23.69 13.67 -25.34
C GLY E 263 22.93 14.68 -24.52
N LYS E 264 21.81 14.32 -23.89
CA LYS E 264 21.10 15.27 -23.05
C LYS E 264 22.00 15.81 -21.96
N THR E 265 22.45 14.93 -21.06
CA THR E 265 23.40 15.36 -20.03
C THR E 265 24.67 15.93 -20.64
N GLU E 266 25.14 15.35 -21.75
CA GLU E 266 26.34 15.86 -22.39
C GLU E 266 26.14 17.29 -22.86
N LEU E 267 25.01 17.56 -23.53
CA LEU E 267 24.75 18.91 -23.99
C LEU E 267 24.62 19.88 -22.83
N ALA E 268 23.96 19.44 -21.75
CA ALA E 268 23.81 20.31 -20.59
C ALA E 268 25.17 20.66 -20.01
N LYS E 269 26.05 19.66 -19.88
CA LYS E 269 27.38 19.91 -19.32
C LYS E 269 28.17 20.85 -20.20
N GLN E 270 28.13 20.64 -21.52
CA GLN E 270 28.86 21.50 -22.43
C GLN E 270 28.34 22.93 -22.36
N THR E 271 27.01 23.09 -22.29
CA THR E 271 26.44 24.42 -22.17
C THR E 271 26.88 25.10 -20.89
N ALA E 272 26.89 24.35 -19.79
CA ALA E 272 27.33 24.94 -18.52
C ALA E 272 28.78 25.38 -18.61
N LYS E 273 29.64 24.54 -19.19
CA LYS E 273 31.03 24.91 -19.34
C LYS E 273 31.18 26.18 -20.18
N TYR E 274 30.44 26.25 -21.28
CA TYR E 274 30.55 27.42 -22.15
C TYR E 274 30.09 28.68 -21.42
N MET E 275 28.97 28.59 -20.69
CA MET E 275 28.50 29.75 -19.94
C MET E 275 29.53 30.19 -18.90
N HIS E 276 30.08 29.25 -18.14
CA HIS E 276 30.95 29.59 -17.02
C HIS E 276 32.37 29.07 -17.21
N LYS E 277 32.78 28.84 -18.45
CA LYS E 277 34.16 28.45 -18.74
C LYS E 277 34.53 27.23 -17.90
N ASP E 278 35.38 27.41 -16.89
CA ASP E 278 35.83 26.33 -16.03
C ASP E 278 35.28 26.42 -14.61
N ALA E 279 34.57 27.49 -14.28
CA ALA E 279 34.08 27.67 -12.92
C ALA E 279 33.17 26.52 -12.52
N LYS E 280 33.62 25.72 -11.56
CA LYS E 280 32.78 24.63 -11.07
C LYS E 280 31.52 25.15 -10.42
N LYS E 281 31.63 26.25 -9.67
CA LYS E 281 30.46 26.83 -9.02
C LYS E 281 29.40 27.24 -10.03
N GLY E 282 29.77 27.49 -11.28
CA GLY E 282 28.82 27.92 -12.28
C GLY E 282 27.92 26.82 -12.81
N PHE E 283 28.21 25.57 -12.49
CA PHE E 283 27.42 24.43 -12.96
C PHE E 283 26.92 23.66 -11.74
N ILE E 284 25.66 23.91 -11.37
CA ILE E 284 25.03 23.23 -10.24
C ILE E 284 24.36 21.98 -10.79
N ARG E 285 24.84 20.81 -10.36
CA ARG E 285 24.35 19.54 -10.85
C ARG E 285 23.47 18.90 -9.78
N LEU E 286 22.22 18.60 -10.14
CA LEU E 286 21.29 17.90 -9.27
C LEU E 286 20.72 16.71 -10.02
N ASP E 287 20.88 15.53 -9.45
CA ASP E 287 20.32 14.30 -10.01
C ASP E 287 19.03 14.02 -9.24
N MET E 288 17.90 14.14 -9.94
CA MET E 288 16.61 14.12 -9.27
C MET E 288 16.25 12.75 -8.74
N SER E 289 17.02 11.72 -9.07
CA SER E 289 16.71 10.38 -8.58
C SER E 289 16.81 10.28 -7.06
N GLU E 290 17.45 11.26 -6.41
CA GLU E 290 17.52 11.29 -4.96
C GLU E 290 16.34 12.01 -4.33
N PHE E 291 15.44 12.58 -5.13
CA PHE E 291 14.31 13.34 -4.63
C PHE E 291 13.00 12.63 -4.91
N GLN E 292 12.98 11.31 -4.74
CA GLN E 292 11.79 10.52 -5.00
C GLN E 292 10.80 10.51 -3.84
N GLU E 293 11.13 11.16 -2.73
CA GLU E 293 10.27 11.17 -1.55
C GLU E 293 9.89 12.60 -1.21
N ARG E 294 8.74 12.75 -0.55
CA ARG E 294 8.19 14.08 -0.29
C ARG E 294 9.16 14.93 0.51
N HIS E 295 9.74 14.37 1.58
CA HIS E 295 10.58 15.16 2.47
C HIS E 295 11.93 15.51 1.86
N GLU E 296 12.26 14.99 0.68
CA GLU E 296 13.54 15.29 0.07
C GLU E 296 13.70 16.77 -0.25
N VAL E 297 12.60 17.52 -0.30
CA VAL E 297 12.68 18.95 -0.61
C VAL E 297 13.58 19.67 0.38
N ALA E 298 13.73 19.12 1.59
CA ALA E 298 14.56 19.76 2.59
C ALA E 298 15.97 19.99 2.08
N LYS E 299 16.46 19.14 1.18
CA LYS E 299 17.80 19.31 0.65
C LYS E 299 17.96 20.61 -0.12
N PHE E 300 16.88 21.09 -0.73
CA PHE E 300 16.96 22.36 -1.45
C PHE E 300 17.27 23.51 -0.50
N ILE E 301 16.59 23.54 0.65
CA ILE E 301 16.60 24.71 1.52
C ILE E 301 17.13 24.42 2.91
N GLY E 302 17.40 23.16 3.25
CA GLY E 302 17.85 22.82 4.58
C GLY E 302 16.70 22.75 5.56
N SER E 303 17.01 22.24 6.74
CA SER E 303 15.98 22.07 7.76
C SER E 303 15.63 23.41 8.40
N PRO E 304 14.43 23.55 8.96
CA PRO E 304 14.06 24.80 9.61
C PRO E 304 14.91 25.04 10.84
N PRO E 305 14.86 26.25 11.41
CA PRO E 305 15.70 26.56 12.56
C PRO E 305 15.43 25.62 13.72
N GLY E 306 16.50 25.28 14.45
CA GLY E 306 16.39 24.42 15.61
C GLY E 306 16.35 22.95 15.30
N TYR E 307 16.45 22.56 14.03
CA TYR E 307 16.40 21.16 13.63
C TYR E 307 17.79 20.67 13.24
N VAL E 308 17.91 19.35 13.07
CA VAL E 308 19.19 18.75 12.74
C VAL E 308 19.68 19.32 11.42
N GLY E 309 20.84 19.98 11.46
CA GLY E 309 21.47 20.47 10.26
C GLY E 309 20.92 21.76 9.70
N HIS E 310 20.06 22.47 10.44
CA HIS E 310 19.48 23.69 9.91
C HIS E 310 20.55 24.72 9.56
N GLU E 311 21.72 24.65 10.21
CA GLU E 311 22.78 25.59 9.90
C GLU E 311 23.23 25.51 8.46
N GLU E 312 22.98 24.38 7.79
CA GLU E 312 23.25 24.24 6.36
C GLU E 312 21.91 24.38 5.63
N GLY E 313 21.63 25.60 5.18
CA GLY E 313 20.35 25.90 4.55
C GLY E 313 20.23 25.36 3.14
N GLY E 314 20.40 24.06 2.97
CA GLY E 314 20.22 23.44 1.68
C GLY E 314 21.38 23.69 0.75
N GLN E 315 21.65 22.72 -0.13
CA GLN E 315 22.77 22.87 -1.07
C GLN E 315 22.41 23.84 -2.20
N LEU E 316 21.19 23.73 -2.72
CA LEU E 316 20.82 24.53 -3.88
C LEU E 316 20.90 26.02 -3.58
N THR E 317 20.37 26.42 -2.42
CA THR E 317 20.38 27.84 -2.08
C THR E 317 21.80 28.36 -1.94
N LYS E 318 22.66 27.61 -1.24
CA LYS E 318 24.04 28.04 -1.07
C LYS E 318 24.74 28.18 -2.42
N LYS E 319 24.60 27.16 -3.27
CA LYS E 319 25.27 27.21 -4.56
C LYS E 319 24.75 28.36 -5.41
N LEU E 320 23.44 28.59 -5.38
CA LEU E 320 22.87 29.68 -6.16
C LEU E 320 23.40 31.02 -5.69
N LYS E 321 23.39 31.26 -4.38
CA LYS E 321 23.90 32.53 -3.87
C LYS E 321 25.39 32.67 -4.17
N GLN E 322 26.10 31.55 -4.30
CA GLN E 322 27.51 31.63 -4.70
C GLN E 322 27.65 32.04 -6.16
N CYS E 323 26.71 31.65 -7.01
CA CYS E 323 26.78 31.97 -8.44
C CYS E 323 25.36 32.16 -8.95
N PRO E 324 24.85 33.39 -8.89
CA PRO E 324 23.43 33.61 -9.28
C PRO E 324 23.10 33.14 -10.68
N ASN E 325 24.02 33.33 -11.64
CA ASN E 325 23.77 32.95 -13.03
C ASN E 325 24.28 31.57 -13.37
N ALA E 326 24.37 30.68 -12.39
CA ALA E 326 24.85 29.33 -12.65
C ALA E 326 23.82 28.54 -13.45
N VAL E 327 24.33 27.63 -14.28
CA VAL E 327 23.47 26.70 -15.01
C VAL E 327 23.11 25.56 -14.08
N VAL E 328 21.81 25.33 -13.90
CA VAL E 328 21.31 24.30 -12.99
C VAL E 328 20.74 23.17 -13.82
N LEU E 329 21.21 21.95 -13.58
CA LEU E 329 20.76 20.77 -14.29
C LEU E 329 20.05 19.84 -13.32
N PHE E 330 18.79 19.54 -13.62
CA PHE E 330 18.02 18.55 -12.87
C PHE E 330 17.93 17.30 -13.75
N ASP E 331 18.95 16.45 -13.66
CA ASP E 331 18.99 15.26 -14.49
C ASP E 331 17.89 14.30 -14.07
N GLU E 332 17.21 13.72 -15.07
CA GLU E 332 16.13 12.76 -14.83
C GLU E 332 15.05 13.37 -13.93
N VAL E 333 14.51 14.51 -14.37
CA VAL E 333 13.53 15.22 -13.56
C VAL E 333 12.30 14.37 -13.32
N ASP E 334 11.96 13.50 -14.26
CA ASP E 334 10.75 12.69 -14.13
C ASP E 334 10.75 11.82 -12.88
N LYS E 335 11.92 11.54 -12.31
CA LYS E 335 12.00 10.75 -11.09
C LYS E 335 11.60 11.53 -9.85
N ALA E 336 11.59 12.87 -9.93
CA ALA E 336 11.36 13.67 -8.74
C ALA E 336 9.94 13.47 -8.21
N HIS E 337 9.80 13.61 -6.90
CA HIS E 337 8.49 13.53 -6.28
C HIS E 337 7.66 14.75 -6.66
N PRO E 338 6.33 14.60 -6.78
CA PRO E 338 5.53 15.75 -7.21
C PRO E 338 5.70 16.99 -6.37
N ASP E 339 5.92 16.86 -5.06
CA ASP E 339 6.17 18.04 -4.25
C ASP E 339 7.45 18.75 -4.68
N VAL E 340 8.48 17.99 -5.03
CA VAL E 340 9.70 18.58 -5.54
C VAL E 340 9.41 19.38 -6.82
N LEU E 341 8.60 18.79 -7.70
CA LEU E 341 8.23 19.50 -8.92
C LEU E 341 7.46 20.77 -8.60
N THR E 342 6.61 20.73 -7.58
CA THR E 342 5.90 21.94 -7.16
C THR E 342 6.88 23.02 -6.71
N ILE E 343 7.89 22.62 -5.94
CA ILE E 343 8.90 23.59 -5.52
C ILE E 343 9.64 24.15 -6.72
N MET E 344 9.95 23.30 -7.70
CA MET E 344 10.62 23.74 -8.92
C MET E 344 9.76 24.78 -9.65
N LEU E 345 8.47 24.50 -9.79
CA LEU E 345 7.59 25.43 -10.47
C LEU E 345 7.50 26.75 -9.72
N GLN E 346 7.44 26.68 -8.40
CA GLN E 346 7.44 27.90 -7.60
C GLN E 346 8.71 28.70 -7.84
N LEU E 347 9.85 28.00 -7.90
CA LEU E 347 11.11 28.68 -8.15
C LEU E 347 11.10 29.36 -9.52
N PHE E 348 10.62 28.65 -10.54
CA PHE E 348 10.60 29.22 -11.89
C PHE E 348 9.71 30.45 -11.94
N ASP E 349 8.47 30.33 -11.48
CA ASP E 349 7.54 31.44 -11.56
C ASP E 349 8.02 32.62 -10.72
N GLU E 350 8.31 32.36 -9.45
CA GLU E 350 8.78 33.42 -8.56
C GLU E 350 10.12 33.95 -9.02
N GLY E 351 11.02 33.06 -9.45
CA GLY E 351 12.35 33.45 -9.85
C GLY E 351 13.35 33.59 -8.71
N ARG E 352 12.90 33.44 -7.47
CA ARG E 352 13.79 33.47 -6.31
C ARG E 352 13.32 32.44 -5.31
N LEU E 353 14.25 31.95 -4.50
CA LEU E 353 13.98 30.90 -3.53
C LEU E 353 14.41 31.36 -2.15
N THR E 354 13.63 30.95 -1.14
CA THR E 354 13.92 31.28 0.26
C THR E 354 14.37 30.02 0.97
N ASP E 355 15.54 30.08 1.60
CA ASP E 355 16.09 28.92 2.29
C ASP E 355 15.36 28.71 3.61
N GLY E 356 15.82 27.75 4.41
CA GLY E 356 15.21 27.49 5.70
C GLY E 356 15.53 28.50 6.77
N LYS E 357 16.49 29.39 6.53
CA LYS E 357 16.85 30.43 7.48
C LYS E 357 16.14 31.75 7.19
N GLY E 358 15.21 31.77 6.24
CA GLY E 358 14.46 32.97 5.92
C GLY E 358 15.10 33.85 4.86
N LYS E 359 16.33 33.56 4.45
CA LYS E 359 16.98 34.34 3.41
C LYS E 359 16.43 33.96 2.05
N THR E 360 16.19 34.96 1.22
CA THR E 360 15.70 34.77 -0.15
C THR E 360 16.80 35.12 -1.13
N ILE E 361 17.01 34.25 -2.11
CA ILE E 361 18.08 34.40 -3.09
C ILE E 361 17.46 34.60 -4.45
N ASP E 362 17.90 35.63 -5.16
CA ASP E 362 17.40 35.92 -6.49
C ASP E 362 18.20 35.15 -7.53
N CYS E 363 17.50 34.43 -8.39
CA CYS E 363 18.12 33.64 -9.46
C CYS E 363 17.39 33.89 -10.77
N LYS E 364 17.07 35.17 -11.04
CA LYS E 364 16.33 35.49 -12.26
C LYS E 364 17.13 35.15 -13.50
N ASP E 365 18.43 35.40 -13.47
CA ASP E 365 19.29 35.19 -14.64
C ASP E 365 19.83 33.76 -14.73
N ALA E 366 19.51 32.90 -13.77
CA ALA E 366 19.98 31.53 -13.84
C ALA E 366 19.34 30.79 -15.01
N ILE E 367 20.00 29.74 -15.46
CA ILE E 367 19.51 28.89 -16.53
C ILE E 367 19.24 27.51 -15.96
N PHE E 368 18.02 27.02 -16.15
CA PHE E 368 17.60 25.72 -15.62
C PHE E 368 17.39 24.77 -16.79
N ILE E 369 18.03 23.60 -16.72
CA ILE E 369 17.94 22.58 -17.74
C ILE E 369 17.44 21.30 -17.07
N MET E 370 16.50 20.62 -17.73
CA MET E 370 15.92 19.39 -17.22
C MET E 370 16.02 18.33 -18.29
N THR E 371 16.35 17.11 -17.89
CA THR E 371 16.46 15.98 -18.80
C THR E 371 15.58 14.85 -18.32
N SER E 372 14.93 14.17 -19.27
CA SER E 372 14.09 13.03 -18.96
C SER E 372 13.89 12.24 -20.25
N ASN E 373 13.15 11.14 -20.13
CA ASN E 373 12.84 10.28 -21.26
C ASN E 373 11.39 9.84 -21.20
N VAL E 374 10.51 10.76 -20.79
CA VAL E 374 9.11 10.40 -20.62
C VAL E 374 8.50 9.94 -21.94
N ALA E 375 8.75 10.70 -23.01
CA ALA E 375 8.24 10.37 -24.33
C ALA E 375 9.32 9.80 -25.25
N SER E 376 10.34 9.16 -24.67
CA SER E 376 11.47 8.69 -25.47
C SER E 376 11.01 7.74 -26.57
N ASP E 377 10.17 6.76 -26.21
CA ASP E 377 9.74 5.78 -27.20
C ASP E 377 8.97 6.44 -28.34
N GLU E 378 8.05 7.34 -28.01
CA GLU E 378 7.26 8.00 -29.05
C GLU E 378 8.16 8.83 -29.96
N ILE E 379 9.10 9.58 -29.39
CA ILE E 379 10.04 10.42 -30.12
C ILE E 379 10.90 9.55 -31.04
N ALA E 380 11.47 8.47 -30.51
CA ALA E 380 12.33 7.56 -31.26
C ALA E 380 11.57 6.89 -32.41
N GLN E 381 10.40 6.28 -32.15
CA GLN E 381 9.66 5.60 -33.20
C GLN E 381 9.16 6.57 -34.26
N HIS E 382 8.74 7.78 -33.89
CA HIS E 382 8.37 8.80 -34.88
C HIS E 382 9.56 9.24 -35.73
N ALA E 383 10.73 9.47 -35.12
CA ALA E 383 11.94 9.85 -35.86
C ALA E 383 12.36 8.75 -36.85
N LEU E 384 12.32 7.49 -36.44
CA LEU E 384 12.60 6.34 -37.31
C LEU E 384 11.56 6.23 -38.44
N GLN E 385 10.27 6.40 -38.15
CA GLN E 385 9.21 6.47 -39.17
C GLN E 385 9.46 7.61 -40.16
N LEU E 386 9.77 8.83 -39.71
CA LEU E 386 10.10 9.94 -40.61
C LEU E 386 11.32 9.64 -41.49
N ARG E 387 12.39 9.03 -40.94
CA ARG E 387 13.54 8.59 -41.77
C ARG E 387 13.11 7.59 -42.84
N GLN E 388 12.29 6.59 -42.51
CA GLN E 388 11.75 5.64 -43.49
C GLN E 388 10.90 6.35 -44.56
N GLU E 389 9.98 7.23 -44.17
CA GLU E 389 9.17 8.00 -45.11
C GLU E 389 10.03 8.86 -46.06
N ALA E 390 11.09 9.49 -45.55
CA ALA E 390 12.02 10.23 -46.38
C ALA E 390 12.78 9.32 -47.37
N LEU E 391 13.11 8.08 -46.99
CA LEU E 391 13.67 7.09 -47.92
C LEU E 391 12.68 6.70 -49.03
N GLU E 392 11.37 6.70 -48.77
CA GLU E 392 10.36 6.55 -49.84
C GLU E 392 10.36 7.73 -50.82
N MET E 393 10.68 8.95 -50.38
CA MET E 393 10.89 10.08 -51.31
C MET E 393 12.16 9.86 -52.16
N SER E 394 13.28 9.47 -51.52
CA SER E 394 14.50 9.03 -52.21
C SER E 394 14.29 7.64 -52.82
N ILE E 411 13.93 15.76 -43.89
CA ILE E 411 14.06 14.33 -43.70
C ILE E 411 13.44 13.91 -42.36
N THR E 412 13.73 14.60 -41.28
CA THR E 412 13.39 14.21 -39.89
C THR E 412 12.74 15.29 -39.05
N ILE E 413 12.48 16.48 -39.57
CA ILE E 413 12.01 17.61 -38.76
C ILE E 413 10.63 17.28 -38.18
N SER E 414 10.57 16.98 -36.88
CA SER E 414 9.33 16.58 -36.22
C SER E 414 8.35 17.76 -36.15
N LYS E 415 7.16 17.56 -36.70
CA LYS E 415 6.14 18.62 -36.80
C LYS E 415 5.48 18.89 -35.45
N ASN E 416 4.95 20.10 -35.31
CA ASN E 416 4.33 20.57 -34.08
C ASN E 416 3.12 19.73 -33.71
N PHE E 417 2.48 19.09 -34.68
CA PHE E 417 1.39 18.18 -34.37
C PHE E 417 1.89 16.98 -33.57
N LYS E 418 3.07 16.44 -33.91
CA LYS E 418 3.64 15.38 -33.08
C LYS E 418 3.94 15.92 -31.69
N GLU E 419 4.34 17.18 -31.56
CA GLU E 419 4.53 17.75 -30.23
C GLU E 419 3.21 17.81 -29.47
N ASN E 420 2.12 18.13 -30.16
CA ASN E 420 0.81 18.12 -29.53
C ASN E 420 0.41 16.72 -29.11
N VAL E 421 0.78 15.71 -29.91
CA VAL E 421 0.50 14.32 -29.55
C VAL E 421 1.30 13.93 -28.32
N ILE E 422 2.56 14.38 -28.24
CA ILE E 422 3.40 14.05 -27.09
C ILE E 422 2.91 14.75 -25.83
N ARG E 423 2.40 15.98 -25.99
CA ARG E 423 2.03 16.79 -24.83
C ARG E 423 1.14 16.07 -23.83
N PRO E 424 0.10 15.34 -24.23
CA PRO E 424 -0.69 14.63 -23.22
C PRO E 424 0.11 13.67 -22.36
N ILE E 425 1.16 13.05 -22.92
CA ILE E 425 2.00 12.18 -22.11
C ILE E 425 2.69 12.97 -21.01
N LEU E 426 3.24 14.14 -21.37
CA LEU E 426 3.88 14.99 -20.38
C LEU E 426 2.88 15.44 -19.33
N LYS E 427 1.67 15.85 -19.77
CA LYS E 427 0.57 16.28 -18.90
C LYS E 427 0.15 15.17 -17.95
N ALA E 428 0.15 13.92 -18.37
CA ALA E 428 -0.18 12.78 -17.52
C ALA E 428 0.93 12.53 -16.52
N HIS E 429 2.18 12.61 -16.96
CA HIS E 429 3.29 12.29 -16.06
C HIS E 429 3.46 13.37 -14.99
N PHE E 430 3.43 14.64 -15.39
CA PHE E 430 3.65 15.71 -14.43
C PHE E 430 2.34 16.16 -13.79
N ARG E 431 1.24 16.11 -14.53
CA ARG E 431 -0.09 16.46 -14.01
C ARG E 431 -0.17 17.93 -13.60
N ARG E 432 0.72 18.77 -14.12
CA ARG E 432 0.75 20.20 -13.82
C ARG E 432 0.84 20.95 -15.14
N ASP E 433 -0.32 21.27 -15.71
CA ASP E 433 -0.43 22.02 -16.97
C ASP E 433 0.31 23.36 -16.90
N GLU E 434 0.28 24.02 -15.74
CA GLU E 434 1.06 25.23 -15.52
C GLU E 434 2.56 24.94 -15.55
N PHE E 435 3.00 23.79 -15.02
CA PHE E 435 4.42 23.45 -15.02
C PHE E 435 4.94 23.34 -16.45
N LEU E 436 4.22 22.60 -17.29
CA LEU E 436 4.62 22.48 -18.69
C LEU E 436 4.58 23.84 -19.38
N GLY E 437 3.52 24.62 -19.13
CA GLY E 437 3.43 25.93 -19.75
C GLY E 437 4.59 26.83 -19.36
N ARG E 438 5.04 26.73 -18.11
CA ARG E 438 6.15 27.56 -17.66
C ARG E 438 7.44 27.24 -18.39
N ILE E 439 7.56 26.05 -18.97
CA ILE E 439 8.79 25.68 -19.66
C ILE E 439 8.97 26.55 -20.89
N ASN E 440 10.14 27.16 -21.02
CA ASN E 440 10.38 28.05 -22.15
C ASN E 440 10.60 27.28 -23.45
N GLU E 441 11.36 26.20 -23.40
CA GLU E 441 11.72 25.45 -24.59
C GLU E 441 11.69 23.96 -24.31
N ILE E 442 11.18 23.21 -25.27
CA ILE E 442 11.23 21.75 -25.26
C ILE E 442 12.17 21.34 -26.38
N VAL E 443 13.24 20.63 -26.05
CA VAL E 443 14.27 20.25 -27.00
C VAL E 443 14.18 18.74 -27.19
N TYR E 444 14.02 18.32 -28.44
CA TYR E 444 13.87 16.91 -28.79
C TYR E 444 15.17 16.41 -29.39
N PHE E 445 15.68 15.29 -28.87
CA PHE E 445 16.86 14.64 -29.42
C PHE E 445 16.41 13.42 -30.21
N LEU E 446 16.94 13.28 -31.41
CA LEU E 446 16.56 12.20 -32.31
C LEU E 446 17.54 11.02 -32.18
N PRO E 447 17.11 9.77 -32.40
CA PRO E 447 18.04 8.66 -32.56
C PRO E 447 18.98 8.90 -33.74
N PHE E 448 20.25 8.53 -33.60
CA PHE E 448 21.28 8.79 -34.62
C PHE E 448 21.01 8.09 -35.95
N CYS E 449 21.31 8.73 -37.08
CA CYS E 449 21.39 8.08 -38.39
C CYS E 449 22.74 7.41 -38.63
N HIS E 450 22.88 6.61 -39.69
CA HIS E 450 24.05 5.78 -39.94
C HIS E 450 25.32 6.63 -39.99
N SER E 451 25.27 7.76 -40.70
CA SER E 451 26.44 8.63 -40.77
C SER E 451 26.83 9.12 -39.39
N GLU E 452 25.88 9.49 -38.53
CA GLU E 452 26.19 9.92 -37.17
C GLU E 452 26.75 8.77 -36.35
N LEU E 453 26.34 7.53 -36.61
CA LEU E 453 26.96 6.40 -35.94
C LEU E 453 28.41 6.24 -36.36
N ILE E 454 28.68 6.41 -37.66
CA ILE E 454 30.05 6.33 -38.14
C ILE E 454 30.89 7.42 -37.50
N GLN E 455 30.34 8.63 -37.38
CA GLN E 455 31.06 9.71 -36.73
C GLN E 455 31.35 9.37 -35.27
N LEU E 456 30.38 8.75 -34.59
CA LEU E 456 30.60 8.35 -33.20
C LEU E 456 31.73 7.34 -33.09
N VAL E 457 31.74 6.36 -33.98
CA VAL E 457 32.78 5.33 -33.95
C VAL E 457 34.14 5.98 -34.21
N ASN E 458 34.19 6.88 -35.18
CA ASN E 458 35.44 7.57 -35.47
C ASN E 458 35.91 8.40 -34.28
N LYS E 459 34.97 9.05 -33.59
CA LYS E 459 35.33 9.83 -32.42
C LYS E 459 35.92 8.95 -31.33
N GLU E 460 35.29 7.80 -31.08
CA GLU E 460 35.80 6.88 -30.07
C GLU E 460 37.19 6.38 -30.44
N LEU E 461 37.37 5.99 -31.70
CA LEU E 461 38.68 5.50 -32.14
C LEU E 461 39.73 6.59 -32.04
N ASN E 462 39.38 7.83 -32.39
CA ASN E 462 40.32 8.93 -32.27
C ASN E 462 40.70 9.15 -30.81
N PHE E 463 39.73 9.09 -29.91
CA PHE E 463 40.03 9.25 -28.49
C PHE E 463 41.00 8.19 -28.03
N TRP E 464 40.74 6.92 -28.37
CA TRP E 464 41.64 5.86 -27.96
C TRP E 464 43.02 6.02 -28.58
N ALA E 465 43.06 6.41 -29.85
CA ALA E 465 44.34 6.56 -30.54
C ALA E 465 45.17 7.66 -29.90
N LYS E 466 44.56 8.80 -29.59
CA LYS E 466 45.32 9.88 -28.97
C LYS E 466 45.74 9.50 -27.56
N ARG E 467 44.89 8.78 -26.84
CA ARG E 467 45.28 8.30 -25.52
C ARG E 467 46.51 7.40 -25.61
N ALA E 468 46.50 6.47 -26.56
CA ALA E 468 47.65 5.58 -26.73
C ALA E 468 48.88 6.36 -27.12
N LYS E 469 48.75 7.31 -28.05
CA LYS E 469 49.89 8.09 -28.49
C LYS E 469 50.50 8.87 -27.32
N GLN E 470 49.65 9.47 -26.49
CA GLN E 470 50.17 10.25 -25.37
C GLN E 470 50.82 9.35 -24.32
N ARG E 471 50.13 8.28 -23.92
CA ARG E 471 50.60 7.50 -22.78
C ARG E 471 51.79 6.63 -23.15
N HIS E 472 51.76 5.98 -24.32
CA HIS E 472 52.78 5.01 -24.68
C HIS E 472 53.38 5.26 -26.05
N ASN E 473 53.14 6.42 -26.66
CA ASN E 473 53.72 6.77 -27.94
C ASN E 473 53.42 5.71 -28.99
N ILE E 474 52.18 5.22 -28.99
CA ILE E 474 51.72 4.22 -29.96
C ILE E 474 50.81 4.89 -30.95
N THR E 475 51.10 4.73 -32.24
CA THR E 475 50.27 5.26 -33.30
C THR E 475 49.23 4.22 -33.70
N LEU E 476 47.96 4.63 -33.72
CA LEU E 476 46.85 3.73 -33.99
C LEU E 476 46.16 4.14 -35.27
N LEU E 477 45.91 3.19 -36.15
CA LEU E 477 45.29 3.43 -37.44
C LEU E 477 44.15 2.45 -37.66
N TRP E 478 43.22 2.84 -38.52
CA TRP E 478 42.08 1.99 -38.84
C TRP E 478 41.53 2.42 -40.19
N ASP E 479 40.61 1.60 -40.71
CA ASP E 479 40.02 1.82 -42.02
C ASP E 479 38.51 1.92 -41.90
N ARG E 480 37.89 2.42 -42.97
CA ARG E 480 36.43 2.55 -43.01
C ARG E 480 35.76 1.23 -42.70
N GLU E 481 36.35 0.12 -43.16
CA GLU E 481 35.77 -1.19 -42.90
C GLU E 481 35.67 -1.46 -41.40
N VAL E 482 36.68 -1.07 -40.64
CA VAL E 482 36.63 -1.25 -39.19
C VAL E 482 35.48 -0.45 -38.61
N ALA E 483 35.28 0.78 -39.08
CA ALA E 483 34.18 1.58 -38.59
C ALA E 483 32.84 0.92 -38.89
N ASP E 484 32.68 0.38 -40.09
CA ASP E 484 31.45 -0.32 -40.44
C ASP E 484 31.22 -1.51 -39.52
N VAL E 485 32.27 -2.30 -39.31
CA VAL E 485 32.13 -3.49 -38.46
C VAL E 485 31.73 -3.09 -37.06
N LEU E 486 32.36 -2.05 -36.52
CA LEU E 486 32.03 -1.64 -35.15
C LEU E 486 30.60 -1.12 -35.06
N VAL E 487 30.20 -0.27 -36.01
CA VAL E 487 28.84 0.28 -35.96
C VAL E 487 27.81 -0.83 -36.12
N ASP E 488 28.20 -1.94 -36.75
CA ASP E 488 27.26 -3.06 -36.86
C ASP E 488 26.78 -3.51 -35.49
N GLY E 489 27.56 -3.27 -34.44
CA GLY E 489 27.17 -3.61 -33.09
C GLY E 489 26.29 -2.58 -32.40
N TYR E 490 25.88 -1.54 -33.12
CA TYR E 490 25.08 -0.48 -32.52
C TYR E 490 23.74 -1.01 -32.04
N ASN E 491 23.23 -0.41 -30.97
CA ASN E 491 21.93 -0.74 -30.42
C ASN E 491 21.17 0.55 -30.16
N VAL E 492 20.00 0.71 -30.80
CA VAL E 492 19.20 1.93 -30.74
C VAL E 492 18.69 2.25 -29.35
N HIS E 493 18.50 1.23 -28.52
CA HIS E 493 17.93 1.45 -27.19
C HIS E 493 18.92 2.09 -26.23
N TYR E 494 20.21 2.06 -26.54
CA TYR E 494 21.23 2.59 -25.64
C TYR E 494 22.00 3.76 -26.22
N GLY E 495 21.89 4.04 -27.51
CA GLY E 495 22.57 5.18 -28.07
C GLY E 495 24.08 5.01 -28.03
N ALA E 496 24.77 6.13 -27.81
CA ALA E 496 26.23 6.13 -27.92
C ALA E 496 26.89 5.16 -26.96
N ARG E 497 26.21 4.82 -25.86
CA ARG E 497 26.80 3.90 -24.90
C ARG E 497 27.05 2.54 -25.53
N SER E 498 26.13 2.07 -26.39
CA SER E 498 26.32 0.79 -27.04
C SER E 498 27.58 0.80 -27.90
N ILE E 499 27.77 1.87 -28.67
CA ILE E 499 28.95 1.96 -29.52
C ILE E 499 30.21 2.03 -28.68
N LYS E 500 30.16 2.80 -27.59
CA LYS E 500 31.31 2.91 -26.70
C LYS E 500 31.71 1.53 -26.17
N HIS E 501 30.73 0.79 -25.64
CA HIS E 501 31.02 -0.53 -25.09
C HIS E 501 31.51 -1.48 -26.17
N GLU E 502 30.91 -1.43 -27.36
CA GLU E 502 31.34 -2.30 -28.44
C GLU E 502 32.79 -2.03 -28.82
N VAL E 503 33.15 -0.75 -28.92
CA VAL E 503 34.53 -0.39 -29.25
C VAL E 503 35.46 -0.88 -28.16
N GLU E 504 35.07 -0.70 -26.90
CA GLU E 504 35.92 -1.11 -25.79
C GLU E 504 36.18 -2.61 -25.83
N ARG E 505 35.12 -3.41 -25.98
CA ARG E 505 35.28 -4.85 -25.88
C ARG E 505 35.93 -5.43 -27.14
N ARG E 506 35.58 -4.92 -28.31
CA ARG E 506 36.08 -5.50 -29.54
C ARG E 506 37.55 -5.17 -29.76
N VAL E 507 37.93 -3.92 -29.51
CA VAL E 507 39.26 -3.43 -29.88
C VAL E 507 40.12 -3.24 -28.64
N VAL E 508 39.65 -2.43 -27.69
CA VAL E 508 40.51 -2.02 -26.59
C VAL E 508 40.98 -3.22 -25.79
N ASN E 509 40.13 -4.23 -25.63
CA ASN E 509 40.53 -5.43 -24.91
C ASN E 509 41.76 -6.06 -25.54
N GLN E 510 41.75 -6.16 -26.87
CA GLN E 510 42.91 -6.72 -27.56
C GLN E 510 44.15 -5.87 -27.33
N LEU E 511 44.00 -4.55 -27.39
CA LEU E 511 45.14 -3.67 -27.16
C LEU E 511 45.72 -3.89 -25.78
N ALA E 512 44.86 -3.94 -24.77
CA ALA E 512 45.34 -4.15 -23.41
C ALA E 512 46.03 -5.51 -23.27
N ALA E 513 45.45 -6.55 -23.87
CA ALA E 513 46.05 -7.87 -23.80
C ALA E 513 47.44 -7.87 -24.42
N ALA E 514 47.59 -7.22 -25.57
CA ALA E 514 48.88 -7.22 -26.26
C ALA E 514 49.84 -6.18 -25.71
N TYR E 515 49.39 -5.29 -24.83
CA TYR E 515 50.23 -4.18 -24.42
C TYR E 515 51.45 -4.64 -23.62
N GLU E 516 51.26 -5.58 -22.69
CA GLU E 516 52.32 -5.86 -21.73
C GLU E 516 53.60 -6.35 -22.40
N GLN E 517 53.49 -6.99 -23.55
CA GLN E 517 54.65 -7.64 -24.17
C GLN E 517 54.94 -7.16 -25.59
N ASP E 518 53.94 -6.97 -26.42
CA ASP E 518 54.14 -6.77 -27.84
C ASP E 518 54.13 -5.30 -28.27
N LEU E 519 53.25 -4.49 -27.69
CA LEU E 519 53.09 -3.13 -28.17
C LEU E 519 54.36 -2.31 -27.92
N LEU E 520 54.72 -1.50 -28.90
CA LEU E 520 55.86 -0.60 -28.83
C LEU E 520 55.56 0.58 -29.75
N PRO E 521 56.32 1.67 -29.64
CA PRO E 521 56.09 2.81 -30.51
C PRO E 521 56.13 2.42 -31.98
N GLY E 522 55.16 2.88 -32.75
CA GLY E 522 55.06 2.53 -34.14
C GLY E 522 53.61 2.55 -34.60
N GLY E 523 53.42 2.16 -35.85
CA GLY E 523 52.10 2.20 -36.45
C GLY E 523 51.33 0.90 -36.31
N CYS E 524 50.42 0.85 -35.33
CA CYS E 524 49.55 -0.30 -35.15
C CYS E 524 48.22 -0.01 -35.85
N THR E 525 47.82 -0.89 -36.76
CA THR E 525 46.64 -0.69 -37.58
C THR E 525 45.66 -1.83 -37.38
N LEU E 526 44.38 -1.50 -37.25
CA LEU E 526 43.33 -2.49 -37.11
C LEU E 526 42.82 -2.88 -38.49
N ARG E 527 42.60 -4.18 -38.69
CA ARG E 527 42.10 -4.70 -39.95
C ARG E 527 41.05 -5.76 -39.69
N ILE E 528 40.21 -6.00 -40.69
CA ILE E 528 39.16 -7.01 -40.62
C ILE E 528 39.57 -8.17 -41.52
N THR E 529 39.59 -9.38 -40.95
CA THR E 529 39.92 -10.56 -41.74
C THR E 529 38.72 -11.01 -42.57
N VAL E 530 37.64 -11.39 -41.91
CA VAL E 530 36.38 -11.70 -42.58
C VAL E 530 35.26 -10.94 -41.89
N GLU E 531 35.11 -11.16 -40.58
CA GLU E 531 34.09 -10.48 -39.79
C GLU E 531 34.59 -9.94 -38.47
N ASP E 532 35.77 -10.35 -38.01
CA ASP E 532 36.32 -9.91 -36.73
C ASP E 532 37.45 -8.91 -36.96
N SER E 533 37.73 -8.13 -35.92
CA SER E 533 38.75 -7.09 -35.99
C SER E 533 40.10 -7.67 -35.57
N ASP E 534 41.07 -7.56 -36.47
CA ASP E 534 42.43 -8.03 -36.22
C ASP E 534 43.38 -6.84 -36.21
N LYS E 535 44.59 -7.09 -35.71
CA LYS E 535 45.61 -6.05 -35.55
C LYS E 535 46.81 -6.36 -36.41
N GLN E 536 47.56 -5.31 -36.76
CA GLN E 536 48.77 -5.41 -37.55
C GLN E 536 49.97 -4.94 -36.73
N LEU E 537 51.12 -5.53 -37.03
CA LEU E 537 52.33 -5.18 -36.31
C LEU E 537 52.76 -3.76 -36.65
N LEU E 538 53.52 -3.16 -35.73
CA LEU E 538 54.00 -1.80 -35.91
C LEU E 538 54.75 -1.65 -37.22
N LYS E 539 54.27 -0.77 -38.08
CA LYS E 539 54.95 -0.41 -39.32
C LYS E 539 55.16 -1.62 -40.23
N SER E 540 54.42 -2.70 -40.01
CA SER E 540 54.59 -3.90 -40.80
C SER E 540 53.28 -4.67 -40.83
N PRO E 541 52.94 -5.32 -41.95
CA PRO E 541 51.67 -6.06 -42.04
C PRO E 541 51.78 -7.46 -41.45
N GLU E 542 52.11 -7.52 -40.16
CA GLU E 542 52.19 -8.77 -39.41
C GLU E 542 51.17 -8.73 -38.28
N LEU E 543 50.32 -9.75 -38.21
CA LEU E 543 49.29 -9.80 -37.18
C LEU E 543 49.92 -10.19 -35.85
N PRO E 544 49.88 -9.34 -34.82
CA PRO E 544 50.45 -9.74 -33.53
C PRO E 544 49.77 -11.00 -33.00
N SER E 545 50.56 -11.87 -32.41
CA SER E 545 50.01 -13.07 -31.79
C SER E 545 49.36 -12.69 -30.47
N PRO E 546 48.06 -12.93 -30.28
CA PRO E 546 47.44 -12.53 -29.01
C PRO E 546 48.07 -13.26 -27.84
N GLN E 547 48.23 -12.54 -26.73
CA GLN E 547 48.77 -13.12 -25.50
C GLN E 547 47.65 -13.94 -24.85
N ALA E 548 47.44 -15.14 -25.38
CA ALA E 548 46.39 -16.01 -24.87
C ALA E 548 46.51 -16.19 -23.37
N GLU E 549 45.51 -15.70 -22.64
CA GLU E 549 45.53 -15.79 -21.20
C GLU E 549 45.62 -17.26 -20.77
N LYS E 550 45.90 -17.46 -19.48
CA LYS E 550 46.14 -18.79 -18.93
C LYS E 550 47.40 -19.40 -19.54
N ARG E 551 47.31 -19.83 -20.79
CA ARG E 551 48.45 -20.40 -21.49
C ARG E 551 48.37 -20.11 -22.98
N ARG F 204 -15.72 57.34 3.19
CA ARG F 204 -16.63 57.75 2.12
C ARG F 204 -15.93 57.75 0.77
N LYS F 205 -14.65 58.15 0.75
CA LYS F 205 -13.90 58.13 -0.50
C LYS F 205 -13.70 56.71 -1.01
N ARG F 206 -13.42 55.76 -0.10
CA ARG F 206 -13.32 54.37 -0.52
C ARG F 206 -14.65 53.88 -1.08
N GLU F 207 -15.76 54.22 -0.42
CA GLU F 207 -17.07 53.82 -0.92
C GLU F 207 -17.33 54.41 -2.29
N ALA F 208 -16.99 55.69 -2.48
CA ALA F 208 -17.20 56.34 -3.77
C ALA F 208 -16.33 55.71 -4.86
N GLU F 209 -15.09 55.36 -4.52
CA GLU F 209 -14.22 54.69 -5.48
C GLU F 209 -14.80 53.35 -5.89
N GLU F 210 -15.30 52.58 -4.92
CA GLU F 210 -15.91 51.29 -5.24
C GLU F 210 -17.13 51.48 -6.13
N ARG F 211 -17.95 52.49 -5.83
CA ARG F 211 -19.11 52.77 -6.67
C ARG F 211 -18.67 53.14 -8.10
N ARG F 212 -17.62 53.96 -8.20
CA ARG F 212 -17.13 54.36 -9.52
C ARG F 212 -16.51 53.20 -10.26
N ARG F 213 -16.10 52.14 -9.54
CA ARG F 213 -15.55 50.96 -10.19
C ARG F 213 -16.53 50.41 -11.22
N PHE F 214 -17.82 50.55 -10.95
CA PHE F 214 -18.82 50.15 -11.92
C PHE F 214 -18.80 51.11 -13.11
N PRO F 215 -19.12 50.64 -14.31
CA PRO F 215 -19.47 49.24 -14.63
C PRO F 215 -18.26 48.33 -14.60
N LEU F 216 -18.34 47.27 -13.80
CA LEU F 216 -17.23 46.32 -13.72
C LEU F 216 -16.96 45.66 -15.05
N GLU F 217 -17.93 45.65 -15.95
CA GLU F 217 -17.71 45.10 -17.29
C GLU F 217 -16.62 45.87 -18.01
N GLN F 218 -16.67 47.20 -17.95
CA GLN F 218 -15.61 48.02 -18.51
C GLN F 218 -14.28 47.75 -17.80
N ARG F 219 -14.33 47.60 -16.48
CA ARG F 219 -13.12 47.30 -15.73
C ARG F 219 -12.44 46.06 -16.30
N LEU F 220 -13.20 44.97 -16.44
CA LEU F 220 -12.61 43.74 -16.97
C LEU F 220 -12.16 43.91 -18.41
N LYS F 221 -12.98 44.57 -19.23
CA LYS F 221 -12.64 44.73 -20.63
C LYS F 221 -11.37 45.55 -20.82
N GLU F 222 -11.03 46.39 -19.84
CA GLU F 222 -9.79 47.15 -19.93
C GLU F 222 -8.57 46.24 -20.09
N HIS F 223 -8.63 45.04 -19.49
CA HIS F 223 -7.52 44.12 -19.52
C HIS F 223 -7.85 42.75 -20.07
N ILE F 224 -9.06 42.54 -20.58
CA ILE F 224 -9.47 41.26 -21.15
C ILE F 224 -10.06 41.50 -22.53
N ILE F 225 -9.96 40.50 -23.39
CA ILE F 225 -10.48 40.56 -24.75
C ILE F 225 -11.51 39.45 -24.90
N GLY F 226 -12.70 39.81 -25.38
CA GLY F 226 -13.77 38.85 -25.54
C GLY F 226 -14.42 38.48 -24.22
N GLN F 227 -15.13 37.36 -24.25
CA GLN F 227 -15.80 36.81 -23.07
C GLN F 227 -16.76 37.85 -22.46
N GLU F 228 -17.46 38.58 -23.32
CA GLU F 228 -18.38 39.62 -22.85
C GLU F 228 -19.51 39.00 -22.03
N SER F 229 -20.01 37.85 -22.47
CA SER F 229 -21.12 37.21 -21.75
C SER F 229 -20.73 36.87 -20.32
N ALA F 230 -19.57 36.23 -20.15
CA ALA F 230 -19.12 35.86 -18.81
C ALA F 230 -18.90 37.09 -17.95
N ILE F 231 -18.30 38.13 -18.52
CA ILE F 231 -18.04 39.35 -17.76
C ILE F 231 -19.35 39.97 -17.29
N ALA F 232 -20.33 40.05 -18.20
CA ALA F 232 -21.62 40.63 -17.85
C ALA F 232 -22.31 39.78 -16.78
N THR F 233 -22.23 38.46 -16.89
CA THR F 233 -22.84 37.59 -15.91
C THR F 233 -22.22 37.81 -14.53
N VAL F 234 -20.88 37.88 -14.47
CA VAL F 234 -20.21 38.08 -13.19
C VAL F 234 -20.59 39.43 -12.60
N GLY F 235 -20.60 40.47 -13.43
CA GLY F 235 -20.99 41.79 -12.94
C GLY F 235 -22.40 41.81 -12.40
N ALA F 236 -23.33 41.20 -13.13
CA ALA F 236 -24.72 41.16 -12.67
C ALA F 236 -24.84 40.40 -11.35
N ALA F 237 -24.14 39.27 -11.23
CA ALA F 237 -24.19 38.53 -9.98
C ALA F 237 -23.63 39.35 -8.83
N ILE F 238 -22.51 40.06 -9.07
CA ILE F 238 -21.92 40.88 -8.03
C ILE F 238 -22.90 41.96 -7.60
N ARG F 239 -23.54 42.62 -8.56
CA ARG F 239 -24.50 43.65 -8.24
C ARG F 239 -25.66 43.08 -7.44
N ARG F 240 -26.18 41.93 -7.86
CA ARG F 240 -27.32 41.32 -7.16
C ARG F 240 -26.95 41.00 -5.72
N LYS F 241 -25.77 40.41 -5.50
CA LYS F 241 -25.35 40.10 -4.14
C LYS F 241 -25.17 41.38 -3.34
N GLU F 242 -24.59 42.40 -3.93
CA GLU F 242 -24.42 43.68 -3.24
C GLU F 242 -25.77 44.32 -2.92
N ASN F 243 -26.72 44.21 -3.85
CA ASN F 243 -28.01 44.87 -3.72
C ASN F 243 -29.05 44.01 -3.00
N GLY F 244 -28.64 42.89 -2.43
CA GLY F 244 -29.56 42.07 -1.67
C GLY F 244 -30.51 41.25 -2.50
N TRP F 245 -30.22 41.05 -3.79
CA TRP F 245 -31.06 40.27 -4.69
C TRP F 245 -30.45 38.90 -4.98
N TYR F 246 -29.82 38.30 -3.96
CA TYR F 246 -29.19 37.00 -4.08
C TYR F 246 -29.38 36.25 -2.77
N ASP F 247 -29.19 34.93 -2.81
CA ASP F 247 -29.19 34.14 -1.58
C ASP F 247 -27.90 34.37 -0.83
N GLU F 248 -27.74 35.57 -0.25
CA GLU F 248 -26.50 35.91 0.42
C GLU F 248 -26.18 34.97 1.58
N GLU F 249 -27.17 34.27 2.12
CA GLU F 249 -26.92 33.31 3.18
C GLU F 249 -26.08 32.12 2.70
N HIS F 250 -26.07 31.87 1.40
CA HIS F 250 -25.37 30.72 0.84
C HIS F 250 -24.09 31.16 0.12
N PRO F 251 -22.99 30.39 0.16
CA PRO F 251 -21.75 30.70 -0.58
C PRO F 251 -21.93 31.01 -2.07
N LEU F 252 -21.13 31.91 -2.65
CA LEU F 252 -21.24 32.24 -4.07
C LEU F 252 -20.15 31.53 -4.89
N VAL F 253 -20.59 30.80 -5.90
CA VAL F 253 -19.82 29.80 -6.62
C VAL F 253 -20.21 29.81 -8.09
N PHE F 254 -19.18 29.86 -8.93
CA PHE F 254 -19.26 29.72 -10.37
C PHE F 254 -18.47 28.49 -10.80
N LEU F 255 -18.95 27.83 -11.85
CA LEU F 255 -18.16 26.87 -12.61
C LEU F 255 -17.88 27.42 -14.02
N PHE F 256 -16.62 27.56 -14.39
CA PHE F 256 -16.19 28.10 -15.69
C PHE F 256 -15.84 26.97 -16.65
N LEU F 257 -16.46 26.93 -17.82
CA LEU F 257 -16.36 25.81 -18.77
C LEU F 257 -15.82 26.25 -20.11
N GLY F 258 -15.01 25.42 -20.77
CA GLY F 258 -14.43 25.72 -22.09
C GLY F 258 -13.05 25.09 -22.25
N SER F 259 -12.33 25.36 -23.33
CA SER F 259 -10.91 24.95 -23.47
C SER F 259 -9.99 25.66 -22.46
N SER F 260 -8.74 25.23 -22.37
CA SER F 260 -7.70 25.97 -21.63
C SER F 260 -7.35 27.30 -22.33
N GLY F 261 -6.75 28.24 -21.59
CA GLY F 261 -6.12 29.46 -22.10
C GLY F 261 -7.06 30.37 -22.86
N ILE F 262 -8.27 30.57 -22.35
CA ILE F 262 -9.25 31.42 -23.03
C ILE F 262 -9.77 32.48 -22.08
N GLY F 263 -8.94 32.89 -21.11
CA GLY F 263 -9.26 34.01 -20.25
C GLY F 263 -9.89 33.66 -18.93
N LYS F 264 -10.08 32.38 -18.58
CA LYS F 264 -10.68 31.93 -17.29
C LYS F 264 -9.88 32.47 -16.09
N THR F 265 -8.59 32.11 -16.05
CA THR F 265 -7.61 32.61 -15.08
C THR F 265 -7.41 34.11 -15.26
N GLU F 266 -7.42 34.62 -16.50
CA GLU F 266 -7.29 36.05 -16.73
C GLU F 266 -8.48 36.80 -16.15
N LEU F 267 -9.71 36.32 -16.27
CA LEU F 267 -10.92 36.95 -15.76
C LEU F 267 -10.97 36.86 -14.24
N ALA F 268 -10.64 35.70 -13.67
CA ALA F 268 -10.53 35.52 -12.23
C ALA F 268 -9.50 36.50 -11.63
N LYS F 269 -8.30 36.62 -12.20
CA LYS F 269 -7.28 37.55 -11.73
C LYS F 269 -7.72 39.01 -11.88
N GLN F 270 -8.27 39.42 -13.01
CA GLN F 270 -8.74 40.79 -13.16
C GLN F 270 -9.84 41.10 -12.16
N THR F 271 -10.76 40.15 -11.96
CA THR F 271 -11.86 40.28 -11.00
C THR F 271 -11.31 40.47 -9.59
N ALA F 272 -10.28 39.70 -9.21
CA ALA F 272 -9.66 39.85 -7.91
C ALA F 272 -8.96 41.19 -7.78
N LYS F 273 -8.25 41.60 -8.84
CA LYS F 273 -7.53 42.87 -8.81
C LYS F 273 -8.48 44.03 -8.61
N TYR F 274 -9.61 44.01 -9.30
CA TYR F 274 -10.56 45.12 -9.21
C TYR F 274 -11.32 45.07 -7.89
N MET F 275 -12.02 43.96 -7.62
CA MET F 275 -12.83 43.86 -6.41
C MET F 275 -11.99 44.13 -5.17
N HIS F 276 -11.00 43.28 -4.91
CA HIS F 276 -10.06 43.56 -3.84
C HIS F 276 -9.26 44.80 -4.18
N LYS F 277 -8.88 45.57 -3.16
CA LYS F 277 -8.37 46.92 -3.38
C LYS F 277 -7.23 46.92 -4.39
N ASP F 278 -6.23 46.06 -4.19
CA ASP F 278 -5.08 46.03 -5.07
C ASP F 278 -4.25 44.78 -4.76
N ALA F 279 -3.34 44.48 -5.68
CA ALA F 279 -2.36 43.40 -5.58
C ALA F 279 -2.99 42.01 -5.61
N LYS F 280 -4.30 41.90 -5.78
CA LYS F 280 -4.98 40.60 -5.76
C LYS F 280 -4.65 39.86 -4.46
N LYS F 281 -4.53 40.61 -3.37
CA LYS F 281 -4.22 39.99 -2.08
C LYS F 281 -5.28 38.96 -1.71
N GLY F 282 -6.53 39.22 -2.04
CA GLY F 282 -7.63 38.32 -1.76
C GLY F 282 -7.83 37.24 -2.81
N PHE F 283 -6.92 37.04 -3.76
CA PHE F 283 -7.00 35.92 -4.69
C PHE F 283 -6.39 34.63 -4.12
N ILE F 284 -6.98 33.50 -4.52
CA ILE F 284 -6.54 32.18 -4.08
C ILE F 284 -6.83 31.17 -5.19
N ARG F 285 -5.80 30.83 -5.96
CA ARG F 285 -5.95 29.88 -7.05
C ARG F 285 -5.10 28.63 -6.83
N LEU F 286 -5.67 27.47 -7.13
CA LEU F 286 -4.96 26.20 -6.94
C LEU F 286 -5.22 25.21 -8.07
N ASP F 287 -4.25 24.32 -8.29
CA ASP F 287 -4.33 23.30 -9.31
C ASP F 287 -4.85 22.00 -8.68
N MET F 288 -6.14 21.71 -8.78
CA MET F 288 -6.68 20.47 -8.20
C MET F 288 -6.08 19.19 -8.81
N SER F 289 -5.34 19.28 -9.91
CA SER F 289 -4.62 18.14 -10.47
C SER F 289 -3.55 17.53 -9.54
N GLU F 290 -2.91 18.32 -8.66
CA GLU F 290 -1.96 17.77 -7.71
C GLU F 290 -2.62 17.22 -6.45
N PHE F 291 -3.92 17.37 -6.30
CA PHE F 291 -4.63 16.89 -5.11
C PHE F 291 -5.11 15.46 -5.36
N GLN F 292 -4.64 14.53 -4.54
CA GLN F 292 -4.99 13.12 -4.67
C GLN F 292 -5.21 12.55 -3.28
N GLU F 293 -5.52 11.25 -3.24
CA GLU F 293 -5.77 10.59 -1.96
C GLU F 293 -4.58 10.73 -1.02
N ARG F 294 -3.37 10.80 -1.57
CA ARG F 294 -2.18 10.97 -0.75
C ARG F 294 -1.91 12.43 -0.39
N HIS F 295 -2.69 13.37 -0.93
CA HIS F 295 -2.42 14.78 -0.75
C HIS F 295 -3.64 15.60 -0.39
N GLU F 296 -4.84 15.00 -0.33
CA GLU F 296 -6.06 15.75 -0.13
C GLU F 296 -6.02 16.55 1.17
N VAL F 297 -5.98 15.86 2.31
CA VAL F 297 -5.96 16.56 3.59
C VAL F 297 -4.65 17.31 3.78
N ALA F 298 -3.53 16.71 3.37
CA ALA F 298 -2.23 17.32 3.59
C ALA F 298 -2.09 18.67 2.90
N LYS F 299 -2.87 18.92 1.86
CA LYS F 299 -2.82 20.18 1.13
C LYS F 299 -4.10 20.99 1.21
N PHE F 300 -5.28 20.38 1.04
CA PHE F 300 -6.55 21.12 0.94
C PHE F 300 -6.97 21.62 2.30
N ILE F 301 -7.12 20.67 3.22
CA ILE F 301 -7.26 21.04 4.62
C ILE F 301 -5.90 21.40 5.21
N GLY F 302 -4.84 20.82 4.67
CA GLY F 302 -3.51 21.02 5.20
C GLY F 302 -3.23 20.05 6.32
N SER F 303 -2.09 19.36 6.28
CA SER F 303 -1.76 18.35 7.26
C SER F 303 -1.98 18.90 8.67
N PRO F 304 -3.01 18.45 9.38
CA PRO F 304 -3.25 18.95 10.74
C PRO F 304 -2.22 18.40 11.70
N PRO F 305 -2.14 18.95 12.91
CA PRO F 305 -1.22 18.38 13.91
C PRO F 305 -1.54 16.93 14.18
N GLY F 306 -0.50 16.13 14.38
CA GLY F 306 -0.64 14.70 14.58
C GLY F 306 -0.63 13.88 13.30
N TYR F 307 -0.67 14.53 12.14
CA TYR F 307 -0.62 13.84 10.86
C TYR F 307 0.81 13.81 10.34
N VAL F 308 1.03 13.01 9.29
CA VAL F 308 2.32 13.03 8.61
C VAL F 308 2.48 14.37 7.92
N GLY F 309 3.37 15.21 8.46
CA GLY F 309 3.49 16.58 8.01
C GLY F 309 2.66 17.51 8.88
N HIS F 310 3.10 18.76 9.01
CA HIS F 310 2.42 19.75 9.85
C HIS F 310 1.94 20.95 9.05
N GLU F 311 1.75 20.78 7.74
CA GLU F 311 1.34 21.88 6.88
C GLU F 311 -0.13 22.20 7.06
N GLU F 312 -0.50 22.71 8.24
CA GLU F 312 -1.88 23.11 8.47
C GLU F 312 -2.30 24.16 7.46
N GLY F 313 -3.51 24.01 6.94
CA GLY F 313 -3.99 24.86 5.87
C GLY F 313 -3.55 24.31 4.52
N GLY F 314 -2.24 24.17 4.35
CA GLY F 314 -1.68 23.51 3.19
C GLY F 314 -1.61 24.39 1.96
N GLN F 315 -2.72 24.55 1.24
CA GLN F 315 -2.75 25.40 0.06
C GLN F 315 -3.92 26.38 0.07
N LEU F 316 -5.12 25.93 0.47
CA LEU F 316 -6.35 26.74 0.40
C LEU F 316 -6.56 27.58 1.66
N THR F 317 -6.78 26.92 2.79
CA THR F 317 -7.24 27.64 3.98
C THR F 317 -6.10 28.37 4.68
N LYS F 318 -4.85 28.13 4.28
CA LYS F 318 -3.76 28.94 4.80
C LYS F 318 -3.86 30.38 4.32
N LYS F 319 -4.40 30.59 3.12
CA LYS F 319 -4.61 31.94 2.60
C LYS F 319 -5.96 32.51 3.00
N LEU F 320 -7.00 31.68 3.07
CA LEU F 320 -8.35 32.12 3.47
C LEU F 320 -8.35 32.71 4.89
N LYS F 321 -7.30 32.49 5.69
CA LYS F 321 -7.26 33.04 7.05
C LYS F 321 -7.28 34.56 7.04
N GLN F 322 -6.81 35.18 5.96
CA GLN F 322 -6.70 36.63 5.88
C GLN F 322 -7.86 37.28 5.12
N CYS F 323 -8.36 36.63 4.07
CA CYS F 323 -9.36 37.21 3.18
C CYS F 323 -10.53 36.24 3.05
N PRO F 324 -11.48 36.26 4.00
CA PRO F 324 -12.63 35.35 3.90
C PRO F 324 -13.42 35.49 2.61
N ASN F 325 -13.56 36.71 2.09
CA ASN F 325 -14.25 36.92 0.83
C ASN F 325 -13.35 36.72 -0.37
N ALA F 326 -12.29 35.92 -0.27
CA ALA F 326 -11.42 35.62 -1.40
C ALA F 326 -12.16 35.16 -2.66
N VAL F 327 -11.59 35.55 -3.80
CA VAL F 327 -11.87 34.94 -5.11
C VAL F 327 -10.93 33.75 -5.21
N VAL F 328 -11.48 32.55 -5.21
CA VAL F 328 -10.70 31.30 -5.14
C VAL F 328 -10.91 30.47 -6.40
N LEU F 329 -9.83 30.21 -7.12
CA LEU F 329 -9.80 29.53 -8.41
C LEU F 329 -9.32 28.08 -8.23
N PHE F 330 -10.11 27.11 -8.69
CA PHE F 330 -9.71 25.70 -8.80
C PHE F 330 -9.53 25.34 -10.27
N ASP F 331 -8.31 25.02 -10.67
CA ASP F 331 -7.90 25.13 -12.07
C ASP F 331 -8.26 23.93 -12.97
N GLU F 332 -8.68 22.80 -12.41
CA GLU F 332 -9.25 21.71 -13.21
C GLU F 332 -9.98 20.67 -12.35
N VAL F 333 -11.31 20.71 -12.28
CA VAL F 333 -12.05 19.66 -11.56
C VAL F 333 -12.02 18.29 -12.25
N ASP F 334 -11.75 18.20 -13.56
CA ASP F 334 -11.54 16.91 -14.24
C ASP F 334 -10.37 16.11 -13.66
N LYS F 335 -9.38 16.81 -13.09
CA LYS F 335 -8.19 16.21 -12.47
C LYS F 335 -8.27 16.21 -10.93
N ALA F 336 -9.31 16.81 -10.34
CA ALA F 336 -9.55 16.80 -8.90
C ALA F 336 -9.97 15.41 -8.39
N HIS F 337 -9.50 15.06 -7.20
CA HIS F 337 -9.73 13.75 -6.62
C HIS F 337 -11.14 13.69 -6.01
N PRO F 338 -11.79 12.52 -6.02
CA PRO F 338 -13.12 12.46 -5.40
C PRO F 338 -13.14 12.92 -3.95
N ASP F 339 -12.09 12.64 -3.18
CA ASP F 339 -12.05 13.08 -1.80
C ASP F 339 -12.02 14.59 -1.69
N VAL F 340 -11.18 15.26 -2.50
CA VAL F 340 -11.15 16.71 -2.46
C VAL F 340 -12.45 17.29 -3.00
N LEU F 341 -13.10 16.65 -3.97
CA LEU F 341 -14.36 17.15 -4.51
C LEU F 341 -15.45 17.00 -3.45
N THR F 342 -15.35 15.99 -2.60
CA THR F 342 -16.29 15.85 -1.49
C THR F 342 -16.03 16.89 -0.42
N ILE F 343 -14.77 17.12 -0.07
CA ILE F 343 -14.48 18.08 0.99
C ILE F 343 -14.87 19.49 0.55
N MET F 344 -14.78 19.75 -0.77
CA MET F 344 -15.25 20.98 -1.37
C MET F 344 -16.75 21.18 -1.15
N LEU F 345 -17.49 20.13 -0.79
CA LEU F 345 -18.92 20.27 -0.48
C LEU F 345 -19.13 21.16 0.75
N GLN F 346 -18.15 21.18 1.66
CA GLN F 346 -18.21 22.11 2.78
C GLN F 346 -18.25 23.55 2.29
N LEU F 347 -17.59 23.89 1.17
CA LEU F 347 -17.47 25.26 0.65
C LEU F 347 -18.82 25.92 0.36
N PHE F 348 -19.82 25.11 0.01
CA PHE F 348 -21.21 25.49 -0.19
C PHE F 348 -21.99 25.42 1.14
N ASP F 349 -23.33 25.52 1.14
CA ASP F 349 -24.20 25.49 2.30
C ASP F 349 -23.89 26.66 3.22
N GLU F 350 -22.75 26.59 3.92
CA GLU F 350 -22.28 27.68 4.75
C GLU F 350 -20.79 27.95 4.61
N GLY F 351 -20.08 27.22 3.75
CA GLY F 351 -18.64 27.30 3.71
C GLY F 351 -18.05 26.66 4.95
N ARG F 352 -17.35 27.47 5.74
CA ARG F 352 -16.77 26.99 7.01
C ARG F 352 -15.87 25.79 6.78
N LEU F 353 -15.14 25.75 5.65
CA LEU F 353 -14.24 24.65 5.34
C LEU F 353 -13.23 24.48 6.46
N THR F 354 -13.01 23.25 6.89
CA THR F 354 -12.08 22.98 7.98
C THR F 354 -10.65 23.22 7.52
N ASP F 355 -9.89 23.97 8.31
CA ASP F 355 -8.48 24.19 8.04
C ASP F 355 -7.64 23.17 8.82
N GLY F 356 -6.39 23.01 8.39
CA GLY F 356 -5.48 22.17 9.14
C GLY F 356 -5.27 22.63 10.57
N LYS F 357 -5.46 23.93 10.83
CA LYS F 357 -5.44 24.47 12.17
C LYS F 357 -6.80 24.39 12.85
N GLY F 358 -7.82 23.87 12.17
CA GLY F 358 -9.15 23.78 12.72
C GLY F 358 -10.05 24.97 12.45
N LYS F 359 -9.52 26.05 11.87
CA LYS F 359 -10.32 27.23 11.62
C LYS F 359 -11.25 27.00 10.44
N THR F 360 -12.47 27.57 10.55
CA THR F 360 -13.48 27.48 9.51
C THR F 360 -13.88 28.88 9.08
N ILE F 361 -14.05 29.05 7.77
CA ILE F 361 -14.35 30.35 7.18
C ILE F 361 -15.74 30.30 6.58
N ASP F 362 -16.62 31.19 7.04
CA ASP F 362 -17.93 31.31 6.44
C ASP F 362 -17.78 31.79 5.00
N CYS F 363 -18.17 30.93 4.07
CA CYS F 363 -18.02 31.23 2.65
C CYS F 363 -19.26 31.86 2.03
N LYS F 364 -20.30 32.23 2.81
CA LYS F 364 -21.49 32.86 2.26
C LYS F 364 -21.14 34.13 1.48
N ASP F 365 -20.03 34.78 1.83
CA ASP F 365 -19.55 35.95 1.11
C ASP F 365 -18.45 35.64 0.11
N ALA F 366 -17.76 34.50 0.23
CA ALA F 366 -16.65 34.14 -0.66
C ALA F 366 -17.11 33.90 -2.10
N ILE F 367 -16.16 34.00 -3.04
CA ILE F 367 -16.39 33.70 -4.45
C ILE F 367 -15.51 32.49 -4.82
N PHE F 368 -16.14 31.38 -5.18
CA PHE F 368 -15.44 30.20 -5.69
C PHE F 368 -15.60 30.11 -7.21
N ILE F 369 -14.50 29.85 -7.90
CA ILE F 369 -14.41 29.69 -9.34
C ILE F 369 -13.79 28.32 -9.59
N MET F 370 -14.63 27.28 -9.67
CA MET F 370 -14.18 26.03 -10.26
C MET F 370 -14.04 26.21 -11.77
N THR F 371 -13.17 25.45 -12.39
CA THR F 371 -13.03 25.43 -13.84
C THR F 371 -12.90 24.00 -14.35
N SER F 372 -13.33 23.73 -15.58
CA SER F 372 -12.98 22.47 -16.25
C SER F 372 -12.87 22.53 -17.76
N ASN F 373 -12.03 21.66 -18.32
CA ASN F 373 -11.94 21.37 -19.74
C ASN F 373 -12.73 20.11 -20.18
N VAL F 374 -13.32 19.32 -19.28
CA VAL F 374 -14.10 18.12 -19.70
C VAL F 374 -15.32 18.49 -20.54
N ALA F 375 -15.92 19.65 -20.26
CA ALA F 375 -16.99 20.26 -21.03
C ALA F 375 -16.49 21.20 -22.15
N SER F 376 -15.19 21.24 -22.44
CA SER F 376 -14.61 22.19 -23.43
C SER F 376 -15.27 22.10 -24.81
N ASP F 377 -15.64 20.89 -25.21
CA ASP F 377 -16.35 20.65 -26.47
C ASP F 377 -17.74 21.32 -26.48
N GLU F 378 -18.50 21.38 -25.38
CA GLU F 378 -19.89 21.86 -25.38
C GLU F 378 -20.09 23.25 -26.01
N ILE F 379 -19.05 24.07 -25.92
CA ILE F 379 -19.02 25.45 -26.42
C ILE F 379 -18.32 25.46 -27.77
N ALA F 380 -17.11 24.93 -27.82
CA ALA F 380 -16.32 24.98 -29.04
C ALA F 380 -17.01 24.23 -30.18
N GLN F 381 -17.56 23.05 -29.90
CA GLN F 381 -18.16 22.25 -30.95
C GLN F 381 -19.33 22.98 -31.61
N HIS F 382 -20.01 23.85 -30.87
CA HIS F 382 -21.15 24.59 -31.39
C HIS F 382 -20.74 25.93 -31.99
N ALA F 383 -20.12 26.79 -31.19
CA ALA F 383 -19.78 28.15 -31.59
C ALA F 383 -21.05 28.98 -31.79
N LEU F 384 -22.21 28.40 -31.49
CA LEU F 384 -23.46 29.16 -31.59
C LEU F 384 -23.60 30.12 -30.42
N GLN F 385 -23.14 29.71 -29.24
CA GLN F 385 -23.11 30.62 -28.09
C GLN F 385 -22.26 31.85 -28.37
N LEU F 386 -21.35 31.77 -29.32
CA LEU F 386 -20.52 32.89 -29.74
C LEU F 386 -21.04 33.57 -31.00
N ARG F 387 -21.44 32.78 -32.00
CA ARG F 387 -21.90 33.35 -33.26
C ARG F 387 -23.29 33.94 -33.14
N GLN F 388 -24.14 33.37 -32.29
CA GLN F 388 -25.55 33.74 -32.22
C GLN F 388 -25.90 34.59 -31.01
N GLU F 389 -24.91 35.08 -30.27
CA GLU F 389 -25.17 35.92 -29.10
C GLU F 389 -25.16 37.39 -29.52
N ALA F 390 -26.16 37.75 -30.33
CA ALA F 390 -26.36 39.12 -30.79
C ALA F 390 -25.11 39.67 -31.48
N LEU F 391 -24.49 38.84 -32.32
CA LEU F 391 -23.33 39.27 -33.10
C LEU F 391 -23.73 39.78 -34.47
N GLU F 392 -24.51 39.01 -35.22
CA GLU F 392 -24.94 39.40 -36.55
C GLU F 392 -26.16 40.29 -36.49
N ASN F 416 -26.35 27.39 -27.67
CA ASN F 416 -26.86 28.75 -27.90
C ASN F 416 -27.66 29.24 -26.71
N PHE F 417 -28.87 28.70 -26.55
CA PHE F 417 -29.74 29.11 -25.47
C PHE F 417 -29.14 28.73 -24.12
N LYS F 418 -29.45 29.54 -23.10
CA LYS F 418 -29.01 29.26 -21.73
C LYS F 418 -29.33 27.83 -21.36
N GLU F 419 -28.29 27.05 -21.04
CA GLU F 419 -28.45 25.63 -20.74
C GLU F 419 -29.22 24.92 -21.85
N ASN F 420 -28.65 24.99 -23.05
CA ASN F 420 -29.23 24.27 -24.18
C ASN F 420 -29.46 22.81 -23.82
N VAL F 421 -28.49 22.19 -23.16
CA VAL F 421 -28.64 20.89 -22.52
C VAL F 421 -28.17 21.04 -21.08
N ILE F 422 -29.03 20.64 -20.14
CA ILE F 422 -28.77 20.90 -18.72
C ILE F 422 -27.64 19.99 -18.27
N ARG F 423 -26.49 20.58 -17.91
CA ARG F 423 -25.32 19.88 -17.38
C ARG F 423 -25.08 18.60 -18.19
N PRO F 424 -24.75 18.71 -19.47
CA PRO F 424 -24.66 17.51 -20.31
C PRO F 424 -23.65 16.49 -19.80
N ILE F 425 -22.35 16.82 -19.70
CA ILE F 425 -21.32 15.85 -19.26
C ILE F 425 -21.06 15.95 -17.76
N LEU F 426 -21.16 17.17 -17.24
CA LEU F 426 -20.77 17.51 -15.88
C LEU F 426 -21.52 16.71 -14.83
N LYS F 427 -22.85 16.53 -14.97
CA LYS F 427 -23.61 15.78 -13.97
C LYS F 427 -23.09 14.35 -13.85
N ALA F 428 -22.84 13.70 -15.00
CA ALA F 428 -22.40 12.31 -14.96
C ALA F 428 -21.02 12.17 -14.33
N HIS F 429 -20.16 13.19 -14.47
CA HIS F 429 -18.75 13.10 -14.08
C HIS F 429 -18.52 13.51 -12.61
N PHE F 430 -19.13 14.62 -12.17
CA PHE F 430 -18.87 15.22 -10.86
C PHE F 430 -19.99 15.06 -9.83
N ARG F 431 -20.96 14.17 -10.06
CA ARG F 431 -22.02 13.83 -9.11
C ARG F 431 -22.85 15.05 -8.76
N ARG F 432 -23.58 15.55 -9.76
CA ARG F 432 -24.35 16.78 -9.65
C ARG F 432 -25.13 16.88 -8.35
N ASP F 433 -25.51 15.73 -7.78
CA ASP F 433 -26.32 15.73 -6.57
C ASP F 433 -25.72 16.64 -5.50
N GLU F 434 -24.41 16.53 -5.29
CA GLU F 434 -23.72 17.33 -4.28
C GLU F 434 -22.84 18.42 -4.90
N PHE F 435 -21.89 18.06 -5.76
CA PHE F 435 -20.87 19.03 -6.15
C PHE F 435 -21.45 20.15 -7.01
N LEU F 436 -22.16 19.79 -8.08
CA LEU F 436 -22.71 20.75 -9.04
C LEU F 436 -24.10 21.28 -8.65
N GLY F 437 -24.91 20.50 -7.91
CA GLY F 437 -26.18 20.99 -7.39
C GLY F 437 -26.02 22.21 -6.51
N ARG F 438 -24.90 22.31 -5.79
CA ARG F 438 -24.66 23.45 -4.93
C ARG F 438 -24.04 24.64 -5.67
N ILE F 439 -23.62 24.49 -6.93
CA ILE F 439 -23.03 25.59 -7.69
C ILE F 439 -24.14 26.57 -8.11
N ASN F 440 -23.95 27.84 -7.80
CA ASN F 440 -24.97 28.87 -8.02
C ASN F 440 -25.11 29.21 -9.51
N GLU F 441 -23.99 29.19 -10.25
CA GLU F 441 -24.03 29.61 -11.65
C GLU F 441 -22.95 28.87 -12.43
N ILE F 442 -23.19 28.75 -13.74
CA ILE F 442 -22.24 28.16 -14.68
C ILE F 442 -21.92 29.20 -15.74
N VAL F 443 -20.63 29.38 -16.01
CA VAL F 443 -20.15 30.39 -16.94
C VAL F 443 -19.49 29.68 -18.11
N TYR F 444 -19.95 29.97 -19.33
CA TYR F 444 -19.35 29.42 -20.53
C TYR F 444 -18.23 30.33 -21.02
N PHE F 445 -17.19 29.72 -21.56
CA PHE F 445 -16.09 30.44 -22.20
C PHE F 445 -16.02 30.02 -23.66
N LEU F 446 -16.03 31.01 -24.55
CA LEU F 446 -16.13 30.78 -25.98
C LEU F 446 -14.75 30.85 -26.64
N PRO F 447 -14.55 30.15 -27.75
CA PRO F 447 -13.29 30.27 -28.48
C PRO F 447 -13.05 31.70 -28.93
N PHE F 448 -11.78 32.12 -28.91
CA PHE F 448 -11.45 33.48 -29.29
C PHE F 448 -11.77 33.74 -30.75
N CYS F 449 -12.31 34.92 -31.02
CA CYS F 449 -12.62 35.34 -32.39
C CYS F 449 -11.37 35.84 -33.09
N HIS F 450 -11.47 35.98 -34.41
CA HIS F 450 -10.36 36.53 -35.18
C HIS F 450 -10.01 37.93 -34.71
N SER F 451 -11.04 38.76 -34.45
CA SER F 451 -10.79 40.10 -33.92
C SER F 451 -10.10 40.02 -32.57
N GLU F 452 -10.57 39.13 -31.69
CA GLU F 452 -9.95 38.99 -30.39
C GLU F 452 -8.51 38.50 -30.50
N LEU F 453 -8.26 37.52 -31.37
CA LEU F 453 -6.91 37.01 -31.54
C LEU F 453 -5.97 38.08 -32.07
N ILE F 454 -6.42 38.85 -33.08
CA ILE F 454 -5.57 39.90 -33.62
C ILE F 454 -5.35 41.00 -32.59
N GLN F 455 -6.35 41.28 -31.76
CA GLN F 455 -6.14 42.26 -30.69
C GLN F 455 -5.09 41.79 -29.71
N LEU F 456 -5.13 40.50 -29.34
CA LEU F 456 -4.08 39.95 -28.48
C LEU F 456 -2.72 40.07 -29.14
N VAL F 457 -2.64 39.76 -30.43
CA VAL F 457 -1.38 39.88 -31.15
C VAL F 457 -0.89 41.33 -31.10
N ASN F 458 -1.80 42.26 -31.34
CA ASN F 458 -1.41 43.68 -31.36
C ASN F 458 -0.90 44.12 -30.00
N LYS F 459 -1.59 43.74 -28.93
CA LYS F 459 -1.15 44.15 -27.60
C LYS F 459 0.21 43.55 -27.28
N GLU F 460 0.43 42.29 -27.62
CA GLU F 460 1.73 41.67 -27.36
C GLU F 460 2.82 42.35 -28.16
N LEU F 461 2.55 42.68 -29.41
CA LEU F 461 3.54 43.36 -30.24
C LEU F 461 3.85 44.75 -29.68
N ASN F 462 2.83 45.46 -29.21
CA ASN F 462 3.07 46.75 -28.58
C ASN F 462 3.93 46.61 -27.34
N PHE F 463 3.66 45.59 -26.53
CA PHE F 463 4.50 45.34 -25.36
C PHE F 463 5.95 45.12 -25.77
N TRP F 464 6.16 44.26 -26.77
CA TRP F 464 7.53 43.99 -27.21
C TRP F 464 8.19 45.26 -27.74
N ALA F 465 7.45 46.06 -28.52
CA ALA F 465 8.00 47.30 -29.04
C ALA F 465 8.46 48.21 -27.91
N LYS F 466 7.58 48.47 -26.94
CA LYS F 466 7.97 49.29 -25.81
C LYS F 466 8.96 48.56 -24.91
N ARG F 467 8.86 47.23 -24.84
CA ARG F 467 9.82 46.46 -24.07
C ARG F 467 11.24 46.65 -24.59
N ALA F 468 11.40 47.04 -25.86
CA ALA F 468 12.73 47.27 -26.40
C ALA F 468 13.48 48.28 -25.54
N LYS F 469 14.74 47.97 -25.24
CA LYS F 469 15.56 48.91 -24.49
C LYS F 469 15.99 50.08 -25.37
N GLN F 470 16.39 49.81 -26.60
CA GLN F 470 16.74 50.85 -27.57
C GLN F 470 15.53 51.18 -28.44
N ARG F 471 14.52 51.75 -27.78
CA ARG F 471 13.23 51.93 -28.43
C ARG F 471 13.31 52.79 -29.69
N HIS F 472 14.37 53.58 -29.83
CA HIS F 472 14.54 54.39 -31.04
C HIS F 472 14.54 53.51 -32.29
N ASN F 473 14.98 52.26 -32.17
CA ASN F 473 15.01 51.36 -33.32
C ASN F 473 13.65 50.77 -33.65
N ILE F 474 12.65 50.97 -32.81
CA ILE F 474 11.33 50.38 -33.01
C ILE F 474 10.53 51.29 -33.95
N THR F 475 10.12 50.73 -35.08
CA THR F 475 9.27 51.43 -36.03
C THR F 475 7.91 50.78 -36.21
N LEU F 476 7.82 49.46 -36.05
CA LEU F 476 6.56 48.73 -36.18
C LEU F 476 5.91 49.00 -37.54
N LEU F 477 6.72 49.12 -38.57
CA LEU F 477 6.18 49.25 -39.92
C LEU F 477 5.63 47.91 -40.38
N TRP F 478 4.37 47.89 -40.81
CA TRP F 478 3.63 46.70 -41.16
C TRP F 478 3.22 45.88 -39.94
N ASP F 479 3.09 46.52 -38.78
CA ASP F 479 2.71 45.79 -37.57
C ASP F 479 1.36 45.10 -37.77
N ARG F 480 0.41 45.77 -38.41
CA ARG F 480 -0.87 45.14 -38.68
C ARG F 480 -0.71 43.93 -39.60
N GLU F 481 0.11 44.06 -40.64
CA GLU F 481 0.35 42.94 -41.54
C GLU F 481 1.08 41.81 -40.84
N VAL F 482 2.05 42.15 -39.98
CA VAL F 482 2.75 41.13 -39.22
C VAL F 482 1.78 40.40 -38.30
N ALA F 483 0.84 41.13 -37.70
CA ALA F 483 -0.19 40.50 -36.88
C ALA F 483 -1.07 39.58 -37.71
N ASP F 484 -1.42 40.02 -38.93
CA ASP F 484 -2.21 39.17 -39.81
C ASP F 484 -1.47 37.88 -40.13
N VAL F 485 -0.16 37.96 -40.36
CA VAL F 485 0.64 36.77 -40.59
C VAL F 485 0.65 35.90 -39.34
N LEU F 486 0.81 36.51 -38.17
CA LEU F 486 0.92 35.75 -36.93
C LEU F 486 -0.36 34.98 -36.64
N VAL F 487 -1.52 35.62 -36.82
CA VAL F 487 -2.78 34.97 -36.51
C VAL F 487 -3.00 33.73 -37.37
N ASP F 488 -2.25 33.60 -38.47
CA ASP F 488 -2.35 32.39 -39.28
C ASP F 488 -2.19 31.14 -38.42
N GLY F 489 -1.25 31.17 -37.48
CA GLY F 489 -1.17 30.12 -36.48
C GLY F 489 -2.23 30.32 -35.42
N TYR F 490 -3.49 30.14 -35.80
CA TYR F 490 -4.60 30.50 -34.93
C TYR F 490 -4.59 29.68 -33.66
N ASN F 491 -5.00 30.32 -32.56
CA ASN F 491 -5.14 29.64 -31.27
C ASN F 491 -6.35 28.73 -31.28
N VAL F 492 -6.14 27.46 -31.60
CA VAL F 492 -7.21 26.47 -31.58
C VAL F 492 -6.73 25.22 -30.85
N HIS F 493 -5.63 25.35 -30.10
CA HIS F 493 -4.98 24.20 -29.50
C HIS F 493 -5.07 24.21 -27.98
N TYR F 494 -4.60 25.28 -27.33
CA TYR F 494 -4.63 25.35 -25.87
C TYR F 494 -4.89 26.74 -25.34
N GLY F 495 -5.00 27.77 -26.17
CA GLY F 495 -5.32 29.10 -25.73
C GLY F 495 -4.36 30.14 -26.26
N ALA F 496 -4.48 31.35 -25.72
CA ALA F 496 -3.71 32.49 -26.21
C ALA F 496 -2.21 32.26 -26.13
N ARG F 497 -1.76 31.35 -25.27
CA ARG F 497 -0.34 31.03 -25.21
C ARG F 497 0.16 30.57 -26.57
N SER F 498 -0.69 29.98 -27.39
CA SER F 498 -0.31 29.63 -28.76
C SER F 498 0.04 30.88 -29.54
N ILE F 499 -0.77 31.94 -29.42
CA ILE F 499 -0.48 33.19 -30.12
C ILE F 499 0.78 33.83 -29.55
N LYS F 500 0.98 33.73 -28.24
CA LYS F 500 2.20 34.27 -27.65
C LYS F 500 3.43 33.57 -28.23
N HIS F 501 3.36 32.24 -28.37
CA HIS F 501 4.47 31.50 -28.96
C HIS F 501 4.65 31.87 -30.43
N GLU F 502 3.56 32.09 -31.15
CA GLU F 502 3.66 32.56 -32.52
C GLU F 502 4.45 33.86 -32.59
N VAL F 503 4.09 34.82 -31.73
CA VAL F 503 4.77 36.11 -31.72
C VAL F 503 6.24 35.94 -31.37
N GLU F 504 6.52 35.14 -30.35
CA GLU F 504 7.91 34.92 -29.95
C GLU F 504 8.72 34.31 -31.09
N ARG F 505 8.17 33.32 -31.77
CA ARG F 505 8.89 32.64 -32.84
C ARG F 505 9.13 33.56 -34.02
N ARG F 506 8.09 34.21 -34.51
CA ARG F 506 8.16 34.93 -35.76
C ARG F 506 8.72 36.34 -35.62
N VAL F 507 8.91 36.85 -34.40
CA VAL F 507 9.36 38.22 -34.21
C VAL F 507 10.63 38.25 -33.37
N VAL F 508 10.55 37.73 -32.15
CA VAL F 508 11.64 37.93 -31.19
C VAL F 508 12.93 37.30 -31.69
N ASN F 509 12.84 36.09 -32.25
CA ASN F 509 14.03 35.43 -32.75
C ASN F 509 14.68 36.24 -33.85
N GLN F 510 13.88 36.76 -34.79
CA GLN F 510 14.42 37.55 -35.88
C GLN F 510 15.13 38.80 -35.37
N LEU F 511 14.50 39.50 -34.42
CA LEU F 511 15.10 40.71 -33.88
C LEU F 511 16.38 40.39 -33.13
N ALA F 512 16.40 39.30 -32.36
CA ALA F 512 17.62 38.91 -31.66
C ALA F 512 18.74 38.60 -32.65
N ALA F 513 18.41 37.87 -33.72
CA ALA F 513 19.43 37.57 -34.72
C ALA F 513 19.96 38.84 -35.37
N ALA F 514 19.06 39.77 -35.71
CA ALA F 514 19.50 41.03 -36.31
C ALA F 514 20.40 41.80 -35.35
N TYR F 515 20.03 41.85 -34.07
CA TYR F 515 20.87 42.53 -33.09
C TYR F 515 22.24 41.88 -33.01
N GLU F 516 22.28 40.54 -33.01
CA GLU F 516 23.56 39.85 -32.98
C GLU F 516 24.39 40.19 -34.22
N GLN F 517 23.72 40.38 -35.36
CA GLN F 517 24.39 40.76 -36.59
C GLN F 517 24.62 42.26 -36.69
N ASP F 518 24.28 43.03 -35.65
CA ASP F 518 24.55 44.46 -35.61
C ASP F 518 23.89 45.18 -36.78
N LEU F 519 22.66 44.78 -37.11
CA LEU F 519 21.90 45.39 -38.19
C LEU F 519 20.76 46.27 -37.67
N LEU F 520 20.86 46.73 -36.42
CA LEU F 520 19.79 47.47 -35.76
C LEU F 520 20.37 48.75 -35.15
N PRO F 521 20.73 49.73 -35.99
CA PRO F 521 21.24 50.99 -35.46
C PRO F 521 20.14 51.92 -34.96
N GLY F 522 18.99 51.92 -35.63
CA GLY F 522 17.89 52.77 -35.27
C GLY F 522 16.93 52.95 -36.43
N GLY F 523 15.70 53.33 -36.08
CA GLY F 523 14.66 53.52 -37.07
C GLY F 523 14.42 52.29 -37.92
N CYS F 524 14.32 51.13 -37.28
CA CYS F 524 14.26 49.85 -37.97
C CYS F 524 12.82 49.42 -38.16
N THR F 525 12.47 49.03 -39.38
CA THR F 525 11.14 48.54 -39.70
C THR F 525 11.01 47.08 -39.33
N LEU F 526 9.84 46.51 -39.61
CA LEU F 526 9.59 45.09 -39.38
C LEU F 526 9.95 44.30 -40.65
N ARG F 527 9.55 43.04 -40.69
CA ARG F 527 9.73 42.20 -41.87
C ARG F 527 8.54 41.25 -41.99
N ILE F 528 7.98 41.16 -43.19
CA ILE F 528 6.83 40.33 -43.47
C ILE F 528 7.33 38.98 -43.98
N THR F 529 7.29 37.97 -43.12
CA THR F 529 7.70 36.62 -43.49
C THR F 529 6.52 35.86 -44.08
N VAL F 530 6.83 34.75 -44.75
CA VAL F 530 5.82 33.91 -45.38
C VAL F 530 5.10 34.67 -46.47
N UNK G 1 19.51 19.01 18.85
CA UNK G 1 18.47 19.68 18.07
C UNK G 1 17.37 18.68 17.70
N UNK G 2 16.13 19.18 17.61
CA UNK G 2 15.02 18.31 17.29
C UNK G 2 15.17 17.71 15.90
N UNK G 3 14.92 16.41 15.80
CA UNK G 3 14.95 15.69 14.52
C UNK G 3 13.51 15.34 14.15
N UNK G 4 13.07 15.80 12.98
CA UNK G 4 11.68 15.62 12.60
C UNK G 4 11.28 14.15 12.65
N UNK G 5 12.04 13.29 12.00
CA UNK G 5 11.84 11.85 12.01
C UNK G 5 10.44 11.45 11.55
N UNK G 6 9.68 12.39 11.00
CA UNK G 6 8.27 12.16 10.74
C UNK G 6 8.01 11.35 9.48
N UNK G 7 9.00 11.17 8.62
CA UNK G 7 8.79 10.41 7.41
C UNK G 7 8.23 9.04 7.77
N UNK G 8 7.00 8.77 7.36
CA UNK G 8 6.30 7.53 7.69
C UNK G 8 5.59 7.07 6.42
N UNK G 9 6.25 6.20 5.66
CA UNK G 9 5.65 5.67 4.43
C UNK G 9 4.31 5.01 4.75
N UNK G 10 3.48 4.81 3.73
CA UNK G 10 2.15 4.24 3.92
C UNK G 10 1.84 3.35 2.73
N UNK G 11 1.79 2.04 2.97
CA UNK G 11 1.47 1.12 1.90
C UNK G 11 0.14 1.45 1.27
N UNK G 12 0.08 1.40 -0.06
CA UNK G 12 -1.14 1.72 -0.80
C UNK G 12 -2.01 0.47 -0.86
N UNK G 13 -3.21 0.53 -0.28
CA UNK G 13 -4.14 -0.59 -0.26
C UNK G 13 -4.52 -0.99 -1.70
N UNK G 14 -4.36 -2.28 -2.02
CA UNK G 14 -4.59 -2.81 -3.36
C UNK G 14 -4.71 -4.33 -3.32
PB ADP H . -33.27 14.74 -0.68
O1B ADP H . -32.46 13.66 -0.12
O2B ADP H . -32.38 15.44 -1.60
O3B ADP H . -34.24 14.06 -1.54
PA ADP H . -34.25 17.30 0.16
O1A ADP H . -33.60 17.73 -1.07
O2A ADP H . -35.66 17.55 -0.13
O3A ADP H . -33.96 15.72 0.46
O5' ADP H . -33.74 18.22 1.43
C5' ADP H . -34.45 19.38 1.78
C4' ADP H . -34.62 20.27 0.59
O4' ADP H . -36.03 20.67 0.48
C3' ADP H . -33.81 21.51 0.75
O3' ADP H . -33.19 21.84 -0.50
C2' ADP H . -34.76 22.56 1.12
O2' ADP H . -34.37 23.81 0.56
C1' ADP H . -36.08 22.13 0.55
N9 ADP H . -37.15 22.57 1.39
C8 ADP H . -37.12 23.75 1.99
N7 ADP H . -38.26 23.74 2.63
C5 ADP H . -39.12 22.60 2.49
C6 ADP H . -40.32 21.98 2.81
N6 ADP H . -41.28 22.62 3.69
N1 ADP H . -40.56 20.76 2.29
C2 ADP H . -39.73 20.12 1.49
N3 ADP H . -38.58 20.63 1.13
C4 ADP H . -38.28 21.81 1.60
MG MG I . -24.29 -12.08 17.66
PG AGS J . -26.16 -13.16 15.85
S1G AGS J . -25.55 -14.28 14.64
O2G AGS J . -24.87 -12.34 16.00
O3G AGS J . -27.41 -12.34 15.36
PB AGS J . -26.53 -14.10 18.60
O1B AGS J . -26.87 -15.36 18.63
O2B AGS J . -25.55 -14.07 19.36
O3B AGS J . -26.31 -14.14 17.09
PA AGS J . -27.38 -12.63 20.58
O1A AGS J . -26.32 -11.96 20.53
O2A AGS J . -27.14 -13.28 21.64
O3A AGS J . -27.57 -13.33 19.29
O5' AGS J . -28.41 -11.59 20.86
C5' AGS J . -29.72 -11.83 20.68
C4' AGS J . -30.54 -11.13 21.68
O4' AGS J . -31.56 -11.98 22.22
C3' AGS J . -29.86 -10.68 22.81
O3' AGS J . -30.67 -9.58 22.89
C2' AGS J . -30.05 -11.58 23.83
O2' AGS J . -30.16 -10.91 25.06
C1' AGS J . -31.20 -12.33 23.57
N9 AGS J . -31.02 -13.70 23.62
C8 AGS J . -30.46 -14.30 22.75
N7 AGS J . -30.43 -15.52 23.07
C5 AGS J . -31.04 -15.62 24.19
C6 AGS J . -31.31 -16.63 24.93
N6 AGS J . -30.94 -17.87 24.54
N1 AGS J . -31.90 -16.49 26.02
C2 AGS J . -32.28 -15.29 26.43
N3 AGS J . -32.00 -14.24 25.67
C4 AGS J . -31.38 -14.42 24.53
MG MG K . 3.16 -25.35 14.70
PG AGS L . 0.74 -27.33 13.09
S1G AGS L . -1.16 -27.36 12.79
O2G AGS L . 1.13 -26.05 14.04
O3G AGS L . 1.53 -27.21 11.62
PB AGS L . 2.74 -28.99 14.44
O1B AGS L . 3.56 -29.71 13.48
O2B AGS L . 3.48 -27.73 14.55
O3B AGS L . 1.22 -28.73 13.84
PA AGS L . 2.60 -28.99 17.36
O1A AGS L . 2.57 -27.54 17.19
O2A AGS L . 3.83 -29.17 18.12
O3A AGS L . 2.68 -29.77 15.88
O5' AGS L . 1.28 -29.53 18.20
C5' AGS L . 1.22 -30.88 18.58
C4' AGS L . 0.97 -30.97 20.07
O4' AGS L . 0.98 -32.41 20.49
C3' AGS L . 2.05 -30.27 20.82
O3' AGS L . 1.42 -29.46 21.87
C2' AGS L . 2.94 -31.28 21.33
O2' AGS L . 3.48 -30.92 22.64
C1' AGS L . 2.16 -32.52 21.42
N9 AGS L . 2.96 -33.64 21.06
C8 AGS L . 3.66 -34.30 21.91
N7 AGS L . 4.28 -35.27 21.20
C5 AGS L . 3.89 -35.11 19.86
C6 AGS L . 4.18 -35.77 18.69
N6 AGS L . 5.05 -36.88 18.70
N1 AGS L . 3.63 -35.36 17.54
C2 AGS L . 2.79 -34.31 17.53
N3 AGS L . 2.51 -33.65 18.69
C4 AGS L . 3.05 -34.05 19.84
PG AGS M . 20.86 -16.67 -7.45
S1G AGS M . 19.68 -17.65 -8.49
O2G AGS M . 20.39 -16.13 -6.07
O3G AGS M . 21.28 -15.39 -8.23
PB AGS M . 22.66 -17.92 -5.97
O1B AGS M . 22.91 -16.95 -4.90
O2B AGS M . 21.65 -18.89 -5.52
O3B AGS M . 22.29 -17.24 -7.26
PA AGS M . 25.14 -17.86 -6.90
O1A AGS M . 25.08 -16.45 -6.44
O2A AGS M . 25.14 -17.96 -8.35
O3A AGS M . 23.96 -18.67 -6.38
O5' AGS M . 26.45 -18.63 -6.43
C5' AGS M . 26.87 -18.84 -5.09
C4' AGS M . 27.06 -20.36 -4.94
O4' AGS M . 28.12 -20.84 -5.81
C3' AGS M . 27.44 -20.86 -3.54
O3' AGS M . 26.52 -21.88 -3.17
C2' AGS M . 28.78 -21.54 -3.74
O2' AGS M . 29.02 -22.56 -2.78
C1' AGS M . 28.65 -22.04 -5.18
N9 AGS M . 29.92 -22.48 -5.77
C8 AGS M . 31.02 -22.96 -5.05
N7 AGS M . 31.97 -23.49 -5.83
C5 AGS M . 31.45 -23.30 -7.06
C6 AGS M . 32.03 -23.60 -8.28
N6 AGS M . 33.20 -24.21 -8.35
N1 AGS M . 31.48 -23.34 -9.43
C2 AGS M . 30.29 -22.76 -9.33
N3 AGS M . 29.60 -22.46 -8.21
C4 AGS M . 30.23 -22.74 -7.07
MG MG N . 23.85 -15.34 -5.31
PG AGS O . 19.60 8.97 -21.07
S1G AGS O . 17.84 8.20 -21.25
O2G AGS O . 19.53 10.22 -20.00
O3G AGS O . 20.67 7.83 -20.53
PB AGS O . 21.34 10.64 -22.73
O1B AGS O . 21.03 11.91 -22.07
O2B AGS O . 21.47 11.07 -24.11
O3B AGS O . 20.11 9.55 -22.54
PA AGS O . 24.22 10.80 -22.26
O1A AGS O . 24.34 11.52 -23.52
O2A AGS O . 24.31 11.89 -21.29
O3A AGS O . 22.75 10.02 -22.15
O5' AGS O . 25.46 9.71 -22.06
C5' AGS O . 25.87 8.97 -23.18
C4' AGS O . 27.34 9.20 -23.44
O4' AGS O . 27.64 8.97 -24.89
C3' AGS O . 27.74 10.58 -23.09
O3' AGS O . 28.45 10.60 -21.81
C2' AGS O . 28.53 11.10 -24.18
O2' AGS O . 29.96 11.01 -23.91
C1' AGS O . 28.20 10.30 -25.36
N9 AGS O . 27.26 10.97 -26.18
C8 AGS O . 26.00 10.95 -25.92
N7 AGS O . 25.42 11.70 -26.89
C5 AGS O . 26.45 12.15 -27.73
C6 AGS O . 26.49 12.93 -28.86
N6 AGS O . 25.30 13.45 -29.41
N1 AGS O . 27.66 13.18 -29.45
C2 AGS O . 28.80 12.68 -28.94
N3 AGS O . 28.76 11.91 -27.82
C4 AGS O . 27.60 11.65 -27.21
MG MG P . 21.72 11.77 -18.82
#